data_2YH1
#
_entry.id   2YH1
#
_cell.length_a   1.000
_cell.length_b   1.000
_cell.length_c   1.000
_cell.angle_alpha   90.00
_cell.angle_beta   90.00
_cell.angle_gamma   90.00
#
_symmetry.space_group_name_H-M   'P 1'
#
loop_
_entity.id
_entity.type
_entity.pdbx_description
1 polymer 'SPLICING FACTOR U2AF 65 KDA SUBUNIT'
2 polymer "5'-R(*UP*UP*UP*UP*UP*UP*UP*UP*UP)-3'"
#
loop_
_entity_poly.entity_id
_entity_poly.type
_entity_poly.pdbx_seq_one_letter_code
_entity_poly.pdbx_strand_id
1 'polypeptide(L)'
;GAMARRLYVGNIPFGITEEAMMDFFNAQMRLGGLTQAPGNPVLAVQINQDKNFAFLEFRSVDETTQAMAFDGIIFQGQSL
KIRRPHDYQPLPGMSENPSVYVPGVVSTVVPDSAHKLFIGGLPNYLNDDQVKELLTSFGPLKAFNLVKDSATGLSKGYAF
CEYVDINVTDQAIAGLNGMQLGDKKLLVQRASVGAKNA
;
A
2 'polyribonucleotide' UUUUUUUUU B
#
# COMPACT_ATOMS: atom_id res chain seq x y z
N ALA A 4 -9.22 15.90 -4.07
CA ALA A 4 -8.98 15.07 -5.28
C ALA A 4 -10.06 14.01 -5.45
N ARG A 5 -10.76 14.06 -6.58
CA ARG A 5 -11.72 13.02 -6.94
C ARG A 5 -11.09 11.98 -7.84
N ARG A 6 -9.90 11.51 -7.45
CA ARG A 6 -9.15 10.50 -8.20
C ARG A 6 -8.17 9.76 -7.31
N LEU A 7 -7.92 8.49 -7.63
CA LEU A 7 -7.00 7.67 -6.86
C LEU A 7 -6.18 6.78 -7.77
N TYR A 8 -4.93 6.59 -7.40
CA TYR A 8 -4.03 5.74 -8.17
C TYR A 8 -4.00 4.35 -7.55
N VAL A 9 -4.28 3.35 -8.36
CA VAL A 9 -4.28 1.98 -7.88
C VAL A 9 -3.35 1.11 -8.73
N GLY A 10 -2.16 0.85 -8.19
CA GLY A 10 -1.18 0.05 -8.90
C GLY A 10 -1.20 -1.41 -8.48
N ASN A 11 -0.27 -2.20 -9.09
CA ASN A 11 -0.14 -3.68 -8.91
C ASN A 11 -1.54 -4.38 -9.09
N ILE A 12 -2.35 -3.88 -10.15
CA ILE A 12 -3.65 -4.44 -10.51
C ILE A 12 -3.49 -5.79 -11.22
N PRO A 13 -4.47 -6.70 -11.06
CA PRO A 13 -4.42 -8.02 -11.70
C PRO A 13 -4.29 -7.88 -13.21
N PHE A 14 -3.55 -8.79 -13.83
CA PHE A 14 -3.34 -8.77 -15.27
C PHE A 14 -4.63 -9.12 -16.03
N GLY A 15 -4.86 -8.40 -17.13
CA GLY A 15 -6.03 -8.64 -17.94
C GLY A 15 -7.34 -8.20 -17.30
N ILE A 16 -7.26 -7.54 -16.15
CA ILE A 16 -8.47 -7.08 -15.47
C ILE A 16 -9.18 -6.02 -16.30
N THR A 17 -10.49 -6.12 -16.40
CA THR A 17 -11.27 -5.15 -17.17
C THR A 17 -11.60 -3.93 -16.32
N GLU A 18 -11.81 -2.79 -16.98
CA GLU A 18 -12.13 -1.55 -16.28
C GLU A 18 -13.43 -1.72 -15.49
N GLU A 19 -14.42 -2.34 -16.11
CA GLU A 19 -15.71 -2.56 -15.44
C GLU A 19 -15.53 -3.42 -14.20
N ALA A 20 -14.74 -4.58 -14.26
CA ALA A 20 -14.50 -5.49 -13.08
C ALA A 20 -13.75 -4.75 -11.93
N MET A 21 -12.91 -3.65 -12.28
CA MET A 21 -12.29 -2.78 -11.30
C MET A 21 -13.32 -1.86 -10.64
N MET A 22 -14.33 -1.44 -11.38
CA MET A 22 -15.37 -0.55 -10.89
C MET A 22 -16.34 -1.29 -9.98
N ASP A 23 -16.88 -2.37 -10.51
CA ASP A 23 -17.82 -3.19 -9.75
C ASP A 23 -17.24 -3.63 -8.42
N PHE A 24 -15.92 -3.87 -8.37
CA PHE A 24 -15.29 -4.29 -7.14
C PHE A 24 -15.25 -3.18 -6.11
N PHE A 25 -14.73 -2.02 -6.49
CA PHE A 25 -14.65 -0.88 -5.57
C PHE A 25 -16.03 -0.42 -5.11
N ASN A 26 -16.96 -0.24 -6.05
CA ASN A 26 -18.32 0.20 -5.67
C ASN A 26 -18.91 -0.79 -4.66
N ALA A 27 -18.73 -2.16 -4.88
CA ALA A 27 -19.22 -3.23 -3.95
C ALA A 27 -18.43 -3.21 -2.61
N GLN A 28 -17.13 -2.63 -2.59
CA GLN A 28 -16.36 -2.51 -1.35
C GLN A 28 -16.84 -1.31 -0.54
N MET A 29 -17.18 -0.25 -1.25
CA MET A 29 -17.66 0.98 -0.62
C MET A 29 -19.01 0.76 0.05
N ARG A 30 -19.85 -0.06 -0.58
CA ARG A 30 -21.19 -0.35 -0.05
C ARG A 30 -21.13 -1.33 1.12
N LEU A 31 -20.33 -2.38 1.01
CA LEU A 31 -20.22 -3.37 2.08
C LEU A 31 -19.67 -2.73 3.34
N GLY A 32 -18.74 -1.82 3.15
CA GLY A 32 -18.14 -1.13 4.28
C GLY A 32 -18.99 0.01 4.80
N GLY A 33 -19.95 0.46 3.98
CA GLY A 33 -20.81 1.56 4.39
C GLY A 33 -20.04 2.86 4.42
N LEU A 34 -19.13 3.02 3.47
CA LEU A 34 -18.31 4.22 3.37
C LEU A 34 -18.90 5.28 2.44
N THR A 35 -20.11 5.04 1.94
CA THR A 35 -20.77 5.99 1.06
C THR A 35 -21.45 7.10 1.85
N GLN A 36 -21.42 8.33 1.32
CA GLN A 36 -22.04 9.45 2.00
C GLN A 36 -23.47 9.71 1.52
N ALA A 37 -23.79 9.18 0.35
CA ALA A 37 -25.13 9.36 -0.21
C ALA A 37 -25.51 8.17 -1.08
N PRO A 38 -26.82 8.00 -1.40
CA PRO A 38 -27.26 6.89 -2.23
C PRO A 38 -26.59 6.92 -3.60
N GLY A 39 -26.29 5.75 -4.14
CA GLY A 39 -25.64 5.69 -5.44
C GLY A 39 -24.19 5.26 -5.35
N ASN A 40 -23.64 4.81 -6.48
CA ASN A 40 -22.24 4.37 -6.51
C ASN A 40 -21.26 5.54 -6.49
N PRO A 41 -20.20 5.48 -5.66
CA PRO A 41 -19.20 6.54 -5.57
C PRO A 41 -18.30 6.56 -6.80
N VAL A 42 -17.74 5.40 -7.14
CA VAL A 42 -16.86 5.28 -8.29
C VAL A 42 -17.63 5.44 -9.59
N LEU A 43 -17.49 6.63 -10.33
CA LEU A 43 -18.22 6.95 -11.65
C LEU A 43 -17.54 6.28 -12.91
N ALA A 44 -16.16 6.24 -12.91
CA ALA A 44 -15.32 5.62 -13.98
C ALA A 44 -13.95 5.10 -13.37
N VAL A 45 -13.25 4.24 -14.16
CA VAL A 45 -11.93 3.69 -13.89
C VAL A 45 -11.16 3.50 -15.20
N GLN A 46 -9.94 4.00 -15.25
CA GLN A 46 -9.10 3.88 -16.45
C GLN A 46 -7.90 2.99 -16.16
N ILE A 47 -7.71 1.97 -16.99
CA ILE A 47 -6.59 1.07 -16.75
C ILE A 47 -5.49 1.06 -17.81
N ASN A 48 -4.26 1.29 -17.35
CA ASN A 48 -3.08 1.27 -18.21
C ASN A 48 -2.50 -0.15 -18.00
N GLN A 49 -2.94 -1.06 -18.86
CA GLN A 49 -2.49 -2.45 -18.76
C GLN A 49 -0.98 -2.64 -18.67
N ASP A 50 -0.24 -2.15 -19.65
CA ASP A 50 1.22 -2.30 -19.65
C ASP A 50 1.86 -1.74 -18.38
N LYS A 51 1.49 -0.52 -18.02
CA LYS A 51 2.05 0.12 -16.83
C LYS A 51 1.57 -0.55 -15.54
N ASN A 52 0.60 -1.46 -15.68
CA ASN A 52 0.04 -2.21 -14.54
C ASN A 52 -0.64 -1.33 -13.49
N PHE A 53 -1.31 -0.28 -13.93
CA PHE A 53 -2.00 0.57 -12.96
C PHE A 53 -3.33 1.11 -13.51
N ALA A 54 -4.10 1.69 -12.61
CA ALA A 54 -5.40 2.24 -12.98
C ALA A 54 -5.72 3.45 -12.14
N PHE A 55 -6.65 4.28 -12.59
CA PHE A 55 -7.04 5.47 -11.85
C PHE A 55 -8.54 5.42 -11.58
N LEU A 56 -8.92 5.61 -10.33
CA LEU A 56 -10.33 5.60 -9.96
C LEU A 56 -10.90 7.01 -9.95
N GLU A 57 -12.10 7.16 -10.49
CA GLU A 57 -12.76 8.46 -10.54
C GLU A 57 -14.01 8.45 -9.67
N PHE A 58 -13.99 9.24 -8.61
CA PHE A 58 -15.11 9.33 -7.68
C PHE A 58 -15.99 10.54 -7.95
N ARG A 59 -17.18 10.52 -7.38
CA ARG A 59 -18.13 11.62 -7.55
C ARG A 59 -17.93 12.69 -6.49
N SER A 60 -17.39 12.31 -5.34
CA SER A 60 -17.16 13.26 -4.25
C SER A 60 -15.72 13.19 -3.74
N VAL A 61 -15.30 14.26 -3.07
CA VAL A 61 -13.95 14.34 -2.53
C VAL A 61 -13.78 13.47 -1.28
N ASP A 62 -14.78 13.49 -0.41
CA ASP A 62 -14.74 12.72 0.83
C ASP A 62 -14.72 11.21 0.56
N GLU A 63 -15.52 10.75 -0.40
CA GLU A 63 -15.57 9.33 -0.73
C GLU A 63 -14.22 8.85 -1.22
N THR A 64 -13.57 9.64 -2.08
CA THR A 64 -12.26 9.27 -2.60
C THR A 64 -11.34 8.99 -1.42
N THR A 65 -11.24 10.04 -0.45
CA THR A 65 -10.43 10.02 0.84
C THR A 65 -10.84 8.77 1.72
N GLN A 66 -12.15 8.26 1.54
CA GLN A 66 -12.60 7.06 2.26
C GLN A 66 -12.11 5.75 1.62
N ALA A 67 -12.00 5.73 0.30
CA ALA A 67 -11.55 4.53 -0.40
C ALA A 67 -10.08 4.22 -0.13
N MET A 68 -9.36 5.22 0.36
CA MET A 68 -7.93 5.02 0.65
C MET A 68 -7.71 3.96 1.72
N ALA A 69 -8.76 3.67 2.49
CA ALA A 69 -8.68 2.67 3.56
C ALA A 69 -8.55 1.25 2.97
N PHE A 70 -8.72 1.13 1.66
CA PHE A 70 -8.62 -0.17 1.01
C PHE A 70 -7.23 -0.42 0.46
N ASP A 71 -6.26 0.36 0.94
CA ASP A 71 -4.88 0.20 0.49
C ASP A 71 -4.31 -1.14 0.94
N GLY A 72 -3.89 -1.95 -0.03
CA GLY A 72 -3.33 -3.26 0.29
C GLY A 72 -4.33 -4.39 0.20
N ILE A 73 -5.59 -4.05 -0.05
CA ILE A 73 -6.65 -5.06 -0.16
C ILE A 73 -6.29 -6.11 -1.21
N ILE A 74 -6.64 -7.36 -0.93
CA ILE A 74 -6.36 -8.45 -1.86
C ILE A 74 -7.45 -8.57 -2.92
N PHE A 75 -7.04 -8.45 -4.17
CA PHE A 75 -7.96 -8.55 -5.30
C PHE A 75 -7.38 -9.43 -6.40
N GLN A 76 -7.92 -10.63 -6.54
CA GLN A 76 -7.47 -11.57 -7.55
C GLN A 76 -6.01 -11.95 -7.34
N GLY A 77 -5.63 -12.19 -6.09
CA GLY A 77 -4.26 -12.57 -5.76
C GLY A 77 -3.26 -11.42 -5.75
N GLN A 78 -3.69 -10.23 -6.13
CA GLN A 78 -2.78 -9.08 -6.13
C GLN A 78 -3.12 -8.06 -5.06
N SER A 79 -2.11 -7.64 -4.30
CA SER A 79 -2.29 -6.66 -3.24
C SER A 79 -2.26 -5.27 -3.85
N LEU A 80 -3.44 -4.69 -4.02
CA LEU A 80 -3.58 -3.36 -4.61
C LEU A 80 -2.89 -2.26 -3.82
N LYS A 81 -2.23 -1.37 -4.54
CA LYS A 81 -1.52 -0.24 -3.94
C LYS A 81 -2.31 1.02 -4.26
N ILE A 82 -2.93 1.61 -3.24
CA ILE A 82 -3.72 2.83 -3.44
C ILE A 82 -3.00 4.06 -2.94
N ARG A 83 -2.90 5.05 -3.81
CA ARG A 83 -2.24 6.31 -3.50
C ARG A 83 -3.00 7.47 -4.13
N ARG A 84 -2.62 8.69 -3.76
CA ARG A 84 -3.27 9.86 -4.31
C ARG A 84 -2.55 10.27 -5.59
N PRO A 85 -3.22 10.96 -6.52
CA PRO A 85 -2.60 11.39 -7.77
C PRO A 85 -1.37 12.26 -7.53
N HIS A 86 -0.69 12.61 -8.62
CA HIS A 86 0.51 13.44 -8.55
C HIS A 86 0.29 14.76 -9.28
N ASP A 87 -0.96 15.18 -9.36
CA ASP A 87 -1.29 16.50 -9.89
C ASP A 87 -0.80 17.57 -8.94
N TYR A 88 -0.45 17.15 -7.74
CA TYR A 88 0.18 18.02 -6.77
C TYR A 88 1.64 18.21 -7.13
N GLN A 89 1.94 19.31 -7.79
CA GLN A 89 3.28 19.60 -8.22
C GLN A 89 3.95 20.59 -7.29
N PRO A 90 5.29 20.69 -7.32
CA PRO A 90 6.03 21.67 -6.52
C PRO A 90 5.58 23.10 -6.82
N LEU A 91 5.12 23.31 -8.05
CA LEU A 91 4.57 24.60 -8.46
C LEU A 91 5.63 25.68 -8.38
N PRO A 92 6.48 25.79 -9.42
CA PRO A 92 7.57 26.77 -9.47
C PRO A 92 7.06 28.16 -9.85
N GLY A 93 6.23 28.74 -9.00
CA GLY A 93 5.68 30.04 -9.27
C GLY A 93 6.55 31.14 -8.69
N MET A 94 7.59 30.75 -7.98
CA MET A 94 8.53 31.68 -7.35
C MET A 94 7.85 32.48 -6.24
N SER A 95 8.59 33.44 -5.68
CA SER A 95 8.10 34.24 -4.57
C SER A 95 7.62 33.33 -3.45
N GLU A 96 8.54 32.53 -2.91
CA GLU A 96 8.20 31.52 -1.90
C GLU A 96 7.51 32.15 -0.70
N ASN A 97 6.21 31.94 -0.60
CA ASN A 97 5.43 32.39 0.54
C ASN A 97 4.38 31.34 0.90
N PRO A 98 3.49 30.95 -0.05
CA PRO A 98 2.50 29.90 0.19
C PRO A 98 3.10 28.51 0.02
N SER A 99 4.41 28.46 -0.12
CA SER A 99 5.12 27.21 -0.26
C SER A 99 6.31 27.15 0.68
N VAL A 100 7.47 27.65 0.21
CA VAL A 100 8.70 27.67 0.98
C VAL A 100 9.15 26.25 1.33
N TYR A 101 8.56 25.70 2.38
CA TYR A 101 8.86 24.36 2.85
C TYR A 101 7.96 24.03 4.04
N VAL A 102 8.11 24.82 5.10
CA VAL A 102 7.33 24.62 6.32
C VAL A 102 5.90 25.16 6.15
N PRO A 103 5.71 26.45 5.76
CA PRO A 103 4.38 27.04 5.58
C PRO A 103 3.48 26.17 4.70
N GLY A 104 2.38 25.70 5.28
CA GLY A 104 1.45 24.87 4.55
C GLY A 104 1.42 23.45 5.08
N VAL A 105 2.55 23.00 5.61
CA VAL A 105 2.65 21.69 6.20
C VAL A 105 3.61 21.71 7.39
N VAL A 106 3.12 22.19 8.51
CA VAL A 106 3.90 22.24 9.74
C VAL A 106 3.62 21.00 10.57
N SER A 107 2.44 20.43 10.34
CA SER A 107 1.97 19.25 11.07
C SER A 107 1.65 19.61 12.52
N THR A 108 0.36 19.71 12.81
CA THR A 108 -0.12 19.98 14.15
C THR A 108 0.42 18.94 15.12
N VAL A 109 0.28 17.68 14.74
CA VAL A 109 0.83 16.55 15.50
C VAL A 109 0.54 15.24 14.77
N VAL A 110 1.57 14.58 14.28
CA VAL A 110 1.40 13.30 13.60
C VAL A 110 0.98 12.23 14.60
N PRO A 111 -0.12 11.53 14.29
CA PRO A 111 -0.61 10.43 15.12
C PRO A 111 0.30 9.21 15.03
N ASP A 112 0.18 8.30 15.98
CA ASP A 112 0.96 7.07 15.95
C ASP A 112 0.55 6.21 14.76
N SER A 113 1.32 6.30 13.70
CA SER A 113 1.04 5.60 12.46
C SER A 113 2.33 5.28 11.75
N ALA A 114 2.23 4.62 10.60
CA ALA A 114 3.38 4.29 9.76
C ALA A 114 4.36 3.37 10.49
N HIS A 115 4.09 2.08 10.42
CA HIS A 115 5.01 1.08 10.96
C HIS A 115 5.32 0.01 9.92
N LYS A 116 5.29 0.41 8.65
CA LYS A 116 5.57 -0.51 7.56
C LYS A 116 6.99 -1.04 7.66
N LEU A 117 7.13 -2.33 7.39
CA LEU A 117 8.42 -2.99 7.44
C LEU A 117 8.95 -3.38 6.06
N PHE A 118 10.26 -3.27 5.91
CA PHE A 118 10.92 -3.61 4.65
C PHE A 118 11.60 -4.95 4.86
N ILE A 119 11.41 -5.87 3.92
CA ILE A 119 12.03 -7.19 4.03
C ILE A 119 12.80 -7.49 2.75
N GLY A 120 14.09 -7.73 2.88
CA GLY A 120 14.91 -8.02 1.72
C GLY A 120 15.69 -9.30 1.86
N GLY A 121 16.45 -9.64 0.83
CA GLY A 121 17.25 -10.86 0.87
C GLY A 121 16.40 -12.09 0.65
N LEU A 122 15.14 -11.86 0.27
CA LEU A 122 14.21 -12.94 0.01
C LEU A 122 14.57 -13.70 -1.26
N PRO A 123 14.54 -15.05 -1.23
CA PRO A 123 14.86 -15.86 -2.41
C PRO A 123 13.85 -15.55 -3.50
N ASN A 124 14.31 -15.49 -4.74
CA ASN A 124 13.44 -15.19 -5.87
C ASN A 124 12.36 -16.24 -6.15
N TYR A 125 12.48 -17.44 -5.58
CA TYR A 125 11.48 -18.47 -5.83
C TYR A 125 10.23 -18.41 -4.94
N LEU A 126 10.35 -17.78 -3.77
CA LEU A 126 9.19 -17.67 -2.87
C LEU A 126 8.10 -16.78 -3.47
N ASN A 127 6.84 -17.08 -3.14
CA ASN A 127 5.70 -16.31 -3.65
C ASN A 127 5.00 -15.58 -2.51
N ASP A 128 3.90 -14.88 -2.81
CA ASP A 128 3.15 -14.13 -1.80
C ASP A 128 2.74 -14.93 -0.58
N ASP A 129 1.99 -16.11 -0.79
CA ASP A 129 1.50 -17.04 0.29
C ASP A 129 2.67 -17.69 1.12
N GLN A 130 3.95 -17.82 0.49
CA GLN A 130 5.12 -18.34 1.20
C GLN A 130 5.77 -17.25 2.07
N VAL A 131 5.98 -16.09 1.47
CA VAL A 131 6.58 -14.97 2.17
C VAL A 131 5.69 -14.53 3.33
N LYS A 132 4.41 -14.35 3.04
CA LYS A 132 3.45 -13.93 4.04
C LYS A 132 3.45 -14.87 5.24
N GLU A 133 3.65 -16.15 5.00
CA GLU A 133 3.68 -17.14 6.08
C GLU A 133 4.82 -16.83 7.04
N LEU A 134 6.02 -16.72 6.51
CA LEU A 134 7.22 -16.43 7.29
C LEU A 134 6.98 -15.19 8.19
N LEU A 135 6.19 -14.25 7.69
CA LEU A 135 5.88 -13.02 8.44
C LEU A 135 4.75 -13.22 9.44
N THR A 136 3.72 -13.95 9.03
CA THR A 136 2.56 -14.22 9.87
C THR A 136 2.91 -14.88 11.19
N SER A 137 4.04 -15.70 11.23
CA SER A 137 4.52 -16.42 12.45
C SER A 137 4.66 -15.46 13.70
N PHE A 138 4.53 -14.04 13.49
CA PHE A 138 4.65 -13.10 14.59
C PHE A 138 3.33 -12.43 14.90
N GLY A 139 2.37 -12.61 14.00
CA GLY A 139 1.06 -12.01 14.18
C GLY A 139 0.41 -11.67 12.86
N PRO A 140 -0.92 -11.46 12.84
CA PRO A 140 -1.65 -11.12 11.61
C PRO A 140 -1.15 -9.81 10.98
N LEU A 141 -1.22 -9.76 9.65
CA LEU A 141 -0.78 -8.59 8.90
C LEU A 141 -1.97 -7.75 8.44
N LYS A 142 -1.79 -6.44 8.40
CA LYS A 142 -2.84 -5.53 7.97
C LYS A 142 -2.58 -5.10 6.52
N ALA A 143 -1.31 -5.18 6.00
CA ALA A 143 -0.94 -4.78 4.59
C ALA A 143 0.37 -5.47 4.20
N PHE A 144 0.37 -6.20 3.06
CA PHE A 144 1.55 -6.89 2.55
C PHE A 144 1.64 -6.84 1.02
N ASN A 145 2.83 -6.54 0.50
CA ASN A 145 3.03 -6.47 -0.94
C ASN A 145 4.43 -6.97 -1.34
N LEU A 146 4.48 -7.96 -2.24
CA LEU A 146 5.75 -8.52 -2.71
C LEU A 146 6.04 -7.92 -4.09
N VAL A 147 7.13 -7.19 -4.20
CA VAL A 147 7.49 -6.56 -5.48
C VAL A 147 8.02 -7.55 -6.51
N LYS A 148 7.34 -7.58 -7.66
CA LYS A 148 7.72 -8.48 -8.76
C LYS A 148 8.05 -7.63 -9.99
N ASP A 149 8.99 -8.12 -10.81
CA ASP A 149 9.39 -7.40 -12.02
C ASP A 149 8.19 -7.16 -12.95
N SER A 150 8.16 -5.98 -13.55
CA SER A 150 7.08 -5.60 -14.46
C SER A 150 6.80 -6.67 -15.52
N ALA A 151 7.81 -6.96 -16.35
CA ALA A 151 7.67 -7.96 -17.40
C ALA A 151 7.82 -9.37 -16.88
N THR A 152 9.02 -9.69 -16.39
CA THR A 152 9.32 -11.02 -15.86
C THR A 152 8.16 -11.55 -15.00
N GLY A 153 7.83 -10.81 -13.95
CA GLY A 153 6.74 -11.22 -13.08
C GLY A 153 7.17 -11.96 -11.83
N LEU A 154 8.47 -12.26 -11.71
CA LEU A 154 8.97 -12.97 -10.54
C LEU A 154 9.35 -11.98 -9.44
N SER A 155 9.58 -12.51 -8.24
CA SER A 155 9.96 -11.69 -7.09
C SER A 155 11.24 -10.91 -7.35
N LYS A 156 11.28 -9.68 -6.86
CA LYS A 156 12.45 -8.82 -7.03
C LYS A 156 13.43 -9.06 -5.89
N GLY A 157 12.97 -9.82 -4.89
CA GLY A 157 13.81 -10.12 -3.74
C GLY A 157 13.43 -9.36 -2.49
N TYR A 158 12.45 -8.47 -2.57
CA TYR A 158 12.04 -7.70 -1.39
C TYR A 158 10.53 -7.46 -1.33
N ALA A 159 10.02 -7.43 -0.11
CA ALA A 159 8.59 -7.21 0.11
C ALA A 159 8.32 -6.31 1.33
N PHE A 160 7.17 -5.67 1.30
CA PHE A 160 6.75 -4.77 2.37
C PHE A 160 5.56 -5.37 3.13
N CYS A 161 5.50 -5.09 4.43
CA CYS A 161 4.41 -5.61 5.25
C CYS A 161 4.20 -4.79 6.52
N GLU A 162 2.99 -4.86 7.05
CA GLU A 162 2.65 -4.14 8.27
C GLU A 162 1.66 -4.95 9.10
N TYR A 163 1.99 -5.17 10.37
CA TYR A 163 1.11 -5.95 11.26
C TYR A 163 -0.02 -5.11 11.84
N VAL A 164 -1.03 -5.78 12.40
CA VAL A 164 -2.17 -5.10 13.00
C VAL A 164 -1.71 -4.44 14.30
N ASP A 165 -0.97 -5.20 15.10
CA ASP A 165 -0.46 -4.71 16.38
C ASP A 165 0.99 -4.23 16.14
N ILE A 166 1.14 -2.92 16.04
CA ILE A 166 2.46 -2.30 15.80
C ILE A 166 3.58 -2.74 16.78
N ASN A 167 3.22 -2.97 18.03
CA ASN A 167 4.24 -3.39 19.02
C ASN A 167 4.95 -4.69 18.49
N VAL A 168 4.09 -5.51 17.90
CA VAL A 168 4.67 -6.77 17.38
C VAL A 168 5.68 -6.45 16.28
N THR A 169 5.55 -5.27 15.68
CA THR A 169 6.46 -4.85 14.62
C THR A 169 7.89 -4.94 15.15
N ASP A 170 8.14 -4.40 16.34
CA ASP A 170 9.50 -4.45 16.90
C ASP A 170 9.93 -5.90 17.12
N GLN A 171 9.01 -6.71 17.66
CA GLN A 171 9.34 -8.12 17.91
C GLN A 171 9.64 -8.88 16.60
N ALA A 172 8.96 -8.45 15.56
CA ALA A 172 9.12 -9.08 14.25
C ALA A 172 10.49 -8.80 13.63
N ILE A 173 11.02 -7.60 13.86
CA ILE A 173 12.32 -7.24 13.30
C ILE A 173 13.43 -8.05 13.97
N ALA A 174 13.45 -8.06 15.38
CA ALA A 174 14.47 -8.76 16.25
C ALA A 174 14.59 -10.29 15.94
N GLY A 175 13.41 -10.98 15.64
CA GLY A 175 13.42 -12.39 15.29
C GLY A 175 13.61 -12.72 13.83
N LEU A 176 13.28 -11.83 12.89
CA LEU A 176 13.44 -12.12 11.47
C LEU A 176 14.73 -11.57 10.87
N ASN A 177 15.06 -10.33 11.18
CA ASN A 177 16.26 -9.72 10.65
C ASN A 177 17.50 -10.61 10.87
N GLY A 178 18.26 -10.83 9.81
CA GLY A 178 19.45 -11.67 9.91
C GLY A 178 19.20 -13.14 9.64
N MET A 179 17.94 -13.55 9.68
CA MET A 179 17.57 -14.94 9.43
C MET A 179 18.18 -15.45 8.14
N GLN A 180 18.52 -16.74 8.12
CA GLN A 180 19.12 -17.35 6.94
C GLN A 180 18.06 -18.02 6.05
N LEU A 181 17.91 -17.49 4.85
CA LEU A 181 16.94 -18.02 3.87
C LEU A 181 17.71 -18.45 2.62
N GLY A 182 17.85 -19.76 2.43
CA GLY A 182 18.58 -20.25 1.28
C GLY A 182 20.05 -19.87 1.41
N ASP A 183 20.54 -19.08 0.46
CA ASP A 183 21.94 -18.66 0.49
C ASP A 183 22.02 -17.15 0.67
N LYS A 184 20.94 -16.57 1.22
CA LYS A 184 20.88 -15.14 1.46
C LYS A 184 20.59 -14.82 2.92
N LYS A 185 21.02 -13.64 3.35
CA LYS A 185 20.81 -13.21 4.74
C LYS A 185 19.64 -12.22 4.74
N LEU A 186 18.58 -12.59 5.45
CA LEU A 186 17.40 -11.75 5.54
C LEU A 186 17.68 -10.41 6.21
N LEU A 187 17.02 -9.39 5.70
CA LEU A 187 17.16 -8.03 6.22
C LEU A 187 15.78 -7.47 6.51
N VAL A 188 15.54 -6.95 7.71
CA VAL A 188 14.25 -6.39 8.08
C VAL A 188 14.45 -5.12 8.85
N GLN A 189 13.88 -4.00 8.43
CA GLN A 189 13.98 -2.73 9.06
C GLN A 189 12.74 -1.90 8.75
N ARG A 190 12.41 -0.94 9.61
CA ARG A 190 11.23 -0.12 9.33
C ARG A 190 11.43 0.55 7.97
N ALA A 191 10.51 0.31 7.05
CA ALA A 191 10.56 0.87 5.68
C ALA A 191 10.78 2.38 5.63
N SER A 192 10.66 3.06 6.75
CA SER A 192 10.84 4.51 6.77
C SER A 192 11.99 4.91 7.69
N VAL A 193 11.73 4.91 8.98
CA VAL A 193 12.75 5.18 9.99
C VAL A 193 12.61 4.17 11.13
N GLY A 194 13.73 3.65 11.59
CA GLY A 194 13.71 2.67 12.66
C GLY A 194 14.44 1.40 12.29
N ALA A 195 15.69 1.54 11.87
CA ALA A 195 16.52 0.38 11.54
C ALA A 195 17.43 0.04 12.71
N LYS A 196 17.32 0.81 13.78
CA LYS A 196 18.13 0.60 14.97
C LYS A 196 17.23 0.46 16.20
N ASN A 197 17.81 0.01 17.30
CA ASN A 197 17.05 -0.12 18.54
C ASN A 197 17.86 0.36 19.73
N ALA A 198 17.35 1.38 20.40
CA ALA A 198 18.00 1.92 21.60
C ALA A 198 17.64 1.10 22.82
N ALA A 4 -15.22 15.08 -7.05
CA ALA A 4 -14.66 13.90 -7.75
C ALA A 4 -13.15 13.82 -7.54
N ARG A 5 -12.59 12.61 -7.45
CA ARG A 5 -11.14 12.50 -7.39
C ARG A 5 -10.58 11.39 -8.30
N ARG A 6 -9.44 10.80 -7.89
CA ARG A 6 -8.78 9.73 -8.65
C ARG A 6 -7.80 8.97 -7.78
N LEU A 7 -7.64 7.67 -8.08
CA LEU A 7 -6.73 6.83 -7.33
C LEU A 7 -5.98 5.87 -8.26
N TYR A 8 -4.73 5.63 -7.93
CA TYR A 8 -3.90 4.73 -8.71
C TYR A 8 -3.93 3.35 -8.07
N VAL A 9 -4.28 2.34 -8.85
CA VAL A 9 -4.34 0.97 -8.35
C VAL A 9 -3.48 0.06 -9.22
N GLY A 10 -2.29 -0.26 -8.73
CA GLY A 10 -1.38 -1.12 -9.46
C GLY A 10 -1.45 -2.56 -9.01
N ASN A 11 -0.60 -3.40 -9.66
CA ASN A 11 -0.52 -4.88 -9.45
C ASN A 11 -1.96 -5.52 -9.56
N ILE A 12 -2.79 -5.00 -10.60
CA ILE A 12 -4.13 -5.50 -10.90
C ILE A 12 -4.06 -6.87 -11.59
N PRO A 13 -5.08 -7.72 -11.39
CA PRO A 13 -5.12 -9.05 -12.01
C PRO A 13 -5.04 -8.94 -13.53
N PHE A 14 -4.36 -9.90 -14.16
CA PHE A 14 -4.21 -9.90 -15.60
C PHE A 14 -5.53 -10.20 -16.31
N GLY A 15 -5.77 -9.49 -17.40
CA GLY A 15 -6.99 -9.67 -18.18
C GLY A 15 -8.23 -9.16 -17.50
N ILE A 16 -8.09 -8.49 -16.36
CA ILE A 16 -9.25 -7.96 -15.65
C ILE A 16 -9.92 -6.87 -16.47
N THR A 17 -11.25 -6.90 -16.52
CA THR A 17 -12.00 -5.91 -17.29
C THR A 17 -12.24 -4.66 -16.44
N GLU A 18 -12.41 -3.53 -17.12
CA GLU A 18 -12.64 -2.26 -16.42
C GLU A 18 -13.92 -2.35 -15.58
N GLU A 19 -14.96 -2.94 -16.16
CA GLU A 19 -16.24 -3.07 -15.45
C GLU A 19 -16.06 -3.92 -14.19
N ALA A 20 -15.34 -5.13 -14.26
CA ALA A 20 -15.11 -6.03 -13.07
C ALA A 20 -14.27 -5.31 -11.96
N MET A 21 -13.40 -4.26 -12.37
CA MET A 21 -12.70 -3.41 -11.43
C MET A 21 -13.64 -2.43 -10.74
N MET A 22 -14.67 -1.96 -11.46
CA MET A 22 -15.65 -1.01 -10.94
C MET A 22 -16.61 -1.69 -9.99
N ASP A 23 -17.23 -2.75 -10.48
CA ASP A 23 -18.18 -3.52 -9.69
C ASP A 23 -17.57 -3.96 -8.36
N PHE A 24 -16.27 -4.27 -8.36
CA PHE A 24 -15.62 -4.71 -7.13
C PHE A 24 -15.49 -3.58 -6.13
N PHE A 25 -14.92 -2.45 -6.54
CA PHE A 25 -14.75 -1.31 -5.65
C PHE A 25 -16.09 -0.77 -5.15
N ASN A 26 -17.04 -0.56 -6.05
CA ASN A 26 -18.36 -0.05 -5.64
C ASN A 26 -18.96 -0.98 -4.59
N ALA A 27 -18.86 -2.37 -4.80
CA ALA A 27 -19.37 -3.40 -3.84
C ALA A 27 -18.54 -3.40 -2.52
N GLN A 28 -17.21 -2.88 -2.55
CA GLN A 28 -16.39 -2.79 -1.35
C GLN A 28 -16.79 -1.56 -0.53
N MET A 29 -17.09 -0.48 -1.25
CA MET A 29 -17.49 0.77 -0.62
C MET A 29 -18.83 0.63 0.09
N ARG A 30 -19.73 -0.15 -0.49
CA ARG A 30 -21.05 -0.37 0.09
C ARG A 30 -21.02 -1.34 1.26
N LEU A 31 -20.26 -2.43 1.14
CA LEU A 31 -20.17 -3.41 2.23
C LEU A 31 -19.54 -2.77 3.46
N GLY A 32 -18.57 -1.91 3.22
CA GLY A 32 -17.90 -1.25 4.32
C GLY A 32 -18.67 -0.04 4.85
N GLY A 33 -19.63 0.44 4.06
CA GLY A 33 -20.43 1.58 4.48
C GLY A 33 -19.59 2.86 4.47
N LEU A 34 -18.71 2.95 3.47
CA LEU A 34 -17.82 4.10 3.33
C LEU A 34 -18.40 5.17 2.41
N THR A 35 -19.64 4.99 1.95
CA THR A 35 -20.28 5.97 1.07
C THR A 35 -20.87 7.12 1.87
N GLN A 36 -20.80 8.32 1.33
CA GLN A 36 -21.33 9.50 2.01
C GLN A 36 -22.76 9.82 1.58
N ALA A 37 -23.16 9.29 0.43
CA ALA A 37 -24.51 9.53 -0.09
C ALA A 37 -24.98 8.34 -0.93
N PRO A 38 -26.29 8.24 -1.20
CA PRO A 38 -26.83 7.14 -2.01
C PRO A 38 -26.21 7.13 -3.40
N GLY A 39 -25.98 5.93 -3.93
CA GLY A 39 -25.38 5.81 -5.25
C GLY A 39 -23.95 5.31 -5.20
N ASN A 40 -23.46 4.82 -6.33
CA ASN A 40 -22.10 4.31 -6.41
C ASN A 40 -21.07 5.44 -6.44
N PRO A 41 -19.98 5.32 -5.65
CA PRO A 41 -18.92 6.33 -5.60
C PRO A 41 -18.06 6.29 -6.87
N VAL A 42 -17.57 5.09 -7.21
CA VAL A 42 -16.73 4.91 -8.39
C VAL A 42 -17.54 5.10 -9.67
N LEU A 43 -17.36 6.28 -10.40
CA LEU A 43 -18.06 6.61 -11.69
C LEU A 43 -17.00 6.62 -12.86
N ALA A 44 -16.52 5.35 -13.20
CA ALA A 44 -15.47 4.95 -14.25
C ALA A 44 -14.09 4.51 -13.60
N VAL A 45 -13.39 3.61 -14.36
CA VAL A 45 -12.08 3.00 -14.12
C VAL A 45 -11.39 2.75 -15.46
N GLN A 46 -10.14 3.18 -15.56
CA GLN A 46 -9.36 3.01 -16.79
C GLN A 46 -8.19 2.06 -16.53
N ILE A 47 -8.08 1.01 -17.34
CA ILE A 47 -6.99 0.07 -17.13
C ILE A 47 -5.93 -0.02 -18.22
N ASN A 48 -4.69 0.15 -17.81
CA ASN A 48 -3.54 0.06 -18.71
C ASN A 48 -3.03 -1.37 -18.50
N GLN A 49 -3.54 -2.27 -19.33
CA GLN A 49 -3.16 -3.68 -19.22
C GLN A 49 -1.66 -3.96 -19.18
N ASP A 50 -0.93 -3.51 -20.19
CA ASP A 50 0.51 -3.74 -20.23
C ASP A 50 1.23 -3.20 -19.00
N LYS A 51 0.94 -1.96 -18.65
CA LYS A 51 1.57 -1.33 -17.49
C LYS A 51 1.10 -1.97 -16.17
N ASN A 52 0.09 -2.82 -16.26
CA ASN A 52 -0.47 -3.52 -15.10
C ASN A 52 -1.07 -2.59 -14.04
N PHE A 53 -1.71 -1.51 -14.46
CA PHE A 53 -2.31 -0.60 -13.49
C PHE A 53 -3.63 -0.02 -14.00
N ALA A 54 -4.33 0.61 -13.07
CA ALA A 54 -5.62 1.23 -13.41
C ALA A 54 -5.85 2.48 -12.58
N PHE A 55 -6.76 3.34 -13.01
CA PHE A 55 -7.05 4.56 -12.28
C PHE A 55 -8.54 4.58 -11.96
N LEU A 56 -8.88 4.81 -10.71
CA LEU A 56 -10.26 4.87 -10.29
C LEU A 56 -10.76 6.31 -10.28
N GLU A 57 -11.97 6.52 -10.78
CA GLU A 57 -12.56 7.85 -10.83
C GLU A 57 -13.78 7.91 -9.91
N PHE A 58 -13.69 8.73 -8.87
CA PHE A 58 -14.77 8.87 -7.90
C PHE A 58 -15.59 10.13 -8.16
N ARG A 59 -16.77 10.18 -7.55
CA ARG A 59 -17.66 11.32 -7.70
C ARG A 59 -17.37 12.40 -6.67
N SER A 60 -16.81 12.01 -5.53
CA SER A 60 -16.49 12.95 -4.47
C SER A 60 -15.05 12.82 -4.01
N VAL A 61 -14.54 13.88 -3.37
CA VAL A 61 -13.17 13.89 -2.87
C VAL A 61 -13.00 13.04 -1.61
N ASP A 62 -13.97 13.12 -0.71
CA ASP A 62 -13.93 12.36 0.53
C ASP A 62 -13.99 10.86 0.29
N GLU A 63 -14.85 10.43 -0.64
CA GLU A 63 -14.99 9.01 -0.94
C GLU A 63 -13.68 8.45 -1.47
N THR A 64 -13.02 9.19 -2.37
CA THR A 64 -11.75 8.74 -2.92
C THR A 64 -10.79 8.43 -1.77
N THR A 65 -10.61 9.49 -0.82
CA THR A 65 -9.76 9.46 0.44
C THR A 65 -10.21 8.23 1.35
N GLN A 66 -11.55 7.78 1.24
CA GLN A 66 -12.03 6.62 1.98
C GLN A 66 -11.63 5.29 1.35
N ALA A 67 -11.56 5.24 0.03
CA ALA A 67 -11.20 4.01 -0.67
C ALA A 67 -9.73 3.62 -0.45
N MET A 68 -8.96 4.59 0.00
CA MET A 68 -7.53 4.34 0.24
C MET A 68 -7.33 3.26 1.32
N ALA A 69 -8.35 3.04 2.13
CA ALA A 69 -8.29 2.06 3.21
C ALA A 69 -8.26 0.63 2.65
N PHE A 70 -8.47 0.49 1.35
CA PHE A 70 -8.47 -0.81 0.71
C PHE A 70 -7.10 -1.15 0.12
N ASP A 71 -6.08 -0.42 0.54
CA ASP A 71 -4.72 -0.64 0.06
C ASP A 71 -4.22 -2.01 0.51
N GLY A 72 -3.87 -2.85 -0.46
CA GLY A 72 -3.36 -4.18 -0.14
C GLY A 72 -4.42 -5.26 -0.19
N ILE A 73 -5.68 -4.86 -0.39
CA ILE A 73 -6.79 -5.81 -0.45
C ILE A 73 -6.52 -6.90 -1.49
N ILE A 74 -6.93 -8.13 -1.18
CA ILE A 74 -6.73 -9.24 -2.09
C ILE A 74 -7.86 -9.32 -3.12
N PHE A 75 -7.49 -9.24 -4.40
CA PHE A 75 -8.46 -9.31 -5.48
C PHE A 75 -7.95 -10.23 -6.58
N GLN A 76 -8.57 -11.41 -6.69
CA GLN A 76 -8.19 -12.38 -7.70
C GLN A 76 -6.74 -12.83 -7.54
N GLY A 77 -6.34 -13.07 -6.29
CA GLY A 77 -4.98 -13.51 -6.01
C GLY A 77 -3.92 -12.43 -6.04
N GLN A 78 -4.30 -11.21 -6.43
CA GLN A 78 -3.34 -10.11 -6.49
C GLN A 78 -3.60 -9.06 -5.41
N SER A 79 -2.53 -8.69 -4.70
CA SER A 79 -2.62 -7.68 -3.64
C SER A 79 -2.56 -6.30 -4.28
N LEU A 80 -3.70 -5.66 -4.43
CA LEU A 80 -3.79 -4.34 -5.02
C LEU A 80 -3.02 -3.27 -4.27
N LYS A 81 -2.35 -2.41 -5.04
CA LYS A 81 -1.57 -1.32 -4.47
C LYS A 81 -2.29 -0.02 -4.79
N ILE A 82 -2.85 0.61 -3.76
CA ILE A 82 -3.58 1.86 -3.94
C ILE A 82 -2.78 3.06 -3.50
N ARG A 83 -2.66 4.04 -4.39
CA ARG A 83 -1.92 5.26 -4.11
C ARG A 83 -2.64 6.45 -4.74
N ARG A 84 -2.20 7.65 -4.40
CA ARG A 84 -2.81 8.85 -4.95
C ARG A 84 -2.10 9.20 -6.26
N PRO A 85 -2.78 9.92 -7.18
CA PRO A 85 -2.18 10.30 -8.45
C PRO A 85 -0.90 11.11 -8.26
N HIS A 86 -0.23 11.42 -9.38
CA HIS A 86 1.00 12.18 -9.34
C HIS A 86 0.77 13.63 -9.76
N ASP A 87 -0.45 13.88 -10.21
CA ASP A 87 -0.91 15.23 -10.53
C ASP A 87 -1.43 15.89 -9.25
N TYR A 88 -1.08 15.30 -8.11
CA TYR A 88 -1.48 15.77 -6.80
C TYR A 88 -0.91 17.16 -6.54
N GLN A 89 -1.63 17.96 -5.77
CA GLN A 89 -1.21 19.32 -5.45
C GLN A 89 0.23 19.38 -4.96
N PRO A 90 1.04 20.25 -5.57
CA PRO A 90 2.42 20.47 -5.15
C PRO A 90 2.49 21.40 -3.95
N LEU A 91 3.69 21.70 -3.50
CA LEU A 91 3.87 22.63 -2.39
C LEU A 91 3.41 24.02 -2.80
N PRO A 92 2.50 24.64 -2.03
CA PRO A 92 1.98 25.97 -2.33
C PRO A 92 3.08 27.02 -2.38
N GLY A 93 2.99 27.92 -3.34
CA GLY A 93 3.99 28.97 -3.47
C GLY A 93 3.80 30.07 -2.44
N MET A 94 4.80 30.93 -2.33
CA MET A 94 4.77 32.05 -1.38
C MET A 94 4.77 31.52 0.06
N SER A 95 5.40 30.38 0.26
CA SER A 95 5.49 29.79 1.58
C SER A 95 6.87 30.04 2.20
N GLU A 96 6.96 31.07 3.02
CA GLU A 96 8.21 31.40 3.69
C GLU A 96 8.02 31.40 5.20
N ASN A 97 6.92 31.99 5.64
CA ASN A 97 6.57 31.99 7.05
C ASN A 97 5.51 30.93 7.31
N PRO A 98 5.85 29.90 8.10
CA PRO A 98 4.92 28.82 8.43
C PRO A 98 3.75 29.30 9.28
N SER A 99 2.56 29.31 8.70
CA SER A 99 1.35 29.69 9.41
C SER A 99 0.99 28.59 10.42
N VAL A 100 1.30 27.35 10.05
CA VAL A 100 1.11 26.23 10.95
C VAL A 100 2.41 25.92 11.68
N TYR A 101 2.30 25.65 12.97
CA TYR A 101 3.47 25.36 13.79
C TYR A 101 3.80 23.88 13.72
N VAL A 102 4.62 23.51 12.75
CA VAL A 102 5.02 22.12 12.57
C VAL A 102 6.38 21.86 13.23
N PRO A 103 6.68 20.58 13.55
CA PRO A 103 7.95 20.20 14.19
C PRO A 103 9.17 20.55 13.34
N GLY A 104 9.09 20.31 12.05
CA GLY A 104 10.21 20.60 11.16
C GLY A 104 9.90 21.75 10.22
N VAL A 105 10.32 21.61 8.97
CA VAL A 105 10.07 22.64 7.97
C VAL A 105 8.64 22.53 7.44
N VAL A 106 8.38 21.45 6.69
CA VAL A 106 7.03 21.18 6.20
C VAL A 106 6.60 19.75 6.54
N SER A 107 7.49 18.79 6.31
CA SER A 107 7.23 17.41 6.68
C SER A 107 8.39 16.84 7.49
N THR A 108 9.38 17.70 7.75
CA THR A 108 10.57 17.32 8.48
C THR A 108 10.21 16.85 9.89
N VAL A 109 10.61 15.61 10.20
CA VAL A 109 10.41 14.99 11.52
C VAL A 109 8.95 15.09 12.00
N VAL A 110 8.04 15.27 11.05
CA VAL A 110 6.62 15.31 11.36
C VAL A 110 6.09 13.88 11.52
N PRO A 111 5.60 13.55 12.72
CA PRO A 111 5.13 12.19 13.03
C PRO A 111 3.90 11.79 12.22
N ASP A 112 4.10 10.82 11.35
CA ASP A 112 3.01 10.23 10.58
C ASP A 112 3.01 8.73 10.82
N SER A 113 1.86 8.08 10.71
CA SER A 113 1.78 6.65 10.94
C SER A 113 2.40 5.91 9.76
N ALA A 114 3.69 5.63 9.87
CA ALA A 114 4.43 5.00 8.79
C ALA A 114 5.45 4.03 9.34
N HIS A 115 5.00 3.10 10.17
CA HIS A 115 5.87 2.06 10.72
C HIS A 115 6.08 0.94 9.70
N LYS A 116 6.06 1.30 8.43
CA LYS A 116 6.24 0.34 7.36
C LYS A 116 7.64 -0.27 7.44
N LEU A 117 7.69 -1.58 7.21
CA LEU A 117 8.95 -2.32 7.25
C LEU A 117 9.41 -2.77 5.87
N PHE A 118 10.73 -2.75 5.69
CA PHE A 118 11.33 -3.16 4.43
C PHE A 118 11.93 -4.54 4.67
N ILE A 119 11.68 -5.48 3.76
CA ILE A 119 12.21 -6.81 3.90
C ILE A 119 12.94 -7.20 2.61
N GLY A 120 14.21 -7.52 2.72
CA GLY A 120 14.98 -7.89 1.55
C GLY A 120 15.69 -9.21 1.72
N GLY A 121 16.40 -9.64 0.68
CA GLY A 121 17.13 -10.89 0.74
C GLY A 121 16.19 -12.08 0.57
N LEU A 122 14.95 -11.77 0.21
CA LEU A 122 13.95 -12.82 0.02
C LEU A 122 14.24 -13.63 -1.24
N PRO A 123 14.13 -14.97 -1.17
CA PRO A 123 14.36 -15.84 -2.33
C PRO A 123 13.34 -15.49 -3.42
N ASN A 124 13.78 -15.51 -4.66
CA ASN A 124 12.90 -15.18 -5.77
C ASN A 124 11.76 -16.18 -6.00
N TYR A 125 11.83 -17.37 -5.40
CA TYR A 125 10.76 -18.35 -5.60
C TYR A 125 9.54 -18.17 -4.68
N LEU A 126 9.71 -17.52 -3.54
CA LEU A 126 8.59 -17.31 -2.60
C LEU A 126 7.53 -16.38 -3.21
N ASN A 127 6.27 -16.60 -2.84
CA ASN A 127 5.17 -15.77 -3.36
C ASN A 127 4.54 -14.96 -2.22
N ASP A 128 3.48 -14.21 -2.52
CA ASP A 128 2.80 -13.38 -1.52
C ASP A 128 2.37 -14.13 -0.27
N ASP A 129 1.55 -15.27 -0.42
CA ASP A 129 1.03 -16.14 0.69
C ASP A 129 2.18 -16.82 1.53
N GLN A 130 3.44 -17.05 0.87
CA GLN A 130 4.59 -17.61 1.58
C GLN A 130 5.32 -16.54 2.39
N VAL A 131 5.58 -15.41 1.75
CA VAL A 131 6.27 -14.31 2.41
C VAL A 131 5.44 -13.78 3.57
N LYS A 132 4.17 -13.54 3.30
CA LYS A 132 3.24 -13.03 4.31
C LYS A 132 3.22 -13.93 5.54
N GLU A 133 3.34 -15.23 5.33
CA GLU A 133 3.34 -16.18 6.44
C GLU A 133 4.52 -15.93 7.37
N LEU A 134 5.71 -15.89 6.80
CA LEU A 134 6.94 -15.66 7.56
C LEU A 134 6.81 -14.39 8.42
N LEU A 135 6.06 -13.41 7.91
CA LEU A 135 5.83 -12.14 8.62
C LEU A 135 4.72 -12.24 9.66
N THR A 136 3.64 -12.92 9.29
CA THR A 136 2.48 -13.09 10.16
C THR A 136 2.83 -13.74 11.49
N SER A 137 3.90 -14.62 11.53
CA SER A 137 4.37 -15.33 12.76
C SER A 137 4.60 -14.34 13.98
N PHE A 138 4.56 -12.93 13.73
CA PHE A 138 4.76 -11.96 14.80
C PHE A 138 3.48 -11.21 15.12
N GLY A 139 2.50 -11.35 14.25
CA GLY A 139 1.23 -10.68 14.43
C GLY A 139 0.56 -10.33 13.12
N PRO A 140 -0.75 -10.05 13.12
CA PRO A 140 -1.49 -9.69 11.90
C PRO A 140 -0.93 -8.44 11.21
N LEU A 141 -1.03 -8.43 9.89
CA LEU A 141 -0.54 -7.30 9.10
C LEU A 141 -1.69 -6.41 8.63
N LYS A 142 -1.42 -5.11 8.55
CA LYS A 142 -2.43 -4.16 8.11
C LYS A 142 -2.18 -3.79 6.64
N ALA A 143 -0.93 -3.96 6.11
CA ALA A 143 -0.57 -3.62 4.68
C ALA A 143 0.68 -4.41 4.28
N PHE A 144 0.61 -5.16 3.15
CA PHE A 144 1.74 -5.94 2.64
C PHE A 144 1.79 -5.95 1.11
N ASN A 145 2.99 -5.73 0.55
CA ASN A 145 3.15 -5.71 -0.90
C ASN A 145 4.51 -6.31 -1.32
N LEU A 146 4.48 -7.32 -2.17
CA LEU A 146 5.71 -7.96 -2.65
C LEU A 146 5.99 -7.42 -4.05
N VAL A 147 7.13 -6.77 -4.22
CA VAL A 147 7.49 -6.21 -5.52
C VAL A 147 7.93 -7.25 -6.53
N LYS A 148 7.23 -7.28 -7.67
CA LYS A 148 7.52 -8.22 -8.75
C LYS A 148 7.89 -7.45 -10.01
N ASP A 149 8.76 -8.02 -10.84
CA ASP A 149 9.18 -7.35 -12.07
C ASP A 149 7.97 -7.07 -12.97
N SER A 150 7.99 -5.90 -13.62
CA SER A 150 6.92 -5.50 -14.52
C SER A 150 6.55 -6.58 -15.54
N ALA A 151 7.51 -6.94 -16.38
CA ALA A 151 7.30 -7.96 -17.40
C ALA A 151 7.38 -9.38 -16.84
N THR A 152 8.57 -9.74 -16.36
CA THR A 152 8.80 -11.07 -15.79
C THR A 152 7.64 -11.50 -14.90
N GLY A 153 7.37 -10.72 -13.86
CA GLY A 153 6.28 -11.04 -12.96
C GLY A 153 6.70 -11.76 -11.69
N LEU A 154 7.98 -12.13 -11.59
CA LEU A 154 8.47 -12.83 -10.41
C LEU A 154 8.93 -11.84 -9.35
N SER A 155 9.16 -12.34 -8.15
CA SER A 155 9.61 -11.52 -7.04
C SER A 155 10.93 -10.83 -7.35
N LYS A 156 11.06 -9.58 -6.89
CA LYS A 156 12.27 -8.80 -7.11
C LYS A 156 13.26 -9.06 -5.98
N GLY A 157 12.78 -9.76 -4.96
CA GLY A 157 13.62 -10.08 -3.82
C GLY A 157 13.33 -9.27 -2.58
N TYR A 158 12.40 -8.31 -2.67
CA TYR A 158 12.06 -7.49 -1.50
C TYR A 158 10.57 -7.16 -1.42
N ALA A 159 10.09 -7.07 -0.19
CA ALA A 159 8.68 -6.76 0.06
C ALA A 159 8.49 -5.81 1.25
N PHE A 160 7.38 -5.10 1.23
CA PHE A 160 7.05 -4.14 2.28
C PHE A 160 5.84 -4.65 3.09
N CYS A 161 5.84 -4.32 4.39
CA CYS A 161 4.72 -4.76 5.24
C CYS A 161 4.60 -3.89 6.49
N GLU A 162 3.41 -3.87 7.04
CA GLU A 162 3.14 -3.09 8.25
C GLU A 162 2.12 -3.82 9.12
N TYR A 163 2.46 -4.01 10.40
CA TYR A 163 1.56 -4.72 11.33
C TYR A 163 0.50 -3.78 11.91
N VAL A 164 -0.53 -4.38 12.50
CA VAL A 164 -1.61 -3.62 13.11
C VAL A 164 -1.09 -2.94 14.37
N ASP A 165 -0.37 -3.73 15.19
CA ASP A 165 0.20 -3.23 16.43
C ASP A 165 1.67 -2.85 16.15
N ILE A 166 1.89 -1.55 16.01
CA ILE A 166 3.24 -1.02 15.72
C ILE A 166 4.36 -1.49 16.69
N ASN A 167 4.01 -1.66 17.95
CA ASN A 167 5.03 -2.12 18.92
C ASN A 167 5.65 -3.47 18.43
N VAL A 168 4.73 -4.26 17.88
CA VAL A 168 5.21 -5.56 17.39
C VAL A 168 6.22 -5.34 16.26
N THR A 169 6.14 -4.17 15.62
CA THR A 169 7.05 -3.83 14.53
C THR A 169 8.48 -4.00 15.02
N ASP A 170 8.79 -3.44 16.19
CA ASP A 170 10.17 -3.56 16.73
C ASP A 170 10.51 -5.02 16.99
N GLN A 171 9.56 -5.76 17.56
CA GLN A 171 9.81 -7.17 17.84
C GLN A 171 10.04 -8.00 16.57
N ALA A 172 9.35 -7.55 15.52
CA ALA A 172 9.46 -8.23 14.23
C ALA A 172 10.81 -8.05 13.57
N ILE A 173 11.42 -6.87 13.75
CA ILE A 173 12.72 -6.62 13.16
C ILE A 173 13.80 -7.47 13.81
N ALA A 174 13.86 -7.43 15.23
CA ALA A 174 14.84 -8.17 16.10
C ALA A 174 14.87 -9.70 15.84
N GLY A 175 13.64 -10.33 15.59
CA GLY A 175 13.57 -11.76 15.28
C GLY A 175 13.70 -12.15 13.82
N LEU A 176 13.41 -11.27 12.87
CA LEU A 176 13.51 -11.60 11.45
C LEU A 176 14.81 -11.16 10.81
N ASN A 177 15.22 -9.92 11.06
CA ASN A 177 16.45 -9.41 10.49
C ASN A 177 17.62 -10.36 10.72
N GLY A 178 18.35 -10.66 9.65
CA GLY A 178 19.50 -11.55 9.74
C GLY A 178 19.15 -13.02 9.52
N MET A 179 17.86 -13.35 9.61
CA MET A 179 17.41 -14.73 9.42
C MET A 179 17.96 -15.32 8.12
N GLN A 180 18.22 -16.62 8.12
CA GLN A 180 18.75 -17.30 6.95
C GLN A 180 17.65 -17.93 6.11
N LEU A 181 17.48 -17.43 4.90
CA LEU A 181 16.47 -17.93 3.96
C LEU A 181 17.19 -18.44 2.73
N GLY A 182 17.24 -19.76 2.56
CA GLY A 182 17.90 -20.33 1.40
C GLY A 182 19.39 -20.04 1.49
N ASP A 183 19.92 -19.30 0.51
CA ASP A 183 21.34 -18.96 0.50
C ASP A 183 21.51 -17.46 0.63
N LYS A 184 20.49 -16.80 1.18
CA LYS A 184 20.51 -15.36 1.37
C LYS A 184 20.28 -14.98 2.83
N LYS A 185 20.79 -13.82 3.22
CA LYS A 185 20.63 -13.34 4.59
C LYS A 185 19.52 -12.28 4.60
N LEU A 186 18.47 -12.56 5.33
CA LEU A 186 17.34 -11.65 5.43
C LEU A 186 17.72 -10.31 6.05
N LEU A 187 17.11 -9.26 5.52
CA LEU A 187 17.34 -7.90 5.99
C LEU A 187 16.00 -7.26 6.29
N VAL A 188 15.81 -6.68 7.48
CA VAL A 188 14.58 -6.04 7.88
C VAL A 188 14.88 -4.76 8.60
N GLN A 189 14.35 -3.63 8.15
CA GLN A 189 14.55 -2.33 8.74
C GLN A 189 13.34 -1.44 8.43
N ARG A 190 13.10 -0.44 9.26
CA ARG A 190 11.96 0.43 8.99
C ARG A 190 12.17 1.05 7.60
N ALA A 191 11.21 0.84 6.71
CA ALA A 191 11.27 1.36 5.33
C ALA A 191 11.57 2.85 5.23
N SER A 192 11.52 3.57 6.33
CA SER A 192 11.80 5.01 6.29
C SER A 192 12.98 5.35 7.18
N VAL A 193 12.73 5.43 8.47
CA VAL A 193 13.75 5.79 9.44
C VAL A 193 13.59 4.95 10.69
N GLY A 194 14.72 4.64 11.32
CA GLY A 194 14.70 3.82 12.51
C GLY A 194 16.06 3.23 12.80
N ALA A 195 17.10 3.86 12.25
CA ALA A 195 18.46 3.43 12.49
C ALA A 195 18.95 3.96 13.82
N LYS A 196 19.14 3.07 14.78
CA LYS A 196 19.57 3.44 16.11
C LYS A 196 21.09 3.45 16.19
N ASN A 197 21.61 3.98 17.27
CA ASN A 197 23.05 4.07 17.48
C ASN A 197 23.49 3.02 18.48
N ALA A 198 22.59 2.12 18.82
CA ALA A 198 22.87 1.04 19.76
C ALA A 198 22.23 -0.26 19.29
N ALA A 4 -15.10 15.47 -6.64
CA ALA A 4 -14.50 14.23 -7.18
C ALA A 4 -13.05 14.10 -6.74
N ARG A 5 -12.50 12.89 -6.85
CA ARG A 5 -11.08 12.73 -6.71
C ARG A 5 -10.52 11.65 -7.65
N ARG A 6 -9.36 11.09 -7.27
CA ARG A 6 -8.71 10.04 -8.06
C ARG A 6 -7.73 9.23 -7.22
N LEU A 7 -7.57 7.96 -7.57
CA LEU A 7 -6.67 7.08 -6.85
C LEU A 7 -5.93 6.16 -7.81
N TYR A 8 -4.67 5.88 -7.48
CA TYR A 8 -3.85 5.01 -8.29
C TYR A 8 -3.88 3.60 -7.71
N VAL A 9 -4.24 2.63 -8.52
CA VAL A 9 -4.31 1.25 -8.06
C VAL A 9 -3.46 0.36 -8.96
N GLY A 10 -2.26 0.02 -8.48
CA GLY A 10 -1.36 -0.82 -9.23
C GLY A 10 -1.44 -2.29 -8.83
N ASN A 11 -0.59 -3.09 -9.51
CA ASN A 11 -0.52 -4.58 -9.38
C ASN A 11 -1.96 -5.21 -9.49
N ILE A 12 -2.79 -4.65 -10.50
CA ILE A 12 -4.12 -5.14 -10.83
C ILE A 12 -4.06 -6.48 -11.57
N PRO A 13 -5.10 -7.33 -11.40
CA PRO A 13 -5.14 -8.64 -12.07
C PRO A 13 -5.05 -8.48 -13.57
N PHE A 14 -4.38 -9.42 -14.23
CA PHE A 14 -4.23 -9.38 -15.68
C PHE A 14 -5.55 -9.64 -16.40
N GLY A 15 -5.78 -8.89 -17.46
CA GLY A 15 -7.00 -9.04 -18.24
C GLY A 15 -8.25 -8.54 -17.55
N ILE A 16 -8.10 -7.92 -16.39
CA ILE A 16 -9.25 -7.41 -15.66
C ILE A 16 -9.93 -6.28 -16.45
N THR A 17 -11.26 -6.31 -16.50
CA THR A 17 -11.99 -5.29 -17.23
C THR A 17 -12.23 -4.07 -16.35
N GLU A 18 -12.39 -2.90 -16.98
CA GLU A 18 -12.62 -1.67 -16.25
C GLU A 18 -13.90 -1.77 -15.41
N GLU A 19 -14.95 -2.33 -16.01
CA GLU A 19 -16.22 -2.49 -15.31
C GLU A 19 -16.06 -3.37 -14.08
N ALA A 20 -15.34 -4.59 -14.19
CA ALA A 20 -15.11 -5.53 -13.04
C ALA A 20 -14.28 -4.86 -11.90
N MET A 21 -13.39 -3.80 -12.26
CA MET A 21 -12.69 -2.98 -11.30
C MET A 21 -13.63 -2.02 -10.58
N MET A 22 -14.65 -1.53 -11.28
CA MET A 22 -15.62 -0.59 -10.73
C MET A 22 -16.59 -1.29 -9.80
N ASP A 23 -17.22 -2.33 -10.33
CA ASP A 23 -18.18 -3.11 -9.55
C ASP A 23 -17.56 -3.62 -8.25
N PHE A 24 -16.26 -3.92 -8.25
CA PHE A 24 -15.62 -4.40 -7.04
C PHE A 24 -15.49 -3.31 -6.00
N PHE A 25 -14.91 -2.18 -6.38
CA PHE A 25 -14.74 -1.07 -5.45
C PHE A 25 -16.08 -0.54 -4.93
N ASN A 26 -17.03 -0.29 -5.83
CA ASN A 26 -18.33 0.22 -5.40
C ASN A 26 -18.95 -0.75 -4.39
N ALA A 27 -18.86 -2.13 -4.65
CA ALA A 27 -19.37 -3.19 -3.71
C ALA A 27 -18.54 -3.24 -2.40
N GLN A 28 -17.20 -2.73 -2.41
CA GLN A 28 -16.38 -2.68 -1.20
C GLN A 28 -16.77 -1.48 -0.35
N MET A 29 -17.08 -0.37 -1.03
CA MET A 29 -17.47 0.87 -0.36
C MET A 29 -18.81 0.70 0.35
N ARG A 30 -19.71 -0.05 -0.27
CA ARG A 30 -21.04 -0.28 0.31
C ARG A 30 -21.01 -1.29 1.45
N LEU A 31 -20.26 -2.38 1.30
CA LEU A 31 -20.18 -3.39 2.34
C LEU A 31 -19.55 -2.81 3.60
N GLY A 32 -18.57 -1.95 3.39
CA GLY A 32 -17.89 -1.33 4.52
C GLY A 32 -18.66 -0.14 5.08
N GLY A 33 -19.62 0.38 4.32
CA GLY A 33 -20.41 1.52 4.77
C GLY A 33 -19.56 2.78 4.80
N LEU A 34 -18.68 2.90 3.82
CA LEU A 34 -17.79 4.05 3.71
C LEU A 34 -18.35 5.16 2.82
N THR A 35 -19.60 5.00 2.36
CA THR A 35 -20.23 6.00 1.51
C THR A 35 -20.82 7.13 2.36
N GLN A 36 -20.74 8.36 1.85
CA GLN A 36 -21.28 9.52 2.57
C GLN A 36 -22.69 9.86 2.13
N ALA A 37 -23.09 9.37 0.97
CA ALA A 37 -24.43 9.63 0.47
C ALA A 37 -24.92 8.48 -0.41
N PRO A 38 -26.23 8.39 -0.69
CA PRO A 38 -26.78 7.33 -1.53
C PRO A 38 -26.15 7.35 -2.92
N GLY A 39 -25.92 6.17 -3.49
CA GLY A 39 -25.33 6.10 -4.81
C GLY A 39 -23.90 5.59 -4.78
N ASN A 40 -23.41 5.13 -5.93
CA ASN A 40 -22.05 4.62 -6.02
C ASN A 40 -21.01 5.73 -6.02
N PRO A 41 -19.93 5.59 -5.23
CA PRO A 41 -18.87 6.59 -5.15
C PRO A 41 -18.00 6.59 -6.42
N VAL A 42 -17.52 5.40 -6.80
CA VAL A 42 -16.68 5.26 -7.98
C VAL A 42 -17.48 5.49 -9.25
N LEU A 43 -17.31 6.70 -9.96
CA LEU A 43 -18.09 7.09 -11.22
C LEU A 43 -17.48 6.46 -12.55
N ALA A 44 -16.11 6.26 -12.58
CA ALA A 44 -15.33 5.63 -13.69
C ALA A 44 -13.97 5.03 -13.16
N VAL A 45 -13.34 4.14 -13.99
CA VAL A 45 -12.04 3.52 -13.77
C VAL A 45 -11.34 3.31 -15.12
N GLN A 46 -10.09 3.73 -15.20
CA GLN A 46 -9.30 3.60 -16.43
C GLN A 46 -8.15 2.63 -16.20
N ILE A 47 -8.04 1.61 -17.05
CA ILE A 47 -6.96 0.66 -16.87
C ILE A 47 -5.90 0.60 -17.96
N ASN A 48 -4.65 0.75 -17.54
CA ASN A 48 -3.51 0.69 -18.44
C ASN A 48 -3.00 -0.76 -18.28
N GLN A 49 -3.52 -1.63 -19.14
CA GLN A 49 -3.14 -3.04 -19.08
C GLN A 49 -1.64 -3.33 -19.05
N ASP A 50 -0.91 -2.85 -20.05
CA ASP A 50 0.53 -3.09 -20.09
C ASP A 50 1.25 -2.59 -18.84
N LYS A 51 0.97 -1.36 -18.44
CA LYS A 51 1.60 -0.77 -17.26
C LYS A 51 1.13 -1.45 -15.97
N ASN A 52 0.10 -2.30 -16.09
CA ASN A 52 -0.45 -3.02 -14.96
C ASN A 52 -1.05 -2.13 -13.86
N PHE A 53 -1.68 -1.04 -14.25
CA PHE A 53 -2.28 -0.17 -13.24
C PHE A 53 -3.60 0.45 -13.74
N ALA A 54 -4.30 1.06 -12.80
CA ALA A 54 -5.59 1.68 -13.12
C ALA A 54 -5.81 2.90 -12.24
N PHE A 55 -6.70 3.79 -12.65
CA PHE A 55 -6.99 4.97 -11.86
C PHE A 55 -8.49 5.01 -11.56
N LEU A 56 -8.82 5.19 -10.29
CA LEU A 56 -10.21 5.24 -9.87
C LEU A 56 -10.70 6.68 -9.82
N GLU A 57 -11.91 6.92 -10.30
CA GLU A 57 -12.49 8.25 -10.31
C GLU A 57 -13.71 8.29 -9.40
N PHE A 58 -13.61 9.07 -8.33
CA PHE A 58 -14.69 9.19 -7.36
C PHE A 58 -15.51 10.46 -7.58
N ARG A 59 -16.68 10.49 -6.97
CA ARG A 59 -17.58 11.64 -7.07
C ARG A 59 -17.28 12.69 -6.00
N SER A 60 -16.72 12.25 -4.88
CA SER A 60 -16.39 13.16 -3.78
C SER A 60 -14.95 13.00 -3.32
N VAL A 61 -14.44 14.03 -2.66
CA VAL A 61 -13.08 14.03 -2.16
C VAL A 61 -12.91 13.13 -0.93
N ASP A 62 -13.89 13.19 -0.02
CA ASP A 62 -13.84 12.38 1.19
C ASP A 62 -13.92 10.89 0.90
N GLU A 63 -14.77 10.50 -0.04
CA GLU A 63 -14.92 9.09 -0.38
C GLU A 63 -13.61 8.54 -0.94
N THR A 64 -12.95 9.30 -1.81
CA THR A 64 -11.68 8.88 -2.38
C THR A 64 -10.73 8.52 -1.23
N THR A 65 -10.54 9.54 -0.25
CA THR A 65 -9.70 9.45 1.01
C THR A 65 -10.15 8.21 1.87
N GLN A 66 -11.49 7.77 1.74
CA GLN A 66 -11.97 6.59 2.44
C GLN A 66 -11.58 5.28 1.77
N ALA A 67 -11.52 5.27 0.45
CA ALA A 67 -11.16 4.05 -0.29
C ALA A 67 -9.69 3.65 -0.08
N MET A 68 -8.91 4.61 0.40
CA MET A 68 -7.49 4.33 0.65
C MET A 68 -7.30 3.23 1.68
N ALA A 69 -8.32 2.98 2.49
CA ALA A 69 -8.26 1.96 3.52
C ALA A 69 -8.23 0.56 2.92
N PHE A 70 -8.46 0.47 1.62
CA PHE A 70 -8.46 -0.82 0.93
C PHE A 70 -7.09 -1.15 0.34
N ASP A 71 -6.07 -0.42 0.78
CA ASP A 71 -4.72 -0.65 0.29
C ASP A 71 -4.22 -2.03 0.69
N GLY A 72 -3.86 -2.85 -0.30
CA GLY A 72 -3.37 -4.19 -0.03
C GLY A 72 -4.44 -5.26 -0.11
N ILE A 73 -5.69 -4.84 -0.31
CA ILE A 73 -6.80 -5.79 -0.39
C ILE A 73 -6.55 -6.84 -1.47
N ILE A 74 -6.96 -8.07 -1.21
CA ILE A 74 -6.76 -9.16 -2.16
C ILE A 74 -7.90 -9.20 -3.19
N PHE A 75 -7.52 -9.07 -4.45
CA PHE A 75 -8.49 -9.10 -5.54
C PHE A 75 -7.99 -9.99 -6.68
N GLN A 76 -8.61 -11.15 -6.83
CA GLN A 76 -8.24 -12.10 -7.87
C GLN A 76 -6.79 -12.57 -7.72
N GLY A 77 -6.39 -12.85 -6.48
CA GLY A 77 -5.03 -13.30 -6.21
C GLY A 77 -3.97 -12.22 -6.21
N GLN A 78 -4.35 -10.99 -6.55
CA GLN A 78 -3.38 -9.90 -6.58
C GLN A 78 -3.62 -8.88 -5.47
N SER A 79 -2.56 -8.54 -4.74
CA SER A 79 -2.65 -7.57 -3.65
C SER A 79 -2.56 -6.17 -4.24
N LEU A 80 -3.72 -5.51 -4.36
CA LEU A 80 -3.80 -4.17 -4.92
C LEU A 80 -3.02 -3.13 -4.13
N LYS A 81 -2.33 -2.26 -4.86
CA LYS A 81 -1.55 -1.19 -4.26
C LYS A 81 -2.28 0.12 -4.54
N ILE A 82 -2.82 0.73 -3.49
CA ILE A 82 -3.55 1.98 -3.62
C ILE A 82 -2.75 3.17 -3.13
N ARG A 83 -2.62 4.17 -4.00
CA ARG A 83 -1.87 5.38 -3.68
C ARG A 83 -2.59 6.59 -4.26
N ARG A 84 -2.13 7.78 -3.89
CA ARG A 84 -2.74 9.00 -4.39
C ARG A 84 -2.03 9.39 -5.68
N PRO A 85 -2.70 10.14 -6.58
CA PRO A 85 -2.10 10.56 -7.85
C PRO A 85 -0.82 11.36 -7.63
N HIS A 86 -0.15 11.69 -8.74
CA HIS A 86 1.09 12.45 -8.68
C HIS A 86 0.89 13.85 -9.25
N ASP A 87 -0.38 14.22 -9.41
CA ASP A 87 -0.73 15.54 -9.94
C ASP A 87 -0.28 16.62 -8.98
N TYR A 88 0.65 17.45 -9.44
CA TYR A 88 1.19 18.51 -8.61
C TYR A 88 0.21 19.67 -8.51
N GLN A 89 0.05 20.17 -7.29
CA GLN A 89 -0.87 21.26 -7.00
C GLN A 89 -2.30 20.91 -7.41
N PRO A 90 -3.02 20.17 -6.55
CA PRO A 90 -4.41 19.79 -6.80
C PRO A 90 -5.37 20.96 -6.66
N LEU A 91 -5.71 21.58 -7.79
CA LEU A 91 -6.58 22.76 -7.83
C LEU A 91 -5.91 23.93 -7.11
N PRO A 92 -5.33 24.87 -7.86
CA PRO A 92 -4.60 26.01 -7.31
C PRO A 92 -5.38 26.76 -6.24
N GLY A 93 -4.74 26.96 -5.09
CA GLY A 93 -5.36 27.67 -3.99
C GLY A 93 -4.85 27.19 -2.64
N MET A 94 -3.56 26.90 -2.58
CA MET A 94 -2.95 26.39 -1.35
C MET A 94 -3.08 27.42 -0.23
N SER A 95 -3.37 26.93 0.98
CA SER A 95 -3.60 27.73 2.19
C SER A 95 -4.81 28.68 2.06
N GLU A 96 -5.35 28.80 0.85
CA GLU A 96 -6.55 29.58 0.61
C GLU A 96 -7.76 28.68 0.76
N ASN A 97 -7.64 27.47 0.24
CA ASN A 97 -8.70 26.45 0.38
C ASN A 97 -8.33 25.43 1.45
N PRO A 98 -7.17 24.73 1.33
CA PRO A 98 -6.72 23.77 2.35
C PRO A 98 -6.26 24.50 3.62
N SER A 99 -6.82 24.09 4.75
CA SER A 99 -6.51 24.72 6.02
C SER A 99 -5.18 24.21 6.57
N VAL A 100 -4.10 24.88 6.21
CA VAL A 100 -2.77 24.52 6.67
C VAL A 100 -2.39 25.32 7.92
N TYR A 101 -3.32 26.12 8.40
CA TYR A 101 -3.09 26.95 9.57
C TYR A 101 -3.44 26.20 10.83
N VAL A 102 -2.51 26.12 11.77
CA VAL A 102 -2.75 25.44 13.02
C VAL A 102 -3.06 26.44 14.13
N PRO A 103 -4.13 26.17 14.91
CA PRO A 103 -4.55 27.05 16.00
C PRO A 103 -3.48 27.18 17.08
N GLY A 104 -3.16 26.07 17.73
CA GLY A 104 -2.13 26.06 18.74
C GLY A 104 -1.57 24.67 18.93
N VAL A 105 -1.35 23.98 17.83
CA VAL A 105 -0.92 22.59 17.84
C VAL A 105 0.17 22.37 16.80
N VAL A 106 1.03 21.39 17.05
CA VAL A 106 2.06 21.01 16.09
C VAL A 106 1.83 19.57 15.63
N SER A 107 2.77 19.03 14.88
CA SER A 107 2.62 17.69 14.33
C SER A 107 2.84 16.60 15.39
N THR A 108 2.95 17.02 16.64
CA THR A 108 3.05 16.07 17.74
C THR A 108 1.69 15.42 17.99
N VAL A 109 0.63 16.21 17.85
CA VAL A 109 -0.73 15.71 17.98
C VAL A 109 -1.28 15.40 16.60
N VAL A 110 -1.67 14.15 16.39
CA VAL A 110 -2.07 13.65 15.08
C VAL A 110 -0.87 13.72 14.13
N PRO A 111 0.08 12.79 14.30
CA PRO A 111 1.30 12.76 13.52
C PRO A 111 1.17 11.92 12.27
N ASP A 112 2.29 11.63 11.64
CA ASP A 112 2.32 10.71 10.51
C ASP A 112 2.62 9.31 11.01
N SER A 113 1.59 8.48 11.11
CA SER A 113 1.76 7.13 11.60
C SER A 113 2.41 6.26 10.53
N ALA A 114 3.68 6.00 10.70
CA ALA A 114 4.42 5.19 9.75
C ALA A 114 5.33 4.21 10.48
N HIS A 115 4.98 2.95 10.42
CA HIS A 115 5.84 1.89 10.93
C HIS A 115 6.06 0.81 9.89
N LYS A 116 6.04 1.20 8.62
CA LYS A 116 6.24 0.26 7.53
C LYS A 116 7.62 -0.37 7.61
N LEU A 117 7.67 -1.66 7.33
CA LEU A 117 8.91 -2.41 7.37
C LEU A 117 9.39 -2.83 5.99
N PHE A 118 10.70 -2.82 5.81
CA PHE A 118 11.32 -3.20 4.55
C PHE A 118 11.91 -4.59 4.75
N ILE A 119 11.65 -5.50 3.81
CA ILE A 119 12.17 -6.84 3.90
C ILE A 119 12.89 -7.20 2.62
N GLY A 120 14.18 -7.53 2.73
CA GLY A 120 14.95 -7.88 1.55
C GLY A 120 15.65 -9.21 1.70
N GLY A 121 16.37 -9.60 0.65
CA GLY A 121 17.08 -10.87 0.68
C GLY A 121 16.14 -12.03 0.47
N LEU A 122 14.90 -11.72 0.11
CA LEU A 122 13.89 -12.74 -0.13
C LEU A 122 14.17 -13.53 -1.40
N PRO A 123 14.06 -14.87 -1.37
CA PRO A 123 14.30 -15.70 -2.55
C PRO A 123 13.29 -15.31 -3.63
N ASN A 124 13.73 -15.30 -4.88
CA ASN A 124 12.87 -14.94 -5.99
C ASN A 124 11.72 -15.92 -6.25
N TYR A 125 11.77 -17.12 -5.68
CA TYR A 125 10.69 -18.09 -5.91
C TYR A 125 9.48 -17.92 -5.00
N LEU A 126 9.64 -17.31 -3.84
CA LEU A 126 8.52 -17.12 -2.91
C LEU A 126 7.47 -16.17 -3.51
N ASN A 127 6.20 -16.38 -3.15
CA ASN A 127 5.11 -15.53 -3.64
C ASN A 127 4.49 -14.75 -2.49
N ASP A 128 3.43 -13.98 -2.78
CA ASP A 128 2.75 -13.18 -1.76
C ASP A 128 2.30 -13.95 -0.53
N ASP A 129 1.48 -15.08 -0.73
CA ASP A 129 0.94 -15.97 0.36
C ASP A 129 2.08 -16.69 1.18
N GLN A 130 3.34 -16.92 0.53
CA GLN A 130 4.48 -17.50 1.22
C GLN A 130 5.21 -16.47 2.07
N VAL A 131 5.49 -15.32 1.47
CA VAL A 131 6.19 -14.24 2.16
C VAL A 131 5.34 -13.75 3.34
N LYS A 132 4.07 -13.47 3.06
CA LYS A 132 3.14 -12.99 4.08
C LYS A 132 3.12 -13.92 5.29
N GLU A 133 3.22 -15.22 5.04
CA GLU A 133 3.21 -16.20 6.12
C GLU A 133 4.37 -15.99 7.06
N LEU A 134 5.58 -15.94 6.50
CA LEU A 134 6.79 -15.74 7.27
C LEU A 134 6.66 -14.49 8.17
N LEU A 135 5.93 -13.50 7.69
CA LEU A 135 5.71 -12.25 8.43
C LEU A 135 4.58 -12.36 9.46
N THR A 136 3.50 -13.02 9.06
CA THR A 136 2.35 -13.21 9.93
C THR A 136 2.67 -13.89 11.24
N SER A 137 3.73 -14.80 11.26
CA SER A 137 4.19 -15.54 12.47
C SER A 137 4.41 -14.59 13.71
N PHE A 138 4.39 -13.16 13.51
CA PHE A 138 4.59 -12.24 14.61
C PHE A 138 3.30 -11.48 14.94
N GLY A 139 2.33 -11.59 14.05
CA GLY A 139 1.07 -10.91 14.26
C GLY A 139 0.42 -10.51 12.94
N PRO A 140 -0.89 -10.22 12.94
CA PRO A 140 -1.62 -9.83 11.74
C PRO A 140 -1.05 -8.57 11.08
N LEU A 141 -1.13 -8.51 9.75
CA LEU A 141 -0.63 -7.37 8.99
C LEU A 141 -1.77 -6.45 8.55
N LYS A 142 -1.49 -5.16 8.50
CA LYS A 142 -2.48 -4.18 8.09
C LYS A 142 -2.22 -3.77 6.64
N ALA A 143 -0.97 -3.94 6.09
CA ALA A 143 -0.59 -3.56 4.68
C ALA A 143 0.66 -4.34 4.28
N PHE A 144 0.59 -5.07 3.12
CA PHE A 144 1.72 -5.84 2.60
C PHE A 144 1.78 -5.80 1.07
N ASN A 145 2.98 -5.58 0.52
CA ASN A 145 3.16 -5.53 -0.92
C ASN A 145 4.52 -6.12 -1.35
N LEU A 146 4.49 -7.11 -2.23
CA LEU A 146 5.71 -7.75 -2.72
C LEU A 146 6.01 -7.18 -4.10
N VAL A 147 7.15 -6.52 -4.24
CA VAL A 147 7.53 -5.93 -5.52
C VAL A 147 7.97 -6.95 -6.55
N LYS A 148 7.27 -6.94 -7.70
CA LYS A 148 7.57 -7.85 -8.81
C LYS A 148 7.95 -7.04 -10.04
N ASP A 149 8.83 -7.60 -10.88
CA ASP A 149 9.26 -6.89 -12.09
C ASP A 149 8.07 -6.58 -12.99
N SER A 150 8.10 -5.40 -13.61
CA SER A 150 7.04 -4.95 -14.50
C SER A 150 6.67 -6.00 -15.56
N ALA A 151 7.63 -6.35 -16.39
CA ALA A 151 7.42 -7.34 -17.45
C ALA A 151 7.49 -8.77 -16.93
N THR A 152 8.66 -9.16 -16.45
CA THR A 152 8.88 -10.51 -15.92
C THR A 152 7.71 -10.96 -15.04
N GLY A 153 7.44 -10.20 -13.99
CA GLY A 153 6.34 -10.54 -13.10
C GLY A 153 6.74 -11.30 -11.85
N LEU A 154 8.02 -11.68 -11.76
CA LEU A 154 8.49 -12.42 -10.59
C LEU A 154 8.96 -11.47 -9.50
N SER A 155 9.17 -12.01 -8.31
CA SER A 155 9.61 -11.21 -7.17
C SER A 155 10.95 -10.52 -7.44
N LYS A 156 11.08 -9.29 -6.96
CA LYS A 156 12.29 -8.52 -7.15
C LYS A 156 13.27 -8.82 -6.02
N GLY A 157 12.79 -9.54 -5.01
CA GLY A 157 13.61 -9.91 -3.88
C GLY A 157 13.32 -9.12 -2.63
N TYR A 158 12.40 -8.16 -2.69
CA TYR A 158 12.06 -7.37 -1.52
C TYR A 158 10.57 -7.02 -1.43
N ALA A 159 10.07 -6.96 -0.19
CA ALA A 159 8.68 -6.65 0.05
C ALA A 159 8.49 -5.73 1.26
N PHE A 160 7.38 -5.00 1.25
CA PHE A 160 7.04 -4.08 2.33
C PHE A 160 5.82 -4.59 3.11
N CYS A 161 5.81 -4.31 4.42
CA CYS A 161 4.70 -4.76 5.25
C CYS A 161 4.57 -3.92 6.52
N GLU A 162 3.36 -3.92 7.08
CA GLU A 162 3.09 -3.16 8.30
C GLU A 162 2.06 -3.91 9.14
N TYR A 163 2.39 -4.15 10.41
CA TYR A 163 1.48 -4.86 11.32
C TYR A 163 0.42 -3.94 11.92
N VAL A 164 -0.62 -4.55 12.49
CA VAL A 164 -1.71 -3.79 13.10
C VAL A 164 -1.18 -3.17 14.40
N ASP A 165 -0.48 -3.97 15.19
CA ASP A 165 0.09 -3.52 16.46
C ASP A 165 1.55 -3.13 16.19
N ILE A 166 1.79 -1.83 16.09
CA ILE A 166 3.15 -1.31 15.83
C ILE A 166 4.26 -1.82 16.79
N ASN A 167 3.90 -2.02 18.05
CA ASN A 167 4.90 -2.52 19.01
C ASN A 167 5.51 -3.85 18.48
N VAL A 168 4.60 -4.62 17.91
CA VAL A 168 5.07 -5.92 17.37
C VAL A 168 6.08 -5.67 16.27
N THR A 169 6.02 -4.48 15.66
CA THR A 169 6.95 -4.12 14.59
C THR A 169 8.37 -4.30 15.08
N ASP A 170 8.68 -3.78 16.28
CA ASP A 170 10.04 -3.93 16.81
C ASP A 170 10.38 -5.40 17.03
N GLN A 171 9.42 -6.15 17.58
CA GLN A 171 9.65 -7.58 17.83
C GLN A 171 9.88 -8.36 16.52
N ALA A 172 9.21 -7.89 15.50
CA ALA A 172 9.32 -8.52 14.18
C ALA A 172 10.68 -8.33 13.54
N ILE A 173 11.29 -7.18 13.75
CA ILE A 173 12.61 -6.91 13.18
C ILE A 173 13.67 -7.79 13.82
N ALA A 174 13.72 -7.80 15.24
CA ALA A 174 14.69 -8.56 16.09
C ALA A 174 14.71 -10.10 15.79
N GLY A 175 13.48 -10.70 15.51
CA GLY A 175 13.39 -12.11 15.16
C GLY A 175 13.54 -12.46 13.70
N LEU A 176 13.25 -11.55 12.76
CA LEU A 176 13.37 -11.85 11.34
C LEU A 176 14.68 -11.41 10.71
N ASN A 177 15.09 -10.18 11.02
CA ASN A 177 16.34 -9.65 10.46
C ASN A 177 17.50 -10.62 10.68
N GLY A 178 18.23 -10.89 9.60
CA GLY A 178 19.37 -11.81 9.68
C GLY A 178 19.01 -13.26 9.41
N MET A 179 17.72 -13.59 9.48
CA MET A 179 17.26 -14.96 9.24
C MET A 179 17.82 -15.51 7.94
N GLN A 180 18.07 -16.82 7.91
CA GLN A 180 18.60 -17.46 6.72
C GLN A 180 17.50 -18.06 5.86
N LEU A 181 17.34 -17.52 4.65
CA LEU A 181 16.34 -18.00 3.70
C LEU A 181 17.05 -18.47 2.44
N GLY A 182 17.10 -19.78 2.25
CA GLY A 182 17.78 -20.32 1.08
C GLY A 182 19.27 -20.05 1.18
N ASP A 183 19.80 -19.29 0.24
CA ASP A 183 21.22 -18.97 0.24
C ASP A 183 21.41 -17.47 0.43
N LYS A 184 20.39 -16.82 0.98
CA LYS A 184 20.42 -15.39 1.21
C LYS A 184 20.18 -15.05 2.68
N LYS A 185 20.69 -13.89 3.11
CA LYS A 185 20.52 -13.45 4.49
C LYS A 185 19.43 -12.38 4.51
N LEU A 186 18.37 -12.67 5.23
CA LEU A 186 17.25 -11.76 5.34
C LEU A 186 17.63 -10.44 6.01
N LEU A 187 17.03 -9.38 5.50
CA LEU A 187 17.26 -8.03 6.02
C LEU A 187 15.94 -7.38 6.33
N VAL A 188 15.74 -6.85 7.53
CA VAL A 188 14.52 -6.21 7.93
C VAL A 188 14.81 -4.95 8.69
N GLN A 189 14.31 -3.79 8.27
CA GLN A 189 14.51 -2.52 8.90
C GLN A 189 13.32 -1.61 8.60
N ARG A 190 13.07 -0.63 9.46
CA ARG A 190 11.94 0.26 9.20
C ARG A 190 12.17 0.92 7.84
N ALA A 191 11.21 0.73 6.94
CA ALA A 191 11.28 1.29 5.57
C ALA A 191 11.60 2.78 5.51
N SER A 192 11.54 3.48 6.63
CA SER A 192 11.83 4.91 6.64
C SER A 192 13.02 5.22 7.54
N VAL A 193 12.76 5.25 8.84
CA VAL A 193 13.81 5.50 9.82
C VAL A 193 14.31 4.19 10.43
N GLY A 194 15.37 3.66 9.86
CA GLY A 194 15.90 2.40 10.31
C GLY A 194 16.91 1.83 9.34
N ALA A 195 18.00 1.32 9.88
CA ALA A 195 19.08 0.75 9.07
C ALA A 195 20.03 -0.05 9.95
N LYS A 196 21.12 -0.52 9.39
CA LYS A 196 22.16 -1.19 10.17
C LYS A 196 23.19 -0.17 10.65
N ASN A 197 23.12 0.13 11.93
CA ASN A 197 24.05 1.07 12.55
C ASN A 197 25.16 0.31 13.24
N ALA A 198 24.81 -0.84 13.81
CA ALA A 198 25.77 -1.67 14.51
C ALA A 198 25.73 -3.10 13.99
N ALA A 4 -8.98 16.06 -4.41
CA ALA A 4 -9.02 14.58 -4.52
C ALA A 4 -10.29 14.12 -5.23
N ARG A 5 -10.12 13.19 -6.15
CA ARG A 5 -11.19 12.74 -7.02
C ARG A 5 -10.66 11.67 -7.95
N ARG A 6 -9.50 11.14 -7.58
CA ARG A 6 -8.83 10.11 -8.36
C ARG A 6 -7.87 9.30 -7.50
N LEU A 7 -7.71 8.02 -7.83
CA LEU A 7 -6.81 7.15 -7.09
C LEU A 7 -6.06 6.21 -8.01
N TYR A 8 -4.81 5.94 -7.69
CA TYR A 8 -3.99 5.06 -8.48
C TYR A 8 -4.02 3.67 -7.87
N VAL A 9 -4.38 2.68 -8.67
CA VAL A 9 -4.45 1.30 -8.19
C VAL A 9 -3.59 0.40 -9.07
N GLY A 10 -2.40 0.06 -8.57
CA GLY A 10 -1.49 -0.79 -9.31
C GLY A 10 -1.58 -2.24 -8.89
N ASN A 11 -0.73 -3.07 -9.54
CA ASN A 11 -0.66 -4.55 -9.38
C ASN A 11 -2.09 -5.18 -9.49
N ILE A 12 -2.92 -4.63 -10.54
CA ILE A 12 -4.26 -5.13 -10.85
C ILE A 12 -4.19 -6.48 -11.58
N PRO A 13 -5.21 -7.33 -11.40
CA PRO A 13 -5.26 -8.64 -12.05
C PRO A 13 -5.16 -8.51 -13.56
N PHE A 14 -4.49 -9.46 -14.19
CA PHE A 14 -4.32 -9.43 -15.64
C PHE A 14 -5.63 -9.71 -16.37
N GLY A 15 -5.85 -8.97 -17.45
CA GLY A 15 -7.06 -9.14 -18.24
C GLY A 15 -8.32 -8.63 -17.56
N ILE A 16 -8.18 -7.99 -16.41
CA ILE A 16 -9.34 -7.47 -15.70
C ILE A 16 -10.01 -6.35 -16.51
N THR A 17 -11.33 -6.37 -16.58
CA THR A 17 -12.07 -5.36 -17.32
C THR A 17 -12.30 -4.13 -16.46
N GLU A 18 -12.46 -2.98 -17.10
CA GLU A 18 -12.70 -1.72 -16.39
C GLU A 18 -13.98 -1.82 -15.57
N GLU A 19 -15.02 -2.39 -16.17
CA GLU A 19 -16.31 -2.54 -15.47
C GLU A 19 -16.15 -3.40 -14.23
N ALA A 20 -15.43 -4.61 -14.31
CA ALA A 20 -15.22 -5.54 -13.15
C ALA A 20 -14.39 -4.85 -12.01
N MET A 21 -13.50 -3.80 -12.40
CA MET A 21 -12.81 -2.97 -11.43
C MET A 21 -13.75 -2.00 -10.73
N MET A 22 -14.76 -1.51 -11.45
CA MET A 22 -15.74 -0.56 -10.92
C MET A 22 -16.72 -1.25 -9.99
N ASP A 23 -17.34 -2.31 -10.51
CA ASP A 23 -18.31 -3.07 -9.74
C ASP A 23 -17.72 -3.56 -8.42
N PHE A 24 -16.41 -3.86 -8.41
CA PHE A 24 -15.77 -4.33 -7.18
C PHE A 24 -15.66 -3.22 -6.15
N PHE A 25 -15.07 -2.09 -6.55
CA PHE A 25 -14.90 -0.96 -5.62
C PHE A 25 -16.25 -0.43 -5.13
N ASN A 26 -17.18 -0.20 -6.04
CA ASN A 26 -18.49 0.33 -5.63
C ASN A 26 -19.12 -0.63 -4.60
N ALA A 27 -19.03 -2.01 -4.84
CA ALA A 27 -19.56 -3.05 -3.89
C ALA A 27 -18.74 -3.08 -2.57
N GLN A 28 -17.40 -2.58 -2.58
CA GLN A 28 -16.59 -2.52 -1.37
C GLN A 28 -16.98 -1.30 -0.53
N MET A 29 -17.28 -0.20 -1.24
CA MET A 29 -17.67 1.04 -0.59
C MET A 29 -19.02 0.89 0.11
N ARG A 30 -19.92 0.13 -0.50
CA ARG A 30 -21.25 -0.09 0.06
C ARG A 30 -21.23 -1.08 1.22
N LEU A 31 -20.48 -2.17 1.08
CA LEU A 31 -20.41 -3.17 2.15
C LEU A 31 -19.80 -2.57 3.40
N GLY A 32 -18.80 -1.71 3.20
CA GLY A 32 -18.14 -1.06 4.31
C GLY A 32 -18.91 0.12 4.85
N GLY A 33 -19.86 0.63 4.07
CA GLY A 33 -20.65 1.77 4.49
C GLY A 33 -19.81 3.03 4.52
N LEU A 34 -18.92 3.15 3.54
CA LEU A 34 -18.02 4.29 3.42
C LEU A 34 -18.58 5.39 2.51
N THR A 35 -19.82 5.22 2.05
CA THR A 35 -20.44 6.22 1.17
C THR A 35 -21.04 7.36 2.00
N GLN A 36 -20.96 8.58 1.48
CA GLN A 36 -21.50 9.74 2.17
C GLN A 36 -22.91 10.09 1.73
N ALA A 37 -23.30 9.57 0.57
CA ALA A 37 -24.64 9.83 0.04
C ALA A 37 -25.12 8.66 -0.83
N PRO A 38 -26.42 8.57 -1.11
CA PRO A 38 -26.97 7.49 -1.94
C PRO A 38 -26.33 7.50 -3.33
N GLY A 39 -26.10 6.32 -3.88
CA GLY A 39 -25.49 6.21 -5.19
C GLY A 39 -24.07 5.70 -5.14
N ASN A 40 -23.57 5.24 -6.27
CA ASN A 40 -22.20 4.71 -6.35
C ASN A 40 -21.16 5.83 -6.35
N PRO A 41 -20.08 5.69 -5.55
CA PRO A 41 -19.02 6.70 -5.48
C PRO A 41 -18.15 6.68 -6.73
N VAL A 42 -17.67 5.49 -7.10
CA VAL A 42 -16.82 5.32 -8.27
C VAL A 42 -17.61 5.54 -9.56
N LEU A 43 -17.43 6.73 -10.27
CA LEU A 43 -18.17 7.11 -11.55
C LEU A 43 -17.57 6.44 -12.86
N ALA A 44 -16.19 6.27 -12.89
CA ALA A 44 -15.41 5.61 -13.98
C ALA A 44 -14.06 5.01 -13.43
N VAL A 45 -13.43 4.11 -14.24
CA VAL A 45 -12.13 3.49 -13.99
C VAL A 45 -11.42 3.26 -15.33
N GLN A 46 -10.17 3.69 -15.41
CA GLN A 46 -9.38 3.53 -16.63
C GLN A 46 -8.22 2.57 -16.37
N ILE A 47 -8.10 1.54 -17.21
CA ILE A 47 -7.02 0.58 -17.00
C ILE A 47 -5.96 0.51 -18.09
N ASN A 48 -4.72 0.66 -17.66
CA ASN A 48 -3.56 0.59 -18.56
C ASN A 48 -3.05 -0.87 -18.37
N GLN A 49 -3.57 -1.75 -19.21
CA GLN A 49 -3.19 -3.16 -19.13
C GLN A 49 -1.70 -3.43 -19.09
N ASP A 50 -0.95 -2.99 -20.09
CA ASP A 50 0.49 -3.22 -20.11
C ASP A 50 1.20 -2.70 -18.86
N LYS A 51 0.91 -1.46 -18.48
CA LYS A 51 1.53 -0.86 -17.31
C LYS A 51 1.05 -1.52 -16.01
N ASN A 52 0.04 -2.37 -16.13
CA ASN A 52 -0.53 -3.09 -14.98
C ASN A 52 -1.14 -2.18 -13.91
N PHE A 53 -1.77 -1.09 -14.32
CA PHE A 53 -2.38 -0.19 -13.34
C PHE A 53 -3.69 0.41 -13.84
N ALA A 54 -4.41 1.03 -12.92
CA ALA A 54 -5.68 1.66 -13.27
C ALA A 54 -5.91 2.89 -12.40
N PHE A 55 -6.80 3.77 -12.83
CA PHE A 55 -7.10 4.97 -12.08
C PHE A 55 -8.60 5.01 -11.78
N LEU A 56 -8.94 5.23 -10.51
CA LEU A 56 -10.34 5.28 -10.10
C LEU A 56 -10.82 6.72 -10.07
N GLU A 57 -12.03 6.95 -10.58
CA GLU A 57 -12.61 8.27 -10.62
C GLU A 57 -13.83 8.33 -9.71
N PHE A 58 -13.74 9.12 -8.65
CA PHE A 58 -14.83 9.26 -7.69
C PHE A 58 -15.64 10.53 -7.93
N ARG A 59 -16.82 10.57 -7.33
CA ARG A 59 -17.72 11.72 -7.47
C ARG A 59 -17.43 12.78 -6.41
N SER A 60 -16.88 12.36 -5.28
CA SER A 60 -16.56 13.29 -4.20
C SER A 60 -15.13 13.13 -3.72
N VAL A 61 -14.62 14.17 -3.06
CA VAL A 61 -13.25 14.17 -2.55
C VAL A 61 -13.10 13.29 -1.31
N ASP A 62 -14.09 13.37 -0.42
CA ASP A 62 -14.05 12.58 0.81
C ASP A 62 -14.12 11.08 0.55
N GLU A 63 -14.97 10.68 -0.39
CA GLU A 63 -15.12 9.26 -0.72
C GLU A 63 -13.80 8.71 -1.26
N THR A 64 -13.14 9.46 -2.13
CA THR A 64 -11.86 9.02 -2.69
C THR A 64 -10.92 8.68 -1.53
N THR A 65 -10.74 9.72 -0.54
CA THR A 65 -9.90 9.64 0.73
C THR A 65 -10.36 8.41 1.60
N GLN A 66 -11.70 7.98 1.45
CA GLN A 66 -12.20 6.81 2.17
C GLN A 66 -11.80 5.48 1.52
N ALA A 67 -11.73 5.46 0.19
CA ALA A 67 -11.36 4.24 -0.52
C ALA A 67 -9.90 3.83 -0.29
N MET A 68 -9.12 4.79 0.19
CA MET A 68 -7.70 4.52 0.44
C MET A 68 -7.51 3.43 1.50
N ALA A 69 -8.56 3.20 2.29
CA ALA A 69 -8.50 2.19 3.35
C ALA A 69 -8.47 0.78 2.77
N PHE A 70 -8.68 0.66 1.46
CA PHE A 70 -8.67 -0.63 0.80
C PHE A 70 -7.31 -0.96 0.22
N ASP A 71 -6.28 -0.23 0.66
CA ASP A 71 -4.93 -0.46 0.18
C ASP A 71 -4.43 -1.85 0.62
N GLY A 72 -4.07 -2.67 -0.37
CA GLY A 72 -3.58 -4.01 -0.07
C GLY A 72 -4.65 -5.08 -0.14
N ILE A 73 -5.90 -4.67 -0.36
CA ILE A 73 -7.02 -5.62 -0.44
C ILE A 73 -6.75 -6.69 -1.50
N ILE A 74 -7.16 -7.91 -1.21
CA ILE A 74 -6.96 -9.01 -2.16
C ILE A 74 -8.08 -9.07 -3.19
N PHE A 75 -7.70 -8.97 -4.45
CA PHE A 75 -8.66 -9.01 -5.55
C PHE A 75 -8.15 -9.91 -6.67
N GLN A 76 -8.78 -11.07 -6.80
CA GLN A 76 -8.39 -12.04 -7.83
C GLN A 76 -6.95 -12.50 -7.65
N GLY A 77 -6.56 -12.76 -6.42
CA GLY A 77 -5.20 -13.23 -6.13
C GLY A 77 -4.14 -12.14 -6.13
N GLN A 78 -4.51 -10.91 -6.49
CA GLN A 78 -3.54 -9.82 -6.53
C GLN A 78 -3.79 -8.79 -5.44
N SER A 79 -2.73 -8.44 -4.70
CA SER A 79 -2.83 -7.45 -3.63
C SER A 79 -2.75 -6.05 -4.24
N LEU A 80 -3.90 -5.40 -4.38
CA LEU A 80 -3.97 -4.07 -4.96
C LEU A 80 -3.20 -3.02 -4.18
N LYS A 81 -2.51 -2.16 -4.92
CA LYS A 81 -1.72 -1.09 -4.33
C LYS A 81 -2.45 0.22 -4.63
N ILE A 82 -3.00 0.85 -3.59
CA ILE A 82 -3.73 2.10 -3.76
C ILE A 82 -2.92 3.30 -3.28
N ARG A 83 -2.80 4.28 -4.15
CA ARG A 83 -2.05 5.50 -3.85
C ARG A 83 -2.75 6.70 -4.45
N ARG A 84 -2.31 7.89 -4.09
CA ARG A 84 -2.90 9.10 -4.62
C ARG A 84 -2.19 9.48 -5.92
N PRO A 85 -2.85 10.21 -6.83
CA PRO A 85 -2.23 10.61 -8.10
C PRO A 85 -0.95 11.41 -7.89
N HIS A 86 -0.27 11.73 -8.98
CA HIS A 86 0.98 12.49 -8.91
C HIS A 86 0.71 13.99 -8.83
N ASP A 87 -0.39 14.42 -9.43
CA ASP A 87 -0.80 15.81 -9.40
C ASP A 87 -1.84 16.06 -8.31
N TYR A 88 -1.86 15.18 -7.31
CA TYR A 88 -2.93 15.20 -6.30
C TYR A 88 -2.80 16.42 -5.38
N GLN A 89 -1.60 16.99 -5.28
CA GLN A 89 -1.39 18.19 -4.50
C GLN A 89 -1.07 19.37 -5.42
N PRO A 90 -2.07 20.22 -5.69
CA PRO A 90 -1.88 21.44 -6.47
C PRO A 90 -1.43 22.60 -5.59
N LEU A 91 -0.89 22.24 -4.42
CA LEU A 91 -0.54 23.20 -3.38
C LEU A 91 -1.77 23.99 -2.98
N PRO A 92 -2.67 23.37 -2.20
CA PRO A 92 -3.95 23.96 -1.78
C PRO A 92 -3.79 24.96 -0.64
N GLY A 93 -2.80 25.85 -0.77
CA GLY A 93 -2.54 26.81 0.27
C GLY A 93 -1.92 26.15 1.49
N MET A 94 -0.81 25.47 1.29
CA MET A 94 -0.14 24.79 2.38
C MET A 94 1.06 25.60 2.86
N SER A 95 1.61 26.41 1.97
CA SER A 95 2.77 27.22 2.29
C SER A 95 2.36 28.67 2.49
N GLU A 96 2.95 29.31 3.48
CA GLU A 96 2.67 30.70 3.79
C GLU A 96 3.98 31.41 4.10
N ASN A 97 3.91 32.70 4.41
CA ASN A 97 5.11 33.47 4.73
C ASN A 97 5.78 32.93 6.00
N PRO A 98 5.04 32.81 7.14
CA PRO A 98 5.53 32.15 8.32
C PRO A 98 5.17 30.67 8.34
N SER A 99 5.50 29.99 9.44
CA SER A 99 5.16 28.57 9.62
C SER A 99 5.84 27.70 8.56
N VAL A 100 6.98 28.18 8.07
CA VAL A 100 7.71 27.48 7.02
C VAL A 100 8.47 26.28 7.57
N TYR A 101 8.61 26.24 8.89
CA TYR A 101 9.29 25.14 9.56
C TYR A 101 8.38 24.53 10.61
N VAL A 102 7.79 25.38 11.45
CA VAL A 102 6.84 24.93 12.45
C VAL A 102 5.53 25.70 12.32
N PRO A 103 4.39 25.00 12.34
CA PRO A 103 3.06 25.61 12.19
C PRO A 103 2.58 26.33 13.45
N GLY A 104 3.52 26.87 14.22
CA GLY A 104 3.18 27.55 15.44
C GLY A 104 4.20 27.28 16.53
N VAL A 105 3.79 27.45 17.78
CA VAL A 105 4.66 27.17 18.90
C VAL A 105 4.76 25.66 19.11
N VAL A 106 3.63 25.00 18.98
CA VAL A 106 3.56 23.55 19.05
C VAL A 106 3.14 22.98 17.70
N SER A 107 3.06 21.66 17.62
CA SER A 107 2.63 21.02 16.39
C SER A 107 1.85 19.75 16.72
N THR A 108 0.54 19.90 16.85
CA THR A 108 -0.32 18.77 17.17
C THR A 108 -0.58 17.92 15.94
N VAL A 109 -0.81 18.59 14.80
CA VAL A 109 -1.09 17.88 13.57
C VAL A 109 0.14 17.86 12.66
N VAL A 110 0.98 16.87 12.88
CA VAL A 110 2.17 16.65 12.05
C VAL A 110 2.30 15.17 11.74
N PRO A 111 2.61 14.83 10.49
CA PRO A 111 2.67 13.44 10.03
C PRO A 111 3.91 12.70 10.51
N ASP A 112 3.70 11.64 11.27
CA ASP A 112 4.78 10.74 11.66
C ASP A 112 4.88 9.62 10.64
N SER A 113 6.07 9.09 10.45
CA SER A 113 6.25 7.97 9.54
C SER A 113 5.48 6.76 10.05
N ALA A 114 4.94 5.97 9.13
CA ALA A 114 4.21 4.78 9.51
C ALA A 114 5.19 3.74 10.04
N HIS A 115 4.69 2.67 10.62
CA HIS A 115 5.57 1.64 11.14
C HIS A 115 5.82 0.55 10.10
N LYS A 116 5.80 0.95 8.84
CA LYS A 116 6.03 0.02 7.74
C LYS A 116 7.43 -0.57 7.82
N LEU A 117 7.51 -1.85 7.54
CA LEU A 117 8.78 -2.57 7.58
C LEU A 117 9.26 -2.98 6.20
N PHE A 118 10.58 -2.92 6.02
CA PHE A 118 11.21 -3.29 4.77
C PHE A 118 11.84 -4.65 4.97
N ILE A 119 11.61 -5.57 4.03
CA ILE A 119 12.17 -6.89 4.12
C ILE A 119 12.92 -7.23 2.83
N GLY A 120 14.20 -7.52 2.95
CA GLY A 120 14.99 -7.85 1.78
C GLY A 120 15.72 -9.16 1.92
N GLY A 121 16.46 -9.54 0.88
CA GLY A 121 17.20 -10.77 0.91
C GLY A 121 16.30 -11.97 0.68
N LEU A 122 15.05 -11.69 0.33
CA LEU A 122 14.07 -12.74 0.08
C LEU A 122 14.39 -13.51 -1.19
N PRO A 123 14.31 -14.86 -1.16
CA PRO A 123 14.57 -15.68 -2.34
C PRO A 123 13.56 -15.32 -3.44
N ASN A 124 14.01 -15.28 -4.67
CA ASN A 124 13.14 -14.95 -5.79
C ASN A 124 12.02 -15.96 -6.06
N TYR A 125 12.10 -17.16 -5.49
CA TYR A 125 11.06 -18.15 -5.73
C TYR A 125 9.83 -18.03 -4.83
N LEU A 126 9.98 -17.41 -3.66
CA LEU A 126 8.83 -17.26 -2.74
C LEU A 126 7.76 -16.34 -3.33
N ASN A 127 6.50 -16.59 -2.98
CA ASN A 127 5.39 -15.76 -3.48
C ASN A 127 4.74 -15.00 -2.33
N ASP A 128 3.66 -14.27 -2.62
CA ASP A 128 2.96 -13.48 -1.61
C ASP A 128 2.53 -14.27 -0.38
N ASP A 129 1.73 -15.42 -0.58
CA ASP A 129 1.21 -16.33 0.51
C ASP A 129 2.38 -17.02 1.32
N GLN A 130 3.64 -17.21 0.68
CA GLN A 130 4.80 -17.77 1.37
C GLN A 130 5.49 -16.71 2.23
N VAL A 131 5.75 -15.56 1.63
CA VAL A 131 6.40 -14.46 2.34
C VAL A 131 5.54 -13.99 3.51
N LYS A 132 4.27 -13.75 3.22
CA LYS A 132 3.32 -13.30 4.24
C LYS A 132 3.31 -14.24 5.44
N GLU A 133 3.46 -15.54 5.20
CA GLU A 133 3.46 -16.52 6.27
C GLU A 133 4.61 -16.26 7.23
N LEU A 134 5.82 -16.19 6.67
CA LEU A 134 7.04 -15.95 7.44
C LEU A 134 6.86 -14.72 8.34
N LEU A 135 6.10 -13.74 7.87
CA LEU A 135 5.84 -12.50 8.61
C LEU A 135 4.72 -12.64 9.63
N THR A 136 3.66 -13.34 9.22
CA THR A 136 2.50 -13.56 10.08
C THR A 136 2.84 -14.24 11.39
N SER A 137 3.92 -15.11 11.42
CA SER A 137 4.40 -15.84 12.64
C SER A 137 4.58 -14.89 13.88
N PHE A 138 4.53 -13.46 13.67
CA PHE A 138 4.70 -12.54 14.78
C PHE A 138 3.40 -11.81 15.11
N GLY A 139 2.42 -11.95 14.21
CA GLY A 139 1.14 -11.31 14.41
C GLY A 139 0.49 -10.92 13.10
N PRO A 140 -0.83 -10.67 13.09
CA PRO A 140 -1.57 -10.30 11.88
C PRO A 140 -1.02 -9.01 11.23
N LEU A 141 -1.10 -8.96 9.90
CA LEU A 141 -0.63 -7.80 9.15
C LEU A 141 -1.79 -6.92 8.71
N LYS A 142 -1.55 -5.61 8.66
CA LYS A 142 -2.57 -4.67 8.25
C LYS A 142 -2.31 -4.24 6.79
N ALA A 143 -1.05 -4.37 6.26
CA ALA A 143 -0.68 -4.00 4.87
C ALA A 143 0.58 -4.75 4.46
N PHE A 144 0.55 -5.45 3.29
CA PHE A 144 1.70 -6.19 2.77
C PHE A 144 1.77 -6.14 1.24
N ASN A 145 2.97 -5.88 0.71
CA ASN A 145 3.14 -5.83 -0.74
C ASN A 145 4.53 -6.37 -1.16
N LEU A 146 4.52 -7.36 -2.05
CA LEU A 146 5.77 -7.97 -2.53
C LEU A 146 6.06 -7.38 -3.91
N VAL A 147 7.19 -6.70 -4.05
CA VAL A 147 7.55 -6.10 -5.32
C VAL A 147 8.02 -7.10 -6.35
N LYS A 148 7.34 -7.10 -7.50
CA LYS A 148 7.66 -8.00 -8.61
C LYS A 148 8.02 -7.18 -9.85
N ASP A 149 8.91 -7.70 -10.68
CA ASP A 149 9.34 -6.99 -11.89
C ASP A 149 8.14 -6.71 -12.79
N SER A 150 8.14 -5.53 -13.41
CA SER A 150 7.07 -5.10 -14.30
C SER A 150 6.74 -6.17 -15.35
N ALA A 151 7.71 -6.48 -16.20
CA ALA A 151 7.52 -7.47 -17.25
C ALA A 151 7.63 -8.90 -16.73
N THR A 152 8.83 -9.27 -16.26
CA THR A 152 9.08 -10.61 -15.73
C THR A 152 7.91 -11.09 -14.86
N GLY A 153 7.62 -10.35 -13.80
CA GLY A 153 6.52 -10.72 -12.92
C GLY A 153 6.94 -11.47 -11.68
N LEU A 154 8.22 -11.81 -11.57
CA LEU A 154 8.72 -12.54 -10.41
C LEU A 154 9.15 -11.57 -9.31
N SER A 155 9.37 -12.11 -8.11
CA SER A 155 9.79 -11.31 -6.97
C SER A 155 11.10 -10.59 -7.24
N LYS A 156 11.20 -9.35 -6.75
CA LYS A 156 12.40 -8.54 -6.93
C LYS A 156 13.38 -8.82 -5.80
N GLY A 157 12.91 -9.56 -4.81
CA GLY A 157 13.74 -9.90 -3.67
C GLY A 157 13.41 -9.12 -2.41
N TYR A 158 12.46 -8.19 -2.48
CA TYR A 158 12.10 -7.42 -1.30
C TYR A 158 10.60 -7.12 -1.22
N ALA A 159 10.09 -7.07 0.01
CA ALA A 159 8.68 -6.79 0.25
C ALA A 159 8.47 -5.89 1.47
N PHE A 160 7.34 -5.19 1.45
CA PHE A 160 6.97 -4.28 2.54
C PHE A 160 5.77 -4.83 3.31
N CYS A 161 5.75 -4.55 4.61
CA CYS A 161 4.63 -5.04 5.44
C CYS A 161 4.47 -4.21 6.71
N GLU A 162 3.27 -4.23 7.26
CA GLU A 162 2.97 -3.48 8.48
C GLU A 162 1.96 -4.27 9.32
N TYR A 163 2.29 -4.50 10.60
CA TYR A 163 1.40 -5.24 11.50
C TYR A 163 0.31 -4.36 12.08
N VAL A 164 -0.71 -4.98 12.65
CA VAL A 164 -1.82 -4.26 13.26
C VAL A 164 -1.33 -3.62 14.56
N ASP A 165 -0.60 -4.41 15.35
CA ASP A 165 -0.05 -3.95 16.63
C ASP A 165 1.40 -3.53 16.36
N ILE A 166 1.61 -2.22 16.28
CA ILE A 166 2.95 -1.65 16.02
C ILE A 166 4.07 -2.13 16.98
N ASN A 167 3.71 -2.35 18.24
CA ASN A 167 4.73 -2.82 19.21
C ASN A 167 5.37 -4.14 18.68
N VAL A 168 4.48 -4.93 18.09
CA VAL A 168 4.98 -6.21 17.56
C VAL A 168 6.00 -5.93 16.45
N THR A 169 5.91 -4.74 15.86
CA THR A 169 6.83 -4.35 14.79
C THR A 169 8.25 -4.50 15.29
N ASP A 170 8.54 -3.97 16.48
CA ASP A 170 9.91 -4.08 17.02
C ASP A 170 10.28 -5.55 17.24
N GLN A 171 9.34 -6.32 17.78
CA GLN A 171 9.61 -7.74 18.04
C GLN A 171 9.87 -8.51 16.73
N ALA A 172 9.19 -8.05 15.70
CA ALA A 172 9.32 -8.69 14.38
C ALA A 172 10.69 -8.46 13.74
N ILE A 173 11.26 -7.29 13.97
CA ILE A 173 12.57 -6.98 13.40
C ILE A 173 13.66 -7.83 14.04
N ALA A 174 13.70 -7.84 15.46
CA ALA A 174 14.69 -8.58 16.31
C ALA A 174 14.75 -10.11 16.00
N GLY A 175 13.53 -10.76 15.72
CA GLY A 175 13.49 -12.16 15.37
C GLY A 175 13.65 -12.50 13.90
N LEU A 176 13.34 -11.61 12.97
CA LEU A 176 13.47 -11.89 11.54
C LEU A 176 14.77 -11.41 10.93
N ASN A 177 15.16 -10.17 11.24
CA ASN A 177 16.39 -9.61 10.69
C ASN A 177 17.57 -10.55 10.90
N GLY A 178 18.32 -10.80 9.84
CA GLY A 178 19.48 -11.68 9.92
C GLY A 178 19.16 -13.14 9.64
N MET A 179 17.89 -13.50 9.71
CA MET A 179 17.47 -14.88 9.47
C MET A 179 18.04 -15.42 8.16
N GLN A 180 18.33 -16.72 8.13
CA GLN A 180 18.89 -17.35 6.94
C GLN A 180 17.80 -17.97 6.07
N LEU A 181 17.65 -17.44 4.86
CA LEU A 181 16.65 -17.92 3.90
C LEU A 181 17.38 -18.39 2.65
N GLY A 182 17.47 -19.69 2.46
CA GLY A 182 18.16 -20.21 1.29
C GLY A 182 19.64 -19.89 1.40
N ASP A 183 20.17 -19.12 0.45
CA ASP A 183 21.57 -18.76 0.47
C ASP A 183 21.72 -17.25 0.65
N LYS A 184 20.68 -16.64 1.21
CA LYS A 184 20.66 -15.21 1.44
C LYS A 184 20.40 -14.87 2.91
N LYS A 185 20.89 -13.71 3.35
CA LYS A 185 20.71 -13.28 4.73
C LYS A 185 19.58 -12.24 4.75
N LEU A 186 18.52 -12.56 5.47
CA LEU A 186 17.38 -11.67 5.57
C LEU A 186 17.72 -10.35 6.24
N LEU A 187 17.09 -9.30 5.74
CA LEU A 187 17.29 -7.96 6.25
C LEU A 187 15.95 -7.35 6.56
N VAL A 188 15.73 -6.82 7.76
CA VAL A 188 14.48 -6.20 8.15
C VAL A 188 14.74 -4.94 8.92
N GLN A 189 14.21 -3.81 8.50
CA GLN A 189 14.36 -2.53 9.13
C GLN A 189 13.15 -1.65 8.84
N ARG A 190 12.87 -0.68 9.71
CA ARG A 190 11.72 0.18 9.44
C ARG A 190 11.93 0.85 8.07
N ALA A 191 10.99 0.64 7.17
CA ALA A 191 11.05 1.20 5.81
C ALA A 191 11.33 2.70 5.75
N SER A 192 11.24 3.39 6.87
CA SER A 192 11.49 4.83 6.89
C SER A 192 12.66 5.18 7.79
N VAL A 193 12.41 5.20 9.09
CA VAL A 193 13.44 5.55 10.06
C VAL A 193 13.56 4.47 11.13
N GLY A 194 14.78 4.20 11.54
CA GLY A 194 15.03 3.18 12.53
C GLY A 194 16.41 2.58 12.37
N ALA A 195 16.60 1.80 11.32
CA ALA A 195 17.90 1.22 11.03
C ALA A 195 18.58 1.98 9.91
N LYS A 196 19.67 2.66 10.27
CA LYS A 196 20.42 3.50 9.33
C LYS A 196 21.74 3.86 9.95
N ASN A 197 21.68 4.46 11.12
CA ASN A 197 22.86 4.77 11.90
C ASN A 197 23.13 3.64 12.88
N ALA A 198 22.06 3.14 13.47
CA ALA A 198 22.13 2.01 14.39
C ALA A 198 21.03 1.01 14.09
N ALA A 4 -7.73 15.17 -6.65
CA ALA A 4 -8.32 14.70 -5.38
C ALA A 4 -9.30 13.54 -5.60
N ARG A 5 -10.17 13.68 -6.60
CA ARG A 5 -11.19 12.67 -6.88
C ARG A 5 -10.63 11.59 -7.81
N ARG A 6 -9.46 11.07 -7.45
CA ARG A 6 -8.79 10.03 -8.22
C ARG A 6 -7.84 9.22 -7.36
N LEU A 7 -7.68 7.95 -7.70
CA LEU A 7 -6.79 7.07 -6.94
C LEU A 7 -6.03 6.13 -7.87
N TYR A 8 -4.79 5.86 -7.53
CA TYR A 8 -3.95 4.98 -8.31
C TYR A 8 -4.00 3.58 -7.71
N VAL A 9 -4.35 2.60 -8.53
CA VAL A 9 -4.43 1.22 -8.07
C VAL A 9 -3.56 0.32 -8.94
N GLY A 10 -2.37 -0.02 -8.42
CA GLY A 10 -1.46 -0.86 -9.15
C GLY A 10 -1.55 -2.32 -8.75
N ASN A 11 -0.69 -3.14 -9.39
CA ASN A 11 -0.63 -4.64 -9.23
C ASN A 11 -2.07 -5.25 -9.40
N ILE A 12 -2.87 -4.70 -10.44
CA ILE A 12 -4.20 -5.19 -10.78
C ILE A 12 -4.13 -6.52 -11.52
N PRO A 13 -5.16 -7.38 -11.37
CA PRO A 13 -5.19 -8.69 -12.03
C PRO A 13 -5.07 -8.54 -13.54
N PHE A 14 -4.39 -9.48 -14.18
CA PHE A 14 -4.20 -9.44 -15.62
C PHE A 14 -5.50 -9.71 -16.37
N GLY A 15 -5.70 -8.96 -17.45
CA GLY A 15 -6.91 -9.12 -18.25
C GLY A 15 -8.17 -8.62 -17.59
N ILE A 16 -8.04 -7.98 -16.44
CA ILE A 16 -9.22 -7.47 -15.74
C ILE A 16 -9.87 -6.34 -16.55
N THR A 17 -11.19 -6.36 -16.64
CA THR A 17 -11.92 -5.34 -17.38
C THR A 17 -12.17 -4.11 -16.52
N GLU A 18 -12.31 -2.96 -17.15
CA GLU A 18 -12.55 -1.71 -16.43
C GLU A 18 -13.85 -1.81 -15.62
N GLU A 19 -14.89 -2.38 -16.25
CA GLU A 19 -16.17 -2.52 -15.58
C GLU A 19 -16.04 -3.40 -14.34
N ALA A 20 -15.33 -4.62 -14.43
CA ALA A 20 -15.13 -5.55 -13.26
C ALA A 20 -14.32 -4.87 -12.11
N MET A 21 -13.42 -3.82 -12.46
CA MET A 21 -12.74 -3.00 -11.47
C MET A 21 -13.70 -2.03 -10.79
N MET A 22 -14.69 -1.53 -11.52
CA MET A 22 -15.68 -0.59 -11.00
C MET A 22 -16.68 -1.29 -10.09
N ASP A 23 -17.29 -2.33 -10.62
CA ASP A 23 -18.27 -3.11 -9.87
C ASP A 23 -17.70 -3.60 -8.55
N PHE A 24 -16.39 -3.91 -8.52
CA PHE A 24 -15.78 -4.40 -7.29
C PHE A 24 -15.67 -3.29 -6.25
N PHE A 25 -15.08 -2.16 -6.62
CA PHE A 25 -14.92 -1.05 -5.69
C PHE A 25 -16.27 -0.51 -5.21
N ASN A 26 -17.20 -0.26 -6.13
CA ASN A 26 -18.52 0.25 -5.74
C ASN A 26 -19.16 -0.71 -4.73
N ALA A 27 -19.07 -2.09 -4.98
CA ALA A 27 -19.61 -3.14 -4.05
C ALA A 27 -18.80 -3.19 -2.72
N GLN A 28 -17.46 -2.69 -2.70
CA GLN A 28 -16.68 -2.63 -1.47
C GLN A 28 -17.09 -1.42 -0.64
N MET A 29 -17.37 -0.32 -1.33
CA MET A 29 -17.77 0.92 -0.68
C MET A 29 -19.12 0.76 0.00
N ARG A 30 -20.02 0.02 -0.64
CA ARG A 30 -21.36 -0.21 -0.10
C ARG A 30 -21.35 -1.21 1.06
N LEU A 31 -20.61 -2.30 0.92
CA LEU A 31 -20.56 -3.31 1.97
C LEU A 31 -19.96 -2.72 3.25
N GLY A 32 -18.97 -1.86 3.05
CA GLY A 32 -18.32 -1.23 4.19
C GLY A 32 -19.10 -0.04 4.73
N GLY A 33 -20.03 0.48 3.94
CA GLY A 33 -20.83 1.62 4.36
C GLY A 33 -19.98 2.87 4.41
N LEU A 34 -19.07 2.99 3.45
CA LEU A 34 -18.18 4.14 3.35
C LEU A 34 -18.72 5.24 2.45
N THR A 35 -19.95 5.08 1.96
CA THR A 35 -20.56 6.09 1.08
C THR A 35 -21.17 7.21 1.91
N GLN A 36 -21.07 8.45 1.40
CA GLN A 36 -21.61 9.60 2.11
C GLN A 36 -23.02 9.96 1.64
N ALA A 37 -23.40 9.46 0.47
CA ALA A 37 -24.72 9.72 -0.08
C ALA A 37 -25.19 8.57 -0.96
N PRO A 38 -26.50 8.48 -1.26
CA PRO A 38 -27.03 7.41 -2.11
C PRO A 38 -26.36 7.42 -3.49
N GLY A 39 -26.14 6.24 -4.05
CA GLY A 39 -25.51 6.16 -5.36
C GLY A 39 -24.08 5.64 -5.29
N ASN A 40 -23.56 5.18 -6.41
CA ASN A 40 -22.19 4.66 -6.48
C ASN A 40 -21.16 5.78 -6.45
N PRO A 41 -20.09 5.63 -5.64
CA PRO A 41 -19.03 6.63 -5.54
C PRO A 41 -18.13 6.61 -6.78
N VAL A 42 -17.65 5.43 -7.14
CA VAL A 42 -16.79 5.27 -8.31
C VAL A 42 -17.56 5.49 -9.60
N LEU A 43 -17.35 6.69 -10.31
CA LEU A 43 -18.08 7.08 -11.59
C LEU A 43 -17.45 6.44 -12.90
N ALA A 44 -16.08 6.26 -12.90
CA ALA A 44 -15.27 5.62 -13.99
C ALA A 44 -13.94 5.01 -13.41
N VAL A 45 -13.31 4.10 -14.22
CA VAL A 45 -12.01 3.48 -13.97
C VAL A 45 -11.28 3.26 -15.30
N GLN A 46 -10.03 3.68 -15.36
CA GLN A 46 -9.22 3.53 -16.57
C GLN A 46 -8.06 2.57 -16.31
N ILE A 47 -7.94 1.55 -17.15
CA ILE A 47 -6.86 0.59 -16.94
C ILE A 47 -5.78 0.52 -18.00
N ASN A 48 -4.54 0.67 -17.55
CA ASN A 48 -3.37 0.60 -18.43
C ASN A 48 -2.88 -0.86 -18.24
N GLN A 49 -3.38 -1.72 -19.10
CA GLN A 49 -3.00 -3.13 -19.03
C GLN A 49 -1.51 -3.42 -18.96
N ASP A 50 -0.76 -2.96 -19.95
CA ASP A 50 0.68 -3.20 -19.95
C ASP A 50 1.38 -2.70 -18.69
N LYS A 51 1.09 -1.46 -18.30
CA LYS A 51 1.70 -0.87 -17.11
C LYS A 51 1.19 -1.54 -15.82
N ASN A 52 0.17 -2.38 -15.97
CA ASN A 52 -0.42 -3.10 -14.84
C ASN A 52 -1.04 -2.21 -13.77
N PHE A 53 -1.66 -1.11 -14.18
CA PHE A 53 -2.28 -0.22 -13.19
C PHE A 53 -3.58 0.39 -13.72
N ALA A 54 -4.30 1.00 -12.80
CA ALA A 54 -5.57 1.63 -13.15
C ALA A 54 -5.82 2.85 -12.29
N PHE A 55 -6.71 3.75 -12.73
CA PHE A 55 -7.01 4.94 -11.96
C PHE A 55 -8.51 4.98 -11.68
N LEU A 56 -8.87 5.18 -10.43
CA LEU A 56 -10.27 5.23 -10.04
C LEU A 56 -10.75 6.67 -10.00
N GLU A 57 -11.95 6.90 -10.52
CA GLU A 57 -12.53 8.24 -10.56
C GLU A 57 -13.77 8.28 -9.66
N PHE A 58 -13.69 9.07 -8.60
CA PHE A 58 -14.80 9.20 -7.66
C PHE A 58 -15.60 10.47 -7.91
N ARG A 59 -16.80 10.52 -7.32
CA ARG A 59 -17.68 11.67 -7.46
C ARG A 59 -17.41 12.71 -6.39
N SER A 60 -16.88 12.28 -5.24
CA SER A 60 -16.57 13.20 -4.15
C SER A 60 -15.14 13.04 -3.65
N VAL A 61 -14.65 14.06 -2.98
CA VAL A 61 -13.29 14.06 -2.45
C VAL A 61 -13.17 13.17 -1.21
N ASP A 62 -14.15 13.24 -0.34
CA ASP A 62 -14.15 12.44 0.89
C ASP A 62 -14.21 10.94 0.60
N GLU A 63 -15.05 10.55 -0.35
CA GLU A 63 -15.19 9.13 -0.70
C GLU A 63 -13.87 8.58 -1.21
N THR A 64 -13.19 9.34 -2.07
CA THR A 64 -11.92 8.91 -2.61
C THR A 64 -10.98 8.56 -1.44
N THR A 65 -10.82 9.58 -0.45
CA THR A 65 -10.00 9.50 0.82
C THR A 65 -10.48 8.26 1.69
N GLN A 66 -11.82 7.83 1.52
CA GLN A 66 -12.33 6.65 2.22
C GLN A 66 -11.92 5.33 1.57
N ALA A 67 -11.83 5.32 0.24
CA ALA A 67 -11.45 4.10 -0.48
C ALA A 67 -10.00 3.69 -0.23
N MET A 68 -9.23 4.65 0.27
CA MET A 68 -7.81 4.37 0.53
C MET A 68 -7.64 3.27 1.59
N ALA A 69 -8.69 3.04 2.37
CA ALA A 69 -8.66 2.01 3.41
C ALA A 69 -8.62 0.61 2.82
N PHE A 70 -8.81 0.50 1.51
CA PHE A 70 -8.80 -0.78 0.83
C PHE A 70 -7.42 -1.11 0.27
N ASP A 71 -6.41 -0.39 0.74
CA ASP A 71 -5.04 -0.62 0.28
C ASP A 71 -4.55 -2.01 0.70
N GLY A 72 -4.19 -2.83 -0.27
CA GLY A 72 -3.70 -4.16 0.01
C GLY A 72 -4.77 -5.23 -0.09
N ILE A 73 -6.01 -4.82 -0.31
CA ILE A 73 -7.12 -5.76 -0.43
C ILE A 73 -6.85 -6.82 -1.49
N ILE A 74 -7.27 -8.05 -1.22
CA ILE A 74 -7.06 -9.14 -2.17
C ILE A 74 -8.17 -9.18 -3.22
N PHE A 75 -7.76 -9.07 -4.48
CA PHE A 75 -8.70 -9.10 -5.59
C PHE A 75 -8.17 -10.00 -6.71
N GLN A 76 -8.79 -11.16 -6.86
CA GLN A 76 -8.40 -12.11 -7.89
C GLN A 76 -6.96 -12.58 -7.71
N GLY A 77 -6.59 -12.85 -6.45
CA GLY A 77 -5.24 -13.32 -6.15
C GLY A 77 -4.18 -12.24 -6.13
N GLN A 78 -4.54 -11.01 -6.49
CA GLN A 78 -3.56 -9.92 -6.50
C GLN A 78 -3.84 -8.90 -5.40
N SER A 79 -2.79 -8.55 -4.65
CA SER A 79 -2.90 -7.57 -3.57
C SER A 79 -2.80 -6.17 -4.17
N LEU A 80 -3.95 -5.52 -4.32
CA LEU A 80 -4.01 -4.18 -4.88
C LEU A 80 -3.25 -3.14 -4.08
N LYS A 81 -2.55 -2.28 -4.80
CA LYS A 81 -1.76 -1.21 -4.19
C LYS A 81 -2.48 0.12 -4.49
N ILE A 82 -3.06 0.73 -3.46
CA ILE A 82 -3.77 1.98 -3.62
C ILE A 82 -2.98 3.16 -3.11
N ARG A 83 -2.82 4.17 -3.98
CA ARG A 83 -2.09 5.37 -3.65
C ARG A 83 -2.78 6.59 -4.26
N ARG A 84 -2.33 7.76 -3.89
CA ARG A 84 -2.92 8.99 -4.41
C ARG A 84 -2.18 9.37 -5.69
N PRO A 85 -2.83 10.12 -6.60
CA PRO A 85 -2.19 10.53 -7.85
C PRO A 85 -0.91 11.32 -7.61
N HIS A 86 -0.22 11.64 -8.70
CA HIS A 86 1.03 12.39 -8.63
C HIS A 86 0.80 13.83 -9.05
N ASP A 87 0.76 14.06 -10.36
CA ASP A 87 0.50 15.39 -10.95
C ASP A 87 1.32 16.47 -10.27
N TYR A 88 0.69 17.18 -9.33
CA TYR A 88 1.37 18.22 -8.58
C TYR A 88 2.18 17.59 -7.45
N GLN A 89 1.47 17.11 -6.44
CA GLN A 89 2.09 16.44 -5.30
C GLN A 89 1.05 15.59 -4.58
N PRO A 90 1.36 14.31 -4.32
CA PRO A 90 0.47 13.39 -3.60
C PRO A 90 0.04 13.96 -2.25
N LEU A 91 1.01 14.49 -1.51
CA LEU A 91 0.73 15.11 -0.22
C LEU A 91 1.02 16.61 -0.27
N PRO A 92 -0.03 17.43 -0.44
CA PRO A 92 0.11 18.87 -0.49
C PRO A 92 0.19 19.50 0.91
N GLY A 93 1.32 20.13 1.19
CA GLY A 93 1.47 20.83 2.44
C GLY A 93 1.10 22.28 2.30
N MET A 94 1.55 22.89 1.22
CA MET A 94 1.25 24.28 0.91
C MET A 94 1.20 24.46 -0.60
N SER A 95 0.65 25.58 -1.04
CA SER A 95 0.57 25.87 -2.46
C SER A 95 1.30 27.15 -2.80
N GLU A 96 0.90 28.26 -2.17
CA GLU A 96 1.53 29.55 -2.42
C GLU A 96 1.77 30.29 -1.11
N ASN A 97 1.08 29.87 -0.06
CA ASN A 97 1.20 30.52 1.24
C ASN A 97 2.01 29.64 2.18
N PRO A 98 2.78 30.25 3.10
CA PRO A 98 3.62 29.51 4.05
C PRO A 98 2.85 28.40 4.76
N SER A 99 1.68 28.75 5.30
CA SER A 99 0.82 27.80 6.00
C SER A 99 1.43 27.36 7.33
N VAL A 100 0.61 26.83 8.22
CA VAL A 100 1.04 26.40 9.55
C VAL A 100 1.46 27.59 10.40
N TYR A 101 0.57 28.02 11.27
CA TYR A 101 0.83 29.15 12.14
C TYR A 101 1.31 28.67 13.50
N VAL A 102 0.58 27.70 14.06
CA VAL A 102 0.96 27.12 15.34
C VAL A 102 1.86 25.92 15.13
N PRO A 103 2.90 25.77 15.99
CA PRO A 103 3.89 24.69 15.85
C PRO A 103 3.27 23.30 15.86
N GLY A 104 2.43 23.05 16.87
CA GLY A 104 1.84 21.73 17.00
C GLY A 104 2.87 20.69 17.39
N VAL A 105 3.80 21.09 18.25
CA VAL A 105 4.87 20.20 18.67
C VAL A 105 4.52 19.55 20.01
N VAL A 106 3.51 20.09 20.66
CA VAL A 106 3.02 19.54 21.91
C VAL A 106 2.07 18.38 21.64
N SER A 107 1.79 17.60 22.67
CA SER A 107 0.91 16.42 22.58
C SER A 107 1.33 15.51 21.43
N THR A 108 2.28 14.63 21.70
CA THR A 108 2.80 13.73 20.69
C THR A 108 1.74 12.74 20.22
N VAL A 109 1.16 13.04 19.06
CA VAL A 109 0.18 12.16 18.44
C VAL A 109 0.74 11.60 17.14
N VAL A 110 1.22 12.52 16.29
CA VAL A 110 1.82 12.16 15.01
C VAL A 110 0.79 11.50 14.08
N PRO A 111 0.07 12.32 13.30
CA PRO A 111 -0.90 11.82 12.32
C PRO A 111 -0.25 10.96 11.25
N ASP A 112 0.88 11.42 10.72
CA ASP A 112 1.61 10.68 9.71
C ASP A 112 2.51 9.65 10.36
N SER A 113 1.95 8.47 10.58
CA SER A 113 2.68 7.40 11.24
C SER A 113 2.30 6.07 10.59
N ALA A 114 3.23 5.12 10.60
CA ALA A 114 2.99 3.83 9.99
C ALA A 114 3.71 2.72 10.74
N HIS A 115 5.06 2.72 10.64
CA HIS A 115 5.92 1.67 11.15
C HIS A 115 6.14 0.58 10.10
N LYS A 116 6.12 0.98 8.84
CA LYS A 116 6.31 0.05 7.73
C LYS A 116 7.70 -0.56 7.80
N LEU A 117 7.76 -1.85 7.52
CA LEU A 117 9.01 -2.59 7.54
C LEU A 117 9.48 -3.00 6.15
N PHE A 118 10.79 -2.97 5.97
CA PHE A 118 11.39 -3.34 4.70
C PHE A 118 12.01 -4.72 4.88
N ILE A 119 11.74 -5.63 3.95
CA ILE A 119 12.29 -6.97 4.04
C ILE A 119 13.00 -7.31 2.74
N GLY A 120 14.28 -7.63 2.84
CA GLY A 120 15.06 -7.96 1.66
C GLY A 120 15.77 -9.29 1.78
N GLY A 121 16.49 -9.68 0.73
CA GLY A 121 17.20 -10.93 0.75
C GLY A 121 16.28 -12.11 0.54
N LEU A 122 15.04 -11.82 0.19
CA LEU A 122 14.04 -12.84 -0.04
C LEU A 122 14.32 -13.61 -1.32
N PRO A 123 14.21 -14.95 -1.29
CA PRO A 123 14.45 -15.78 -2.48
C PRO A 123 13.43 -15.40 -3.56
N ASN A 124 13.87 -15.37 -4.80
CA ASN A 124 12.99 -15.01 -5.91
C ASN A 124 11.85 -16.00 -6.17
N TYR A 125 11.92 -17.20 -5.60
CA TYR A 125 10.85 -18.18 -5.83
C TYR A 125 9.63 -18.04 -4.92
N LEU A 126 9.81 -17.42 -3.75
CA LEU A 126 8.68 -17.25 -2.83
C LEU A 126 7.61 -16.30 -3.40
N ASN A 127 6.35 -16.53 -3.03
CA ASN A 127 5.26 -15.69 -3.52
C ASN A 127 4.62 -14.92 -2.36
N ASP A 128 3.57 -14.16 -2.63
CA ASP A 128 2.89 -13.37 -1.60
C ASP A 128 2.45 -14.16 -0.38
N ASP A 129 1.64 -15.28 -0.57
CA ASP A 129 1.11 -16.19 0.51
C ASP A 129 2.27 -16.89 1.32
N GLN A 130 3.52 -17.11 0.66
CA GLN A 130 4.67 -17.70 1.34
C GLN A 130 5.40 -16.65 2.19
N VAL A 131 5.67 -15.49 1.60
CA VAL A 131 6.35 -14.42 2.30
C VAL A 131 5.52 -13.93 3.47
N LYS A 132 4.24 -13.68 3.21
CA LYS A 132 3.32 -13.20 4.23
C LYS A 132 3.30 -14.14 5.43
N GLU A 133 3.42 -15.44 5.18
CA GLU A 133 3.42 -16.42 6.25
C GLU A 133 4.60 -16.20 7.19
N LEU A 134 5.79 -16.15 6.63
CA LEU A 134 7.01 -15.93 7.38
C LEU A 134 6.87 -14.70 8.30
N LEU A 135 6.12 -13.70 7.83
CA LEU A 135 5.90 -12.46 8.57
C LEU A 135 4.78 -12.59 9.61
N THR A 136 3.71 -13.26 9.22
CA THR A 136 2.55 -13.46 10.08
C THR A 136 2.89 -14.15 11.39
N SER A 137 3.97 -15.03 11.41
CA SER A 137 4.45 -15.78 12.61
C SER A 137 4.66 -14.85 13.85
N PHE A 138 4.62 -13.41 13.65
CA PHE A 138 4.82 -12.49 14.76
C PHE A 138 3.53 -11.75 15.10
N GLY A 139 2.55 -11.85 14.22
CA GLY A 139 1.29 -11.20 14.43
C GLY A 139 0.63 -10.81 13.12
N PRO A 140 -0.69 -10.52 13.14
CA PRO A 140 -1.43 -10.13 11.93
C PRO A 140 -0.88 -8.85 11.29
N LEU A 141 -0.96 -8.80 9.95
CA LEU A 141 -0.47 -7.64 9.20
C LEU A 141 -1.63 -6.73 8.77
N LYS A 142 -1.37 -5.43 8.72
CA LYS A 142 -2.37 -4.47 8.33
C LYS A 142 -2.12 -4.05 6.87
N ALA A 143 -0.87 -4.20 6.32
CA ALA A 143 -0.50 -3.82 4.92
C ALA A 143 0.75 -4.60 4.50
N PHE A 144 0.68 -5.30 3.34
CA PHE A 144 1.81 -6.07 2.80
C PHE A 144 1.86 -6.02 1.27
N ASN A 145 3.06 -5.78 0.72
CA ASN A 145 3.23 -5.72 -0.73
C ASN A 145 4.59 -6.29 -1.16
N LEU A 146 4.56 -7.28 -2.05
CA LEU A 146 5.79 -7.91 -2.55
C LEU A 146 6.08 -7.32 -3.93
N VAL A 147 7.22 -6.66 -4.08
CA VAL A 147 7.57 -6.06 -5.36
C VAL A 147 8.02 -7.07 -6.40
N LYS A 148 7.31 -7.06 -7.54
CA LYS A 148 7.61 -7.96 -8.65
C LYS A 148 7.97 -7.14 -9.89
N ASP A 149 8.85 -7.68 -10.73
CA ASP A 149 9.27 -6.97 -11.94
C ASP A 149 8.07 -6.66 -12.84
N SER A 150 8.09 -5.48 -13.44
CA SER A 150 7.02 -5.03 -14.33
C SER A 150 6.65 -6.08 -15.39
N ALA A 151 7.61 -6.42 -16.23
CA ALA A 151 7.39 -7.40 -17.29
C ALA A 151 7.49 -8.83 -16.78
N THR A 152 8.67 -9.22 -16.31
CA THR A 152 8.90 -10.57 -15.78
C THR A 152 7.74 -11.03 -14.91
N GLY A 153 7.47 -10.28 -13.85
CA GLY A 153 6.38 -10.63 -12.96
C GLY A 153 6.80 -11.39 -11.71
N LEU A 154 8.07 -11.77 -11.63
CA LEU A 154 8.56 -12.51 -10.47
C LEU A 154 9.02 -11.56 -9.38
N SER A 155 9.25 -12.10 -8.19
CA SER A 155 9.69 -11.32 -7.05
C SER A 155 11.02 -10.61 -7.34
N LYS A 156 11.14 -9.37 -6.84
CA LYS A 156 12.35 -8.59 -7.02
C LYS A 156 13.34 -8.89 -5.90
N GLY A 157 12.87 -9.63 -4.91
CA GLY A 157 13.71 -9.98 -3.78
C GLY A 157 13.41 -9.20 -2.51
N TYR A 158 12.48 -8.25 -2.57
CA TYR A 158 12.14 -7.47 -1.39
C TYR A 158 10.65 -7.14 -1.29
N ALA A 159 10.16 -7.09 -0.05
CA ALA A 159 8.76 -6.79 0.20
C ALA A 159 8.57 -5.88 1.42
N PHE A 160 7.45 -5.17 1.42
CA PHE A 160 7.12 -4.25 2.51
C PHE A 160 5.91 -4.78 3.29
N CYS A 161 5.91 -4.51 4.60
CA CYS A 161 4.80 -4.97 5.44
C CYS A 161 4.67 -4.14 6.71
N GLU A 162 3.47 -4.14 7.28
CA GLU A 162 3.20 -3.39 8.50
C GLU A 162 2.18 -4.16 9.36
N TYR A 163 2.51 -4.40 10.62
CA TYR A 163 1.63 -5.13 11.53
C TYR A 163 0.56 -4.22 12.13
N VAL A 164 -0.47 -4.84 12.71
CA VAL A 164 -1.56 -4.10 13.33
C VAL A 164 -1.03 -3.47 14.62
N ASP A 165 -0.31 -4.28 15.41
CA ASP A 165 0.26 -3.83 16.68
C ASP A 165 1.71 -3.43 16.40
N ILE A 166 1.94 -2.12 16.31
CA ILE A 166 3.28 -1.58 16.04
C ILE A 166 4.41 -2.09 16.99
N ASN A 167 4.06 -2.30 18.25
CA ASN A 167 5.07 -2.79 19.21
C ASN A 167 5.69 -4.12 18.67
N VAL A 168 4.78 -4.89 18.10
CA VAL A 168 5.26 -6.19 17.55
C VAL A 168 6.27 -5.92 16.44
N THR A 169 6.20 -4.72 15.85
CA THR A 169 7.10 -4.35 14.77
C THR A 169 8.54 -4.53 15.25
N ASP A 170 8.85 -4.01 16.44
CA ASP A 170 10.21 -4.14 16.97
C ASP A 170 10.57 -5.62 17.18
N GLN A 171 9.61 -6.37 17.72
CA GLN A 171 9.86 -7.81 17.97
C GLN A 171 10.09 -8.58 16.67
N ALA A 172 9.40 -8.10 15.64
CA ALA A 172 9.51 -8.74 14.32
C ALA A 172 10.87 -8.53 13.67
N ILE A 173 11.47 -7.37 13.89
CA ILE A 173 12.78 -7.08 13.30
C ILE A 173 13.86 -7.96 13.93
N ALA A 174 13.91 -7.97 15.35
CA ALA A 174 14.90 -8.74 16.19
C ALA A 174 14.93 -10.27 15.87
N GLY A 175 13.70 -10.89 15.61
CA GLY A 175 13.63 -12.29 15.25
C GLY A 175 13.76 -12.63 13.78
N LEU A 176 13.47 -11.73 12.85
CA LEU A 176 13.57 -12.01 11.44
C LEU A 176 14.87 -11.54 10.79
N ASN A 177 15.28 -10.32 11.10
CA ASN A 177 16.52 -9.77 10.55
C ASN A 177 17.69 -10.74 10.75
N GLY A 178 18.42 -11.00 9.67
CA GLY A 178 19.56 -11.91 9.74
C GLY A 178 19.22 -13.35 9.46
N MET A 179 17.93 -13.70 9.53
CA MET A 179 17.48 -15.07 9.30
C MET A 179 18.04 -15.61 7.99
N GLN A 180 18.29 -16.92 7.95
CA GLN A 180 18.83 -17.55 6.75
C GLN A 180 17.72 -18.15 5.90
N LEU A 181 17.57 -17.61 4.69
CA LEU A 181 16.55 -18.09 3.74
C LEU A 181 17.26 -18.55 2.48
N GLY A 182 17.33 -19.86 2.28
CA GLY A 182 17.99 -20.39 1.11
C GLY A 182 19.48 -20.11 1.20
N ASP A 183 20.00 -19.33 0.25
CA ASP A 183 21.42 -19.00 0.24
C ASP A 183 21.59 -17.49 0.43
N LYS A 184 20.57 -16.86 1.01
CA LYS A 184 20.59 -15.42 1.24
C LYS A 184 20.35 -15.10 2.71
N LYS A 185 20.87 -13.94 3.14
CA LYS A 185 20.71 -13.51 4.52
C LYS A 185 19.60 -12.45 4.56
N LEU A 186 18.54 -12.76 5.29
CA LEU A 186 17.41 -11.84 5.41
C LEU A 186 17.79 -10.53 6.08
N LEU A 187 17.17 -9.47 5.59
CA LEU A 187 17.40 -8.13 6.10
C LEU A 187 16.07 -7.49 6.43
N VAL A 188 15.88 -6.96 7.64
CA VAL A 188 14.65 -6.33 8.03
C VAL A 188 14.93 -5.08 8.81
N GLN A 189 14.42 -3.92 8.40
CA GLN A 189 14.61 -2.66 9.04
C GLN A 189 13.40 -1.76 8.75
N ARG A 190 13.16 -0.79 9.63
CA ARG A 190 12.02 0.10 9.37
C ARG A 190 12.24 0.77 8.00
N ALA A 191 11.28 0.58 7.11
CA ALA A 191 11.33 1.14 5.74
C ALA A 191 11.64 2.64 5.69
N SER A 192 11.58 3.33 6.82
CA SER A 192 11.85 4.76 6.83
C SER A 192 13.04 5.08 7.73
N VAL A 193 12.80 5.12 9.04
CA VAL A 193 13.81 5.42 10.02
C VAL A 193 13.52 4.69 11.32
N GLY A 194 14.53 4.50 12.14
CA GLY A 194 14.33 3.86 13.42
C GLY A 194 13.90 4.86 14.49
N ALA A 195 12.74 5.45 14.29
CA ALA A 195 12.22 6.46 15.22
C ALA A 195 11.81 5.82 16.54
N LYS A 196 12.67 5.95 17.54
CA LYS A 196 12.41 5.37 18.85
C LYS A 196 12.54 6.42 19.92
N ASN A 197 11.69 6.32 20.95
CA ASN A 197 11.67 7.24 22.08
C ASN A 197 11.14 8.60 21.66
N ALA A 198 9.88 8.85 21.98
CA ALA A 198 9.25 10.13 21.66
C ALA A 198 8.27 10.55 22.77
N ALA A 4 -8.45 16.28 -8.06
CA ALA A 4 -9.23 15.66 -6.96
C ALA A 4 -10.25 14.68 -7.53
N ARG A 5 -10.95 13.96 -6.63
CA ARG A 5 -11.93 12.95 -7.05
C ARG A 5 -11.30 11.90 -7.97
N ARG A 6 -10.12 11.41 -7.57
CA ARG A 6 -9.36 10.40 -8.30
C ARG A 6 -8.38 9.68 -7.40
N LEU A 7 -8.13 8.40 -7.71
CA LEU A 7 -7.20 7.60 -6.92
C LEU A 7 -6.36 6.70 -7.81
N TYR A 8 -5.11 6.52 -7.43
CA TYR A 8 -4.20 5.69 -8.19
C TYR A 8 -4.17 4.30 -7.56
N VAL A 9 -4.43 3.28 -8.36
CA VAL A 9 -4.43 1.92 -7.87
C VAL A 9 -3.48 1.06 -8.70
N GLY A 10 -2.30 0.81 -8.16
CA GLY A 10 -1.31 0.00 -8.85
C GLY A 10 -1.31 -1.45 -8.41
N ASN A 11 -0.37 -2.23 -9.03
CA ASN A 11 -0.23 -3.71 -8.82
C ASN A 11 -1.63 -4.43 -9.00
N ILE A 12 -2.43 -3.95 -10.07
CA ILE A 12 -3.72 -4.53 -10.43
C ILE A 12 -3.55 -5.87 -11.14
N PRO A 13 -4.52 -6.78 -10.98
CA PRO A 13 -4.46 -8.11 -11.61
C PRO A 13 -4.32 -7.98 -13.12
N PHE A 14 -3.57 -8.90 -13.72
CA PHE A 14 -3.36 -8.88 -15.16
C PHE A 14 -4.62 -9.25 -15.93
N GLY A 15 -4.85 -8.54 -17.03
CA GLY A 15 -6.02 -8.80 -17.85
C GLY A 15 -7.32 -8.37 -17.22
N ILE A 16 -7.27 -7.69 -16.08
CA ILE A 16 -8.48 -7.24 -15.41
C ILE A 16 -9.19 -6.19 -16.25
N THR A 17 -10.51 -6.30 -16.36
CA THR A 17 -11.29 -5.35 -17.16
C THR A 17 -11.63 -4.12 -16.31
N GLU A 18 -11.84 -2.98 -16.99
CA GLU A 18 -12.18 -1.74 -16.30
C GLU A 18 -13.48 -1.91 -15.52
N GLU A 19 -14.47 -2.56 -16.14
CA GLU A 19 -15.76 -2.78 -15.49
C GLU A 19 -15.59 -3.62 -14.23
N ALA A 20 -14.79 -4.78 -14.28
CA ALA A 20 -14.55 -5.67 -13.08
C ALA A 20 -13.82 -4.92 -11.93
N MET A 21 -12.99 -3.82 -12.30
CA MET A 21 -12.38 -2.94 -11.32
C MET A 21 -13.41 -2.01 -10.67
N MET A 22 -14.42 -1.61 -11.43
CA MET A 22 -15.47 -0.72 -10.95
C MET A 22 -16.44 -1.47 -10.05
N ASP A 23 -16.97 -2.56 -10.56
CA ASP A 23 -17.91 -3.37 -9.81
C ASP A 23 -17.33 -3.80 -8.47
N PHE A 24 -16.01 -4.02 -8.41
CA PHE A 24 -15.38 -4.43 -7.16
C PHE A 24 -15.37 -3.31 -6.14
N PHE A 25 -14.85 -2.15 -6.53
CA PHE A 25 -14.79 -1.00 -5.62
C PHE A 25 -16.18 -0.55 -5.17
N ASN A 26 -17.10 -0.38 -6.12
CA ASN A 26 -18.46 0.05 -5.75
C ASN A 26 -19.06 -0.93 -4.74
N ALA A 27 -18.87 -2.31 -4.95
CA ALA A 27 -19.36 -3.38 -4.01
C ALA A 27 -18.58 -3.33 -2.67
N GLN A 28 -17.28 -2.74 -2.63
CA GLN A 28 -16.52 -2.61 -1.40
C GLN A 28 -17.02 -1.41 -0.60
N MET A 29 -17.37 -0.34 -1.32
CA MET A 29 -17.86 0.88 -0.70
C MET A 29 -19.21 0.65 -0.05
N ARG A 30 -20.04 -0.17 -0.68
CA ARG A 30 -21.37 -0.48 -0.16
C ARG A 30 -21.33 -1.45 1.02
N LEU A 31 -20.51 -2.49 0.92
CA LEU A 31 -20.41 -3.47 2.00
C LEU A 31 -19.87 -2.81 3.27
N GLY A 32 -18.94 -1.90 3.08
CA GLY A 32 -18.35 -1.20 4.20
C GLY A 32 -19.22 -0.06 4.70
N GLY A 33 -20.17 0.38 3.88
CA GLY A 33 -21.05 1.48 4.27
C GLY A 33 -20.29 2.79 4.30
N LEU A 34 -19.37 2.94 3.35
CA LEU A 34 -18.56 4.15 3.24
C LEU A 34 -19.15 5.20 2.31
N THR A 35 -20.35 4.94 1.80
CA THR A 35 -21.01 5.88 0.90
C THR A 35 -21.71 6.99 1.68
N GLN A 36 -21.69 8.21 1.14
CA GLN A 36 -22.33 9.34 1.81
C GLN A 36 -23.74 9.58 1.31
N ALA A 37 -24.07 9.04 0.15
CA ALA A 37 -25.40 9.20 -0.43
C ALA A 37 -25.76 8.00 -1.29
N PRO A 38 -27.06 7.82 -1.62
CA PRO A 38 -27.50 6.70 -2.45
C PRO A 38 -26.82 6.73 -3.81
N GLY A 39 -26.49 5.55 -4.34
CA GLY A 39 -25.84 5.48 -5.64
C GLY A 39 -24.39 5.07 -5.53
N ASN A 40 -23.81 4.61 -6.64
CA ASN A 40 -22.42 4.17 -6.67
C ASN A 40 -21.45 5.37 -6.65
N PRO A 41 -20.39 5.31 -5.81
CA PRO A 41 -19.40 6.38 -5.72
C PRO A 41 -18.48 6.40 -6.94
N VAL A 42 -17.91 5.23 -7.27
CA VAL A 42 -17.03 5.11 -8.42
C VAL A 42 -17.79 5.26 -9.73
N LEU A 43 -17.64 6.45 -10.44
CA LEU A 43 -18.36 6.78 -11.75
C LEU A 43 -17.67 6.15 -13.02
N ALA A 44 -16.30 6.03 -12.99
CA ALA A 44 -15.44 5.42 -14.06
C ALA A 44 -14.08 4.93 -13.46
N VAL A 45 -13.37 4.04 -14.24
CA VAL A 45 -12.03 3.52 -13.96
C VAL A 45 -11.27 3.33 -15.25
N GLN A 46 -10.05 3.83 -15.31
CA GLN A 46 -9.20 3.71 -16.50
C GLN A 46 -7.99 2.83 -16.19
N ILE A 47 -7.79 1.80 -17.01
CA ILE A 47 -6.65 0.92 -16.76
C ILE A 47 -5.55 0.89 -17.80
N ASN A 48 -4.33 1.14 -17.33
CA ASN A 48 -3.14 1.13 -18.19
C ASN A 48 -2.55 -0.28 -17.96
N GLN A 49 -2.98 -1.20 -18.82
CA GLN A 49 -2.52 -2.59 -18.69
C GLN A 49 -1.00 -2.76 -18.60
N ASP A 50 -0.26 -2.28 -19.57
CA ASP A 50 1.19 -2.42 -19.55
C ASP A 50 1.83 -1.84 -18.29
N LYS A 51 1.44 -0.62 -17.94
CA LYS A 51 1.98 0.03 -16.75
C LYS A 51 1.50 -0.64 -15.46
N ASN A 52 0.55 -1.55 -15.60
CA ASN A 52 -0.01 -2.29 -14.46
C ASN A 52 -0.72 -1.41 -13.43
N PHE A 53 -1.39 -0.36 -13.87
CA PHE A 53 -2.09 0.50 -12.92
C PHE A 53 -3.42 1.01 -13.48
N ALA A 54 -4.20 1.59 -12.59
CA ALA A 54 -5.50 2.13 -12.98
C ALA A 54 -5.85 3.35 -12.15
N PHE A 55 -6.78 4.17 -12.62
CA PHE A 55 -7.18 5.36 -11.89
C PHE A 55 -8.68 5.30 -11.64
N LEU A 56 -9.08 5.50 -10.40
CA LEU A 56 -10.48 5.47 -10.03
C LEU A 56 -11.06 6.88 -10.04
N GLU A 57 -12.27 7.02 -10.59
CA GLU A 57 -12.93 8.31 -10.65
C GLU A 57 -14.19 8.29 -9.79
N PHE A 58 -14.19 9.10 -8.74
CA PHE A 58 -15.32 9.18 -7.82
C PHE A 58 -16.20 10.39 -8.12
N ARG A 59 -17.40 10.37 -7.55
CA ARG A 59 -18.36 11.45 -7.73
C ARG A 59 -18.18 12.54 -6.68
N SER A 60 -17.64 12.17 -5.53
CA SER A 60 -17.42 13.13 -4.44
C SER A 60 -15.99 13.07 -3.92
N VAL A 61 -15.57 14.15 -3.26
CA VAL A 61 -14.23 14.24 -2.70
C VAL A 61 -14.07 13.40 -1.45
N ASP A 62 -15.08 13.42 -0.58
CA ASP A 62 -15.04 12.65 0.66
C ASP A 62 -15.00 11.15 0.41
N GLU A 63 -15.79 10.67 -0.55
CA GLU A 63 -15.84 9.25 -0.87
C GLU A 63 -14.47 8.77 -1.35
N THR A 64 -13.82 9.55 -2.22
CA THR A 64 -12.51 9.19 -2.72
C THR A 64 -11.58 8.93 -1.52
N THR A 65 -11.49 10.00 -0.57
CA THR A 65 -10.71 9.99 0.73
C THR A 65 -11.12 8.74 1.61
N GLN A 66 -12.43 8.21 1.44
CA GLN A 66 -12.86 7.02 2.15
C GLN A 66 -12.36 5.72 1.54
N ALA A 67 -12.24 5.68 0.21
CA ALA A 67 -11.77 4.48 -0.47
C ALA A 67 -10.29 4.17 -0.19
N MET A 68 -9.60 5.19 0.30
CA MET A 68 -8.17 5.02 0.60
C MET A 68 -7.95 3.95 1.69
N ALA A 69 -9.00 3.67 2.45
CA ALA A 69 -8.91 2.67 3.52
C ALA A 69 -8.78 1.26 2.95
N PHE A 70 -8.93 1.12 1.65
CA PHE A 70 -8.83 -0.18 0.99
C PHE A 70 -7.42 -0.43 0.47
N ASP A 71 -6.46 0.36 0.94
CA ASP A 71 -5.08 0.22 0.51
C ASP A 71 -4.51 -1.13 0.97
N GLY A 72 -4.06 -1.94 0.02
CA GLY A 72 -3.50 -3.24 0.35
C GLY A 72 -4.49 -4.38 0.26
N ILE A 73 -5.75 -4.05 0.00
CA ILE A 73 -6.80 -5.06 -0.11
C ILE A 73 -6.43 -6.13 -1.14
N ILE A 74 -6.77 -7.38 -0.86
CA ILE A 74 -6.47 -8.47 -1.77
C ILE A 74 -7.55 -8.61 -2.84
N PHE A 75 -7.13 -8.50 -4.10
CA PHE A 75 -8.05 -8.61 -5.23
C PHE A 75 -7.45 -9.50 -6.31
N GLN A 76 -7.99 -10.70 -6.44
CA GLN A 76 -7.51 -11.65 -7.45
C GLN A 76 -6.04 -12.02 -7.22
N GLY A 77 -5.68 -12.24 -5.97
CA GLY A 77 -4.31 -12.61 -5.63
C GLY A 77 -3.32 -11.46 -5.61
N GLN A 78 -3.75 -10.27 -6.01
CA GLN A 78 -2.86 -9.12 -6.02
C GLN A 78 -3.22 -8.08 -4.95
N SER A 79 -2.20 -7.65 -4.19
CA SER A 79 -2.41 -6.66 -3.14
C SER A 79 -2.38 -5.27 -3.77
N LEU A 80 -3.58 -4.71 -3.95
CA LEU A 80 -3.71 -3.38 -4.55
C LEU A 80 -3.04 -2.27 -3.76
N LYS A 81 -2.38 -1.38 -4.48
CA LYS A 81 -1.68 -0.25 -3.89
C LYS A 81 -2.48 1.02 -4.23
N ILE A 82 -3.11 1.60 -3.22
CA ILE A 82 -3.91 2.81 -3.43
C ILE A 82 -3.20 4.06 -2.93
N ARG A 83 -3.10 5.04 -3.82
CA ARG A 83 -2.46 6.30 -3.51
C ARG A 83 -3.21 7.45 -4.16
N ARG A 84 -2.85 8.67 -3.80
CA ARG A 84 -3.51 9.84 -4.36
C ARG A 84 -2.77 10.25 -5.64
N PRO A 85 -3.45 10.92 -6.58
CA PRO A 85 -2.82 11.35 -7.83
C PRO A 85 -1.61 12.22 -7.59
N HIS A 86 -0.91 12.59 -8.67
CA HIS A 86 0.27 13.42 -8.57
C HIS A 86 -0.07 14.88 -8.88
N ASP A 87 -1.14 15.10 -9.61
CA ASP A 87 -1.63 16.46 -9.83
C ASP A 87 -2.14 17.04 -8.52
N TYR A 88 -1.81 18.28 -8.26
CA TYR A 88 -2.20 18.92 -7.01
C TYR A 88 -3.47 19.73 -7.20
N GLN A 89 -3.46 20.61 -8.18
CA GLN A 89 -4.61 21.46 -8.46
C GLN A 89 -4.95 21.40 -9.95
N PRO A 90 -6.21 21.66 -10.32
CA PRO A 90 -6.66 21.62 -11.71
C PRO A 90 -5.95 22.64 -12.59
N LEU A 91 -6.19 23.91 -12.33
CA LEU A 91 -5.57 24.98 -13.11
C LEU A 91 -4.27 25.47 -12.48
N PRO A 92 -4.28 25.90 -11.19
CA PRO A 92 -3.09 26.45 -10.56
C PRO A 92 -2.00 25.41 -10.30
N GLY A 93 -0.75 25.86 -10.37
CA GLY A 93 0.37 24.99 -10.10
C GLY A 93 1.59 25.79 -9.67
N MET A 94 1.40 26.62 -8.65
CA MET A 94 2.46 27.48 -8.15
C MET A 94 2.43 27.53 -6.63
N SER A 95 3.59 27.78 -6.02
CA SER A 95 3.68 27.81 -4.57
C SER A 95 4.32 29.10 -4.09
N GLU A 96 3.53 29.91 -3.37
CA GLU A 96 4.03 31.13 -2.76
C GLU A 96 5.04 30.78 -1.66
N ASN A 97 4.64 29.85 -0.81
CA ASN A 97 5.53 29.28 0.19
C ASN A 97 5.52 27.77 0.09
N PRO A 98 6.53 27.19 -0.57
CA PRO A 98 6.64 25.74 -0.75
C PRO A 98 6.57 25.00 0.59
N SER A 99 5.50 24.24 0.77
CA SER A 99 5.31 23.48 1.98
C SER A 99 5.55 21.99 1.74
N VAL A 100 6.57 21.45 2.39
CA VAL A 100 6.89 20.04 2.27
C VAL A 100 7.75 19.58 3.45
N TYR A 101 8.56 20.49 3.98
CA TYR A 101 9.42 20.18 5.11
C TYR A 101 9.70 21.44 5.93
N VAL A 102 9.01 21.56 7.05
CA VAL A 102 9.19 22.70 7.92
C VAL A 102 9.75 22.24 9.27
N PRO A 103 10.82 22.90 9.75
CA PRO A 103 11.43 22.59 11.05
C PRO A 103 10.42 22.63 12.18
N GLY A 104 10.25 21.50 12.85
CA GLY A 104 9.28 21.41 13.92
C GLY A 104 8.51 20.11 13.86
N VAL A 105 7.54 19.95 14.76
CA VAL A 105 6.74 18.73 14.87
C VAL A 105 7.62 17.53 15.23
N VAL A 106 7.66 17.22 16.52
CA VAL A 106 8.41 16.08 17.00
C VAL A 106 7.63 14.79 16.76
N SER A 107 8.34 13.68 16.63
CA SER A 107 7.71 12.39 16.42
C SER A 107 8.16 11.42 17.50
N THR A 108 9.39 10.90 17.35
CA THR A 108 9.97 9.96 18.30
C THR A 108 9.24 8.61 18.29
N VAL A 109 8.01 8.63 18.78
CA VAL A 109 7.19 7.43 18.82
C VAL A 109 5.70 7.83 18.79
N VAL A 110 5.08 7.62 17.64
CA VAL A 110 3.70 8.03 17.44
C VAL A 110 2.81 6.83 17.13
N PRO A 111 1.52 6.91 17.50
CA PRO A 111 0.56 5.85 17.23
C PRO A 111 0.00 5.93 15.81
N ASP A 112 0.63 6.74 14.97
CA ASP A 112 0.18 6.93 13.60
C ASP A 112 0.58 5.74 12.73
N SER A 113 -0.14 5.53 11.64
CA SER A 113 0.09 4.39 10.77
C SER A 113 1.35 4.59 9.93
N ALA A 114 2.50 4.42 10.55
CA ALA A 114 3.78 4.53 9.87
C ALA A 114 4.81 3.60 10.51
N HIS A 115 4.65 2.31 10.28
CA HIS A 115 5.57 1.31 10.80
C HIS A 115 5.85 0.23 9.78
N LYS A 116 5.81 0.61 8.50
CA LYS A 116 6.06 -0.33 7.41
C LYS A 116 7.48 -0.88 7.51
N LEU A 117 7.60 -2.17 7.24
CA LEU A 117 8.88 -2.84 7.28
C LEU A 117 9.38 -3.25 5.90
N PHE A 118 10.69 -3.16 5.73
CA PHE A 118 11.33 -3.52 4.47
C PHE A 118 12.00 -4.87 4.68
N ILE A 119 11.79 -5.80 3.75
CA ILE A 119 12.39 -7.11 3.86
C ILE A 119 13.13 -7.44 2.58
N GLY A 120 14.42 -7.69 2.69
CA GLY A 120 15.22 -8.01 1.52
C GLY A 120 15.99 -9.30 1.67
N GLY A 121 16.74 -9.66 0.63
CA GLY A 121 17.52 -10.88 0.67
C GLY A 121 16.64 -12.11 0.47
N LEU A 122 15.39 -11.88 0.11
CA LEU A 122 14.44 -12.95 -0.11
C LEU A 122 14.77 -13.73 -1.38
N PRO A 123 14.73 -15.07 -1.34
CA PRO A 123 15.02 -15.90 -2.51
C PRO A 123 13.98 -15.59 -3.60
N ASN A 124 14.43 -15.55 -4.85
CA ASN A 124 13.54 -15.26 -5.96
C ASN A 124 12.46 -16.29 -6.21
N TYR A 125 12.58 -17.49 -5.63
CA TYR A 125 11.56 -18.51 -5.85
C TYR A 125 10.33 -18.42 -4.94
N LEU A 126 10.46 -17.78 -3.78
CA LEU A 126 9.33 -17.64 -2.86
C LEU A 126 8.23 -16.76 -3.46
N ASN A 127 6.97 -17.05 -3.10
CA ASN A 127 5.84 -16.26 -3.60
C ASN A 127 5.16 -15.51 -2.46
N ASP A 128 4.07 -14.81 -2.75
CA ASP A 128 3.34 -14.03 -1.75
C ASP A 128 2.94 -14.82 -0.51
N ASP A 129 2.18 -15.99 -0.69
CA ASP A 129 1.70 -16.90 0.41
C ASP A 129 2.88 -17.55 1.23
N GLN A 130 4.14 -17.71 0.58
CA GLN A 130 5.32 -18.23 1.28
C GLN A 130 5.99 -17.13 2.12
N VAL A 131 6.20 -15.98 1.51
CA VAL A 131 6.83 -14.86 2.19
C VAL A 131 5.97 -14.40 3.36
N LYS A 132 4.69 -14.21 3.08
CA LYS A 132 3.72 -13.77 4.10
C LYS A 132 3.75 -14.69 5.31
N GLU A 133 3.93 -15.99 5.08
CA GLU A 133 3.97 -16.95 6.17
C GLU A 133 5.12 -16.65 7.11
N LEU A 134 6.32 -16.55 6.55
CA LEU A 134 7.53 -16.27 7.31
C LEU A 134 7.33 -15.02 8.20
N LEU A 135 6.53 -14.08 7.71
CA LEU A 135 6.25 -12.83 8.44
C LEU A 135 5.13 -13.01 9.48
N THR A 136 4.09 -13.73 9.08
CA THR A 136 2.94 -13.98 9.94
C THR A 136 3.30 -14.63 11.26
N SER A 137 4.42 -15.47 11.30
CA SER A 137 4.91 -16.17 12.51
C SER A 137 5.08 -15.20 13.75
N PHE A 138 4.97 -13.79 13.52
CA PHE A 138 5.12 -12.83 14.61
C PHE A 138 3.80 -12.14 14.94
N GLY A 139 2.83 -12.31 14.06
CA GLY A 139 1.53 -11.71 14.25
C GLY A 139 0.86 -11.37 12.93
N PRO A 140 -0.46 -11.14 12.93
CA PRO A 140 -1.22 -10.81 11.71
C PRO A 140 -0.71 -9.53 11.06
N LEU A 141 -0.80 -9.49 9.73
CA LEU A 141 -0.36 -8.32 8.95
C LEU A 141 -1.55 -7.48 8.51
N LYS A 142 -1.34 -6.17 8.44
CA LYS A 142 -2.40 -5.25 8.02
C LYS A 142 -2.16 -4.85 6.56
N ALA A 143 -0.90 -4.95 6.03
CA ALA A 143 -0.54 -4.58 4.63
C ALA A 143 0.74 -5.33 4.23
N PHE A 144 0.72 -6.02 3.07
CA PHE A 144 1.89 -6.73 2.55
C PHE A 144 1.95 -6.70 1.02
N ASN A 145 3.14 -6.41 0.47
CA ASN A 145 3.32 -6.36 -0.97
C ASN A 145 4.70 -6.88 -1.39
N LEU A 146 4.73 -7.88 -2.27
CA LEU A 146 5.98 -8.46 -2.75
C LEU A 146 6.26 -7.88 -4.14
N VAL A 147 7.37 -7.16 -4.28
CA VAL A 147 7.70 -6.56 -5.57
C VAL A 147 8.20 -7.56 -6.60
N LYS A 148 7.51 -7.61 -7.74
CA LYS A 148 7.85 -8.51 -8.84
C LYS A 148 8.19 -7.69 -10.09
N ASP A 149 9.09 -8.20 -10.92
CA ASP A 149 9.49 -7.49 -12.14
C ASP A 149 8.28 -7.25 -13.04
N SER A 150 8.24 -6.07 -13.66
CA SER A 150 7.16 -5.70 -14.56
C SER A 150 6.85 -6.78 -15.60
N ALA A 151 7.84 -7.08 -16.45
CA ALA A 151 7.66 -8.09 -17.48
C ALA A 151 7.82 -9.50 -16.95
N THR A 152 9.03 -9.83 -16.47
CA THR A 152 9.32 -11.16 -15.92
C THR A 152 8.17 -11.66 -15.05
N GLY A 153 7.86 -10.91 -14.00
CA GLY A 153 6.78 -11.30 -13.11
C GLY A 153 7.23 -12.02 -11.85
N LEU A 154 8.52 -12.34 -11.76
CA LEU A 154 9.04 -13.03 -10.59
C LEU A 154 9.45 -12.04 -9.50
N SER A 155 9.68 -12.56 -8.30
CA SER A 155 10.08 -11.73 -7.17
C SER A 155 11.38 -10.98 -7.46
N LYS A 156 11.43 -9.73 -6.98
CA LYS A 156 12.61 -8.89 -7.18
C LYS A 156 13.61 -9.13 -6.04
N GLY A 157 13.16 -9.87 -5.03
CA GLY A 157 14.01 -10.16 -3.91
C GLY A 157 13.67 -9.39 -2.65
N TYR A 158 12.69 -8.48 -2.73
CA TYR A 158 12.31 -7.69 -1.55
C TYR A 158 10.80 -7.44 -1.47
N ALA A 159 10.30 -7.40 -0.23
CA ALA A 159 8.88 -7.15 0.01
C ALA A 159 8.64 -6.25 1.21
N PHE A 160 7.50 -5.58 1.19
CA PHE A 160 7.10 -4.67 2.26
C PHE A 160 5.92 -5.24 3.05
N CYS A 161 5.89 -4.95 4.35
CA CYS A 161 4.80 -5.45 5.19
C CYS A 161 4.63 -4.62 6.45
N GLU A 162 3.43 -4.66 7.00
CA GLU A 162 3.10 -3.91 8.21
C GLU A 162 2.12 -4.72 9.07
N TYR A 163 2.46 -4.92 10.35
CA TYR A 163 1.60 -5.68 11.26
C TYR A 163 0.49 -4.82 11.84
N VAL A 164 -0.52 -5.47 12.42
CA VAL A 164 -1.65 -4.78 13.03
C VAL A 164 -1.16 -4.11 14.31
N ASP A 165 -0.42 -4.86 15.12
CA ASP A 165 0.13 -4.36 16.39
C ASP A 165 1.57 -3.91 16.11
N ILE A 166 1.74 -2.60 16.00
CA ILE A 166 3.05 -1.99 15.74
C ILE A 166 4.20 -2.43 16.70
N ASN A 167 3.85 -2.64 17.95
CA ASN A 167 4.88 -3.07 18.92
C ASN A 167 5.56 -4.37 18.42
N VAL A 168 4.70 -5.21 17.84
CA VAL A 168 5.24 -6.47 17.32
C VAL A 168 6.24 -6.17 16.21
N THR A 169 6.11 -4.99 15.60
CA THR A 169 7.02 -4.59 14.52
C THR A 169 8.44 -4.70 15.01
N ASP A 170 8.73 -4.14 16.20
CA ASP A 170 10.09 -4.21 16.73
C ASP A 170 10.51 -5.66 16.98
N GLN A 171 9.60 -6.45 17.53
CA GLN A 171 9.91 -7.86 17.79
C GLN A 171 10.18 -8.64 16.50
N ALA A 172 9.49 -8.21 15.46
CA ALA A 172 9.64 -8.86 14.15
C ALA A 172 10.98 -8.60 13.51
N ILE A 173 11.53 -7.41 13.71
CA ILE A 173 12.82 -7.07 13.13
C ILE A 173 13.94 -7.88 13.78
N ALA A 174 13.98 -7.87 15.20
CA ALA A 174 15.00 -8.57 16.07
C ALA A 174 15.10 -10.11 15.76
N GLY A 175 13.91 -10.79 15.50
CA GLY A 175 13.90 -12.20 15.17
C GLY A 175 14.07 -12.55 13.70
N LEU A 176 13.74 -11.67 12.76
CA LEU A 176 13.87 -11.98 11.34
C LEU A 176 15.15 -11.46 10.71
N ASN A 177 15.50 -10.21 10.99
CA ASN A 177 16.71 -9.62 10.44
C ASN A 177 17.92 -10.52 10.67
N GLY A 178 18.67 -10.76 9.59
CA GLY A 178 19.86 -11.60 9.68
C GLY A 178 19.59 -13.08 9.42
N MET A 179 18.31 -13.48 9.50
CA MET A 179 17.93 -14.87 9.27
C MET A 179 18.52 -15.41 7.98
N GLN A 180 18.84 -16.69 7.96
CA GLN A 180 19.42 -17.32 6.77
C GLN A 180 18.34 -17.99 5.91
N LEU A 181 18.17 -17.47 4.70
CA LEU A 181 17.19 -18.00 3.76
C LEU A 181 17.93 -18.46 2.51
N GLY A 182 18.05 -19.76 2.33
CA GLY A 182 18.75 -20.27 1.17
C GLY A 182 20.23 -19.92 1.27
N ASP A 183 20.72 -19.15 0.30
CA ASP A 183 22.12 -18.75 0.31
C ASP A 183 22.22 -17.23 0.47
N LYS A 184 21.16 -16.63 1.03
CA LYS A 184 21.10 -15.20 1.25
C LYS A 184 20.85 -14.86 2.71
N LYS A 185 21.30 -13.68 3.13
CA LYS A 185 21.11 -13.23 4.50
C LYS A 185 19.95 -12.23 4.52
N LEU A 186 18.91 -12.57 5.24
CA LEU A 186 17.74 -11.72 5.35
C LEU A 186 18.04 -10.38 5.99
N LEU A 187 17.38 -9.35 5.48
CA LEU A 187 17.54 -8.00 5.98
C LEU A 187 16.17 -7.42 6.29
N VAL A 188 15.96 -6.88 7.48
CA VAL A 188 14.69 -6.30 7.88
C VAL A 188 14.91 -5.02 8.62
N GLN A 189 14.35 -3.90 8.19
CA GLN A 189 14.46 -2.62 8.81
C GLN A 189 13.22 -1.79 8.51
N ARG A 190 12.93 -0.81 9.37
CA ARG A 190 11.74 0.01 9.10
C ARG A 190 11.94 0.67 7.71
N ALA A 191 10.99 0.42 6.81
CA ALA A 191 11.04 0.97 5.45
C ALA A 191 11.26 2.47 5.37
N SER A 192 11.17 3.17 6.49
CA SER A 192 11.37 4.62 6.48
C SER A 192 12.54 5.01 7.38
N VAL A 193 12.28 5.03 8.68
CA VAL A 193 13.31 5.37 9.66
C VAL A 193 13.87 4.11 10.31
N GLY A 194 14.76 3.44 9.59
CA GLY A 194 15.38 2.25 10.13
C GLY A 194 16.44 2.58 11.17
N ALA A 195 16.62 1.71 12.14
CA ALA A 195 17.62 1.91 13.18
C ALA A 195 19.02 1.79 12.61
N LYS A 196 19.15 1.02 11.55
CA LYS A 196 20.43 0.85 10.87
C LYS A 196 20.47 1.69 9.60
N ASN A 197 21.59 2.35 9.38
CA ASN A 197 21.77 3.16 8.18
C ASN A 197 22.50 2.35 7.12
N ALA A 198 21.77 1.85 6.14
CA ALA A 198 22.35 1.04 5.08
C ALA A 198 22.71 1.92 3.88
N ALA A 4 -15.42 15.40 -6.90
CA ALA A 4 -14.74 14.21 -7.47
C ALA A 4 -13.30 14.15 -7.01
N ARG A 5 -12.75 12.95 -6.80
CA ARG A 5 -11.30 12.83 -6.70
C ARG A 5 -10.71 11.75 -7.64
N ARG A 6 -9.57 11.18 -7.24
CA ARG A 6 -8.89 10.14 -8.02
C ARG A 6 -7.94 9.33 -7.16
N LEU A 7 -7.76 8.07 -7.52
CA LEU A 7 -6.87 7.18 -6.78
C LEU A 7 -6.09 6.28 -7.72
N TYR A 8 -4.85 6.01 -7.36
CA TYR A 8 -3.99 5.15 -8.16
C TYR A 8 -4.03 3.74 -7.58
N VAL A 9 -4.37 2.77 -8.42
CA VAL A 9 -4.43 1.38 -7.99
C VAL A 9 -3.54 0.51 -8.87
N GLY A 10 -2.36 0.18 -8.36
CA GLY A 10 -1.43 -0.65 -9.09
C GLY A 10 -1.51 -2.11 -8.71
N ASN A 11 -0.64 -2.92 -9.37
CA ASN A 11 -0.56 -4.41 -9.24
C ASN A 11 -2.00 -5.05 -9.41
N ILE A 12 -2.79 -4.48 -10.46
CA ILE A 12 -4.11 -4.96 -10.82
C ILE A 12 -4.02 -6.29 -11.58
N PRO A 13 -5.04 -7.16 -11.45
CA PRO A 13 -5.06 -8.45 -12.14
C PRO A 13 -4.93 -8.28 -13.64
N PHE A 14 -4.23 -9.21 -14.28
CA PHE A 14 -4.04 -9.14 -15.73
C PHE A 14 -5.33 -9.40 -16.49
N GLY A 15 -5.53 -8.64 -17.57
CA GLY A 15 -6.72 -8.80 -18.38
C GLY A 15 -7.99 -8.33 -17.73
N ILE A 16 -7.88 -7.70 -16.56
CA ILE A 16 -9.07 -7.22 -15.85
C ILE A 16 -9.71 -6.08 -16.65
N THR A 17 -11.04 -6.12 -16.74
CA THR A 17 -11.77 -5.09 -17.47
C THR A 17 -12.04 -3.88 -16.59
N GLU A 18 -12.19 -2.72 -17.21
CA GLU A 18 -12.46 -1.48 -16.47
C GLU A 18 -13.76 -1.61 -15.68
N GLU A 19 -14.78 -2.17 -16.32
CA GLU A 19 -16.08 -2.35 -15.66
C GLU A 19 -15.94 -3.25 -14.44
N ALA A 20 -15.21 -4.45 -14.55
CA ALA A 20 -15.01 -5.40 -13.40
C ALA A 20 -14.22 -4.74 -12.21
N MET A 21 -13.34 -3.67 -12.55
CA MET A 21 -12.67 -2.86 -11.54
C MET A 21 -13.64 -1.92 -10.85
N MET A 22 -14.64 -1.42 -11.57
CA MET A 22 -15.64 -0.50 -11.05
C MET A 22 -16.63 -1.22 -10.16
N ASP A 23 -17.23 -2.26 -10.71
CA ASP A 23 -18.21 -3.05 -9.99
C ASP A 23 -17.64 -3.57 -8.67
N PHE A 24 -16.33 -3.87 -8.63
CA PHE A 24 -15.72 -4.37 -7.41
C PHE A 24 -15.64 -3.28 -6.34
N PHE A 25 -15.05 -2.14 -6.70
CA PHE A 25 -14.92 -1.04 -5.74
C PHE A 25 -16.27 -0.53 -5.26
N ASN A 26 -17.21 -0.27 -6.19
CA ASN A 26 -18.53 0.22 -5.79
C ASN A 26 -19.17 -0.77 -4.81
N ALA A 27 -19.05 -2.14 -5.08
CA ALA A 27 -19.59 -3.22 -4.18
C ALA A 27 -18.80 -3.28 -2.84
N GLN A 28 -17.47 -2.76 -2.80
CA GLN A 28 -16.70 -2.72 -1.57
C GLN A 28 -17.12 -1.52 -0.71
N MET A 29 -17.40 -0.41 -1.39
CA MET A 29 -17.82 0.81 -0.72
C MET A 29 -19.19 0.62 -0.05
N ARG A 30 -20.07 -0.13 -0.71
CA ARG A 30 -21.40 -0.37 -0.18
C ARG A 30 -21.41 -1.40 0.95
N LEU A 31 -20.65 -2.47 0.80
CA LEU A 31 -20.59 -3.50 1.84
C LEU A 31 -20.01 -2.92 3.13
N GLY A 32 -19.02 -2.06 2.96
CA GLY A 32 -18.39 -1.44 4.11
C GLY A 32 -19.19 -0.26 4.67
N GLY A 33 -20.13 0.25 3.87
CA GLY A 33 -20.94 1.37 4.32
C GLY A 33 -20.10 2.64 4.39
N LEU A 34 -19.18 2.78 3.44
CA LEU A 34 -18.30 3.95 3.37
C LEU A 34 -18.86 5.06 2.48
N THR A 35 -20.07 4.90 1.98
CA THR A 35 -20.68 5.91 1.12
C THR A 35 -21.31 7.02 1.96
N GLN A 36 -21.22 8.26 1.48
CA GLN A 36 -21.79 9.40 2.20
C GLN A 36 -23.20 9.74 1.72
N ALA A 37 -23.56 9.26 0.54
CA ALA A 37 -24.88 9.52 -0.01
C ALA A 37 -25.33 8.38 -0.92
N PRO A 38 -26.63 8.29 -1.25
CA PRO A 38 -27.15 7.22 -2.11
C PRO A 38 -26.47 7.27 -3.47
N GLY A 39 -26.22 6.10 -4.06
CA GLY A 39 -25.58 6.04 -5.36
C GLY A 39 -24.16 5.54 -5.29
N ASN A 40 -23.62 5.10 -6.43
CA ASN A 40 -22.25 4.60 -6.48
C ASN A 40 -21.22 5.73 -6.42
N PRO A 41 -20.16 5.58 -5.61
CA PRO A 41 -19.11 6.58 -5.48
C PRO A 41 -18.20 6.60 -6.72
N VAL A 42 -17.71 5.42 -7.09
CA VAL A 42 -16.83 5.30 -8.26
C VAL A 42 -17.59 5.54 -9.55
N LEU A 43 -17.40 6.77 -10.21
CA LEU A 43 -18.10 7.20 -11.50
C LEU A 43 -17.45 6.56 -12.80
N ALA A 44 -16.08 6.40 -12.80
CA ALA A 44 -15.28 5.76 -13.90
C ALA A 44 -13.94 5.17 -13.34
N VAL A 45 -13.29 4.28 -14.17
CA VAL A 45 -11.99 3.67 -13.91
C VAL A 45 -11.24 3.49 -15.24
N GLN A 46 -10.00 3.92 -15.28
CA GLN A 46 -9.18 3.80 -16.48
C GLN A 46 -8.02 2.84 -16.23
N ILE A 47 -7.87 1.84 -17.09
CA ILE A 47 -6.79 0.89 -16.89
C ILE A 47 -5.70 0.85 -17.95
N ASN A 48 -4.47 1.00 -17.48
CA ASN A 48 -3.29 0.96 -18.35
C ASN A 48 -2.77 -0.49 -18.19
N GLN A 49 -3.26 -1.35 -19.07
CA GLN A 49 -2.87 -2.76 -19.02
C GLN A 49 -1.38 -3.04 -18.94
N ASP A 50 -0.62 -2.54 -19.91
CA ASP A 50 0.83 -2.77 -19.91
C ASP A 50 1.51 -2.28 -18.63
N LYS A 51 1.20 -1.06 -18.22
CA LYS A 51 1.79 -0.48 -17.01
C LYS A 51 1.28 -1.18 -15.75
N ASN A 52 0.27 -2.03 -15.92
CA ASN A 52 -0.32 -2.78 -14.80
C ASN A 52 -0.96 -1.91 -13.72
N PHE A 53 -1.59 -0.81 -14.12
CA PHE A 53 -2.23 0.05 -13.13
C PHE A 53 -3.53 0.66 -13.65
N ALA A 54 -4.27 1.25 -12.72
CA ALA A 54 -5.54 1.87 -13.07
C ALA A 54 -5.80 3.07 -12.20
N PHE A 55 -6.69 3.96 -12.61
CA PHE A 55 -7.02 5.14 -11.84
C PHE A 55 -8.52 5.15 -11.57
N LEU A 56 -8.90 5.33 -10.31
CA LEU A 56 -10.31 5.36 -9.93
C LEU A 56 -10.80 6.80 -9.88
N GLU A 57 -12.00 7.03 -10.40
CA GLU A 57 -12.59 8.36 -10.42
C GLU A 57 -13.83 8.37 -9.54
N PHE A 58 -13.77 9.14 -8.45
CA PHE A 58 -14.89 9.24 -7.52
C PHE A 58 -15.70 10.51 -7.75
N ARG A 59 -16.90 10.53 -7.17
CA ARG A 59 -17.79 11.67 -7.30
C ARG A 59 -17.54 12.70 -6.21
N SER A 60 -17.01 12.26 -5.07
CA SER A 60 -16.74 13.16 -3.95
C SER A 60 -15.31 13.00 -3.45
N VAL A 61 -14.82 14.03 -2.76
CA VAL A 61 -13.48 14.03 -2.21
C VAL A 61 -13.35 13.12 -0.99
N ASP A 62 -14.35 13.15 -0.11
CA ASP A 62 -14.34 12.34 1.09
C ASP A 62 -14.39 10.85 0.77
N GLU A 63 -15.22 10.45 -0.19
CA GLU A 63 -15.34 9.05 -0.57
C GLU A 63 -14.01 8.52 -1.07
N THR A 64 -13.32 9.30 -1.91
CA THR A 64 -12.04 8.88 -2.46
C THR A 64 -11.12 8.53 -1.28
N THR A 65 -10.97 9.53 -0.28
CA THR A 65 -10.17 9.43 1.01
C THR A 65 -10.63 8.18 1.83
N GLN A 66 -11.97 7.73 1.66
CA GLN A 66 -12.47 6.53 2.33
C GLN A 66 -12.05 5.23 1.65
N ALA A 67 -11.94 5.25 0.34
CA ALA A 67 -11.55 4.05 -0.41
C ALA A 67 -10.08 3.66 -0.16
N MET A 68 -9.34 4.61 0.36
CA MET A 68 -7.92 4.34 0.64
C MET A 68 -7.75 3.21 1.68
N ALA A 69 -8.80 2.97 2.45
CA ALA A 69 -8.76 1.92 3.46
C ALA A 69 -8.71 0.52 2.85
N PHE A 70 -8.89 0.45 1.54
CA PHE A 70 -8.85 -0.83 0.84
C PHE A 70 -7.47 -1.13 0.28
N ASP A 71 -6.46 -0.42 0.78
CA ASP A 71 -5.09 -0.62 0.32
C ASP A 71 -4.59 -2.01 0.73
N GLY A 72 -4.21 -2.80 -0.27
CA GLY A 72 -3.71 -4.14 0.00
C GLY A 72 -4.77 -5.22 -0.13
N ILE A 73 -6.02 -4.81 -0.36
CA ILE A 73 -7.12 -5.76 -0.49
C ILE A 73 -6.83 -6.81 -1.58
N ILE A 74 -7.23 -8.05 -1.34
CA ILE A 74 -7.00 -9.11 -2.30
C ILE A 74 -8.09 -9.15 -3.36
N PHE A 75 -7.68 -9.00 -4.62
CA PHE A 75 -8.61 -9.03 -5.73
C PHE A 75 -8.07 -9.89 -6.86
N GLN A 76 -8.68 -11.06 -7.05
CA GLN A 76 -8.26 -12.00 -8.09
C GLN A 76 -6.82 -12.44 -7.89
N GLY A 77 -6.46 -12.75 -6.65
CA GLY A 77 -5.10 -13.20 -6.35
C GLY A 77 -4.05 -12.11 -6.29
N GLN A 78 -4.42 -10.88 -6.63
CA GLN A 78 -3.46 -9.78 -6.61
C GLN A 78 -3.75 -8.78 -5.51
N SER A 79 -2.72 -8.43 -4.74
CA SER A 79 -2.84 -7.47 -3.64
C SER A 79 -2.76 -6.07 -4.21
N LEU A 80 -3.91 -5.43 -4.36
CA LEU A 80 -3.98 -4.07 -4.89
C LEU A 80 -3.24 -3.03 -4.07
N LYS A 81 -2.54 -2.15 -4.77
CA LYS A 81 -1.78 -1.09 -4.13
C LYS A 81 -2.50 0.22 -4.41
N ILE A 82 -3.09 0.81 -3.38
CA ILE A 82 -3.82 2.06 -3.53
C ILE A 82 -3.04 3.26 -2.99
N ARG A 83 -2.90 4.27 -3.84
CA ARG A 83 -2.17 5.47 -3.48
C ARG A 83 -2.87 6.69 -4.07
N ARG A 84 -2.44 7.87 -3.67
CA ARG A 84 -3.03 9.09 -4.17
C ARG A 84 -2.29 9.51 -5.44
N PRO A 85 -2.94 10.27 -6.34
CA PRO A 85 -2.30 10.71 -7.59
C PRO A 85 -1.02 11.51 -7.32
N HIS A 86 -0.33 11.86 -8.39
CA HIS A 86 0.91 12.64 -8.28
C HIS A 86 0.64 14.13 -8.41
N ASP A 87 -0.59 14.45 -8.79
CA ASP A 87 -1.08 15.82 -8.82
C ASP A 87 -1.80 16.13 -7.51
N TYR A 88 -1.67 15.22 -6.55
CA TYR A 88 -2.23 15.40 -5.21
C TYR A 88 -1.71 16.69 -4.59
N GLN A 89 -0.40 16.83 -4.60
CA GLN A 89 0.26 18.02 -4.11
C GLN A 89 0.96 18.71 -5.28
N PRO A 90 0.81 20.05 -5.40
CA PRO A 90 1.47 20.84 -6.44
C PRO A 90 2.96 20.53 -6.53
N LEU A 91 3.45 20.34 -7.74
CA LEU A 91 4.84 19.98 -7.97
C LEU A 91 5.75 21.16 -7.64
N PRO A 92 6.92 20.88 -7.05
CA PRO A 92 7.91 21.92 -6.73
C PRO A 92 8.42 22.62 -7.98
N GLY A 93 8.32 23.94 -7.99
CA GLY A 93 8.78 24.72 -9.12
C GLY A 93 8.74 26.20 -8.83
N MET A 94 7.53 26.74 -8.70
CA MET A 94 7.34 28.13 -8.36
C MET A 94 6.33 28.26 -7.22
N SER A 95 6.30 29.43 -6.60
CA SER A 95 5.40 29.66 -5.48
C SER A 95 4.63 30.97 -5.70
N GLU A 96 3.38 30.99 -5.28
CA GLU A 96 2.55 32.19 -5.41
C GLU A 96 2.77 33.08 -4.19
N ASN A 97 2.00 32.86 -3.15
CA ASN A 97 2.19 33.53 -1.87
C ASN A 97 2.49 32.51 -0.79
N PRO A 98 3.78 32.27 -0.51
CA PRO A 98 4.18 31.30 0.50
C PRO A 98 3.66 31.66 1.89
N SER A 99 4.16 32.77 2.43
CA SER A 99 3.77 33.24 3.76
C SER A 99 3.94 32.11 4.77
N VAL A 100 5.17 31.68 4.95
CA VAL A 100 5.46 30.59 5.87
C VAL A 100 6.09 31.12 7.15
N TYR A 101 5.27 31.30 8.16
CA TYR A 101 5.74 31.63 9.49
C TYR A 101 4.83 30.99 10.52
N VAL A 102 5.31 29.92 11.12
CA VAL A 102 4.54 29.20 12.11
C VAL A 102 4.91 29.65 13.51
N PRO A 103 4.00 29.49 14.48
CA PRO A 103 4.27 29.85 15.88
C PRO A 103 5.44 29.06 16.45
N GLY A 104 5.59 27.82 15.98
CA GLY A 104 6.71 27.00 16.39
C GLY A 104 6.58 26.51 17.82
N VAL A 105 5.36 26.29 18.26
CA VAL A 105 5.12 25.79 19.61
C VAL A 105 5.13 24.28 19.62
N VAL A 106 6.25 23.70 20.06
CA VAL A 106 6.46 22.25 20.03
C VAL A 106 6.51 21.74 18.59
N SER A 107 5.37 21.61 17.96
CA SER A 107 5.26 21.18 16.58
C SER A 107 3.98 21.70 15.95
N THR A 108 4.12 22.71 15.09
CA THR A 108 2.97 23.27 14.40
C THR A 108 2.47 22.29 13.34
N VAL A 109 3.39 21.49 12.83
CA VAL A 109 3.05 20.46 11.85
C VAL A 109 3.92 19.21 12.09
N VAL A 110 3.30 18.04 12.00
CA VAL A 110 4.00 16.79 12.21
C VAL A 110 3.91 15.91 10.97
N PRO A 111 5.06 15.62 10.34
CA PRO A 111 5.12 14.73 9.18
C PRO A 111 4.69 13.31 9.54
N ASP A 112 3.94 12.68 8.66
CA ASP A 112 3.43 11.33 8.91
C ASP A 112 4.57 10.33 9.01
N SER A 113 4.47 9.46 9.99
CA SER A 113 5.49 8.43 10.22
C SER A 113 4.82 7.09 10.49
N ALA A 114 4.99 6.16 9.55
CA ALA A 114 4.40 4.84 9.68
C ALA A 114 5.41 3.86 10.25
N HIS A 115 4.92 2.76 10.81
CA HIS A 115 5.81 1.72 11.33
C HIS A 115 6.05 0.66 10.27
N LYS A 116 6.03 1.06 9.01
CA LYS A 116 6.24 0.14 7.91
C LYS A 116 7.64 -0.45 7.97
N LEU A 117 7.73 -1.74 7.69
CA LEU A 117 8.99 -2.45 7.71
C LEU A 117 9.48 -2.85 6.33
N PHE A 118 10.79 -2.79 6.14
CA PHE A 118 11.41 -3.15 4.88
C PHE A 118 12.04 -4.52 5.06
N ILE A 119 11.81 -5.43 4.12
CA ILE A 119 12.36 -6.75 4.20
C ILE A 119 13.10 -7.08 2.91
N GLY A 120 14.38 -7.37 3.01
CA GLY A 120 15.16 -7.70 1.84
C GLY A 120 15.90 -9.00 1.95
N GLY A 121 16.63 -9.37 0.90
CA GLY A 121 17.38 -10.61 0.92
C GLY A 121 16.47 -11.80 0.70
N LEU A 122 15.22 -11.53 0.35
CA LEU A 122 14.23 -12.58 0.10
C LEU A 122 14.54 -13.33 -1.18
N PRO A 123 14.46 -14.68 -1.16
CA PRO A 123 14.72 -15.48 -2.35
C PRO A 123 13.70 -15.13 -3.43
N ASN A 124 14.14 -15.08 -4.67
CA ASN A 124 13.26 -14.74 -5.78
C ASN A 124 12.14 -15.74 -6.06
N TYR A 125 12.23 -16.95 -5.48
CA TYR A 125 11.18 -17.95 -5.73
C TYR A 125 9.96 -17.82 -4.81
N LEU A 126 10.11 -17.21 -3.64
CA LEU A 126 8.97 -17.07 -2.72
C LEU A 126 7.91 -16.14 -3.29
N ASN A 127 6.65 -16.38 -2.94
CA ASN A 127 5.53 -15.56 -3.43
C ASN A 127 4.89 -14.81 -2.27
N ASP A 128 3.81 -14.07 -2.54
CA ASP A 128 3.11 -13.29 -1.51
C ASP A 128 2.69 -14.10 -0.29
N ASP A 129 1.89 -15.24 -0.49
CA ASP A 129 1.38 -16.16 0.58
C ASP A 129 2.55 -16.85 1.39
N GLN A 130 3.81 -17.04 0.73
CA GLN A 130 4.97 -17.60 1.42
C GLN A 130 5.67 -16.55 2.28
N VAL A 131 5.91 -15.39 1.69
CA VAL A 131 6.58 -14.30 2.39
C VAL A 131 5.72 -13.84 3.57
N LYS A 132 4.45 -13.61 3.30
CA LYS A 132 3.51 -13.15 4.32
C LYS A 132 3.51 -14.10 5.52
N GLU A 133 3.66 -15.39 5.26
CA GLU A 133 3.65 -16.39 6.33
C GLU A 133 4.83 -16.15 7.28
N LEU A 134 6.03 -16.06 6.72
CA LEU A 134 7.25 -15.83 7.49
C LEU A 134 7.08 -14.60 8.39
N LEU A 135 6.31 -13.62 7.93
CA LEU A 135 6.06 -12.38 8.68
C LEU A 135 4.95 -12.54 9.71
N THR A 136 3.88 -13.22 9.31
CA THR A 136 2.73 -13.46 10.16
C THR A 136 3.08 -14.14 11.48
N SER A 137 4.17 -15.01 11.49
CA SER A 137 4.65 -15.75 12.69
C SER A 137 4.85 -14.81 13.95
N PHE A 138 4.77 -13.39 13.75
CA PHE A 138 4.94 -12.47 14.86
C PHE A 138 3.65 -11.75 15.20
N GLY A 139 2.68 -11.88 14.31
CA GLY A 139 1.40 -11.23 14.52
C GLY A 139 0.74 -10.84 13.21
N PRO A 140 -0.58 -10.59 13.22
CA PRO A 140 -1.33 -10.20 12.02
C PRO A 140 -0.79 -8.92 11.38
N LEU A 141 -0.87 -8.85 10.05
CA LEU A 141 -0.40 -7.69 9.30
C LEU A 141 -1.57 -6.80 8.87
N LYS A 142 -1.33 -5.50 8.83
CA LYS A 142 -2.35 -4.54 8.43
C LYS A 142 -2.10 -4.11 6.97
N ALA A 143 -0.84 -4.24 6.44
CA ALA A 143 -0.48 -3.85 5.04
C ALA A 143 0.78 -4.59 4.62
N PHE A 144 0.74 -5.30 3.45
CA PHE A 144 1.89 -6.04 2.92
C PHE A 144 1.94 -5.98 1.39
N ASN A 145 3.13 -5.72 0.85
CA ASN A 145 3.31 -5.64 -0.60
C ASN A 145 4.68 -6.19 -1.03
N LEU A 146 4.68 -7.17 -1.93
CA LEU A 146 5.92 -7.78 -2.42
C LEU A 146 6.20 -7.18 -3.80
N VAL A 147 7.32 -6.49 -3.93
CA VAL A 147 7.68 -5.88 -5.21
C VAL A 147 8.14 -6.88 -6.26
N LYS A 148 7.45 -6.88 -7.40
CA LYS A 148 7.76 -7.77 -8.51
C LYS A 148 8.12 -6.94 -9.75
N ASP A 149 9.01 -7.45 -10.59
CA ASP A 149 9.42 -6.74 -11.79
C ASP A 149 8.23 -6.44 -12.69
N SER A 150 8.22 -5.25 -13.29
CA SER A 150 7.14 -4.83 -14.18
C SER A 150 6.80 -5.87 -15.24
N ALA A 151 7.78 -6.19 -16.09
CA ALA A 151 7.58 -7.17 -17.15
C ALA A 151 7.69 -8.61 -16.65
N THR A 152 8.89 -8.98 -16.17
CA THR A 152 9.14 -10.32 -15.66
C THR A 152 7.98 -10.81 -14.79
N GLY A 153 7.69 -10.07 -13.72
CA GLY A 153 6.60 -10.44 -12.84
C GLY A 153 7.03 -11.21 -11.59
N LEU A 154 8.31 -11.55 -11.51
CA LEU A 154 8.81 -12.29 -10.35
C LEU A 154 9.25 -11.34 -9.25
N SER A 155 9.47 -11.88 -8.06
CA SER A 155 9.90 -11.09 -6.91
C SER A 155 11.22 -10.36 -7.19
N LYS A 156 11.32 -9.13 -6.69
CA LYS A 156 12.51 -8.31 -6.88
C LYS A 156 13.50 -8.61 -5.75
N GLY A 157 13.04 -9.35 -4.75
CA GLY A 157 13.88 -9.70 -3.63
C GLY A 157 13.56 -8.94 -2.36
N TYR A 158 12.61 -8.00 -2.41
CA TYR A 158 12.26 -7.23 -1.22
C TYR A 158 10.75 -6.93 -1.14
N ALA A 159 10.26 -6.89 0.10
CA ALA A 159 8.86 -6.62 0.35
C ALA A 159 8.64 -5.72 1.57
N PHE A 160 7.51 -5.02 1.58
CA PHE A 160 7.15 -4.12 2.66
C PHE A 160 5.96 -4.68 3.44
N CYS A 161 5.94 -4.41 4.74
CA CYS A 161 4.84 -4.89 5.58
C CYS A 161 4.68 -4.08 6.86
N GLU A 162 3.48 -4.11 7.41
CA GLU A 162 3.20 -3.38 8.64
C GLU A 162 2.19 -4.16 9.48
N TYR A 163 2.52 -4.41 10.75
CA TYR A 163 1.64 -5.15 11.65
C TYR A 163 0.56 -4.27 12.26
N VAL A 164 -0.47 -4.91 12.82
CA VAL A 164 -1.57 -4.18 13.45
C VAL A 164 -1.06 -3.55 14.74
N ASP A 165 -0.34 -4.35 15.53
CA ASP A 165 0.22 -3.89 16.80
C ASP A 165 1.67 -3.46 16.54
N ILE A 166 1.88 -2.16 16.45
CA ILE A 166 3.21 -1.59 16.19
C ILE A 166 4.34 -2.08 17.14
N ASN A 167 4.00 -2.31 18.39
CA ASN A 167 5.01 -2.78 19.36
C ASN A 167 5.65 -4.10 18.82
N VAL A 168 4.77 -4.89 18.24
CA VAL A 168 5.26 -6.16 17.69
C VAL A 168 6.27 -5.88 16.58
N THR A 169 6.18 -4.68 15.99
CA THR A 169 7.10 -4.29 14.92
C THR A 169 8.52 -4.44 15.40
N ASP A 170 8.82 -3.92 16.60
CA ASP A 170 10.18 -4.03 17.14
C ASP A 170 10.56 -5.50 17.35
N GLN A 171 9.62 -6.27 17.88
CA GLN A 171 9.89 -7.70 18.12
C GLN A 171 10.14 -8.47 16.81
N ALA A 172 9.45 -8.00 15.78
CA ALA A 172 9.58 -8.63 14.46
C ALA A 172 10.94 -8.39 13.81
N ILE A 173 11.52 -7.22 14.05
CA ILE A 173 12.82 -6.90 13.47
C ILE A 173 13.92 -7.77 14.10
N ALA A 174 13.97 -7.78 15.52
CA ALA A 174 14.96 -8.53 16.37
C ALA A 174 15.01 -10.07 16.04
N GLY A 175 13.80 -10.70 15.77
CA GLY A 175 13.75 -12.11 15.40
C GLY A 175 13.90 -12.44 13.93
N LEU A 176 13.59 -11.52 13.00
CA LEU A 176 13.72 -11.81 11.57
C LEU A 176 15.01 -11.32 10.96
N ASN A 177 15.39 -10.08 11.27
CA ASN A 177 16.62 -9.51 10.73
C ASN A 177 17.80 -10.47 10.92
N GLY A 178 18.55 -10.71 9.84
CA GLY A 178 19.70 -11.59 9.91
C GLY A 178 19.39 -13.05 9.62
N MET A 179 18.11 -13.40 9.70
CA MET A 179 17.68 -14.79 9.44
C MET A 179 18.25 -15.31 8.13
N GLN A 180 18.53 -16.60 8.09
CA GLN A 180 19.09 -17.22 6.90
C GLN A 180 18.00 -17.84 6.03
N LEU A 181 17.84 -17.30 4.83
CA LEU A 181 16.84 -17.79 3.88
C LEU A 181 17.56 -18.24 2.61
N GLY A 182 17.64 -19.54 2.40
CA GLY A 182 18.33 -20.05 1.23
C GLY A 182 19.81 -19.74 1.33
N ASP A 183 20.32 -18.96 0.38
CA ASP A 183 21.74 -18.60 0.39
C ASP A 183 21.88 -17.09 0.58
N LYS A 184 20.84 -16.48 1.16
CA LYS A 184 20.84 -15.04 1.41
C LYS A 184 20.59 -14.73 2.88
N LYS A 185 21.08 -13.56 3.31
CA LYS A 185 20.91 -13.14 4.70
C LYS A 185 19.78 -12.10 4.74
N LEU A 186 18.72 -12.43 5.45
CA LEU A 186 17.57 -11.55 5.57
C LEU A 186 17.92 -10.22 6.25
N LEU A 187 17.29 -9.18 5.77
CA LEU A 187 17.49 -7.83 6.28
C LEU A 187 16.15 -7.22 6.61
N VAL A 188 15.94 -6.70 7.81
CA VAL A 188 14.70 -6.10 8.22
C VAL A 188 14.96 -4.84 8.99
N GLN A 189 14.43 -3.70 8.59
CA GLN A 189 14.59 -2.43 9.23
C GLN A 189 13.37 -1.55 8.94
N ARG A 190 13.10 -0.58 9.82
CA ARG A 190 11.94 0.28 9.57
C ARG A 190 12.16 0.96 8.20
N ALA A 191 11.20 0.76 7.30
CA ALA A 191 11.26 1.33 5.95
C ALA A 191 11.53 2.83 5.90
N SER A 192 11.46 3.50 7.03
CA SER A 192 11.70 4.95 7.05
C SER A 192 12.88 5.29 7.96
N VAL A 193 12.65 5.29 9.25
CA VAL A 193 13.70 5.62 10.21
C VAL A 193 14.48 4.39 10.63
N GLY A 194 15.71 4.29 10.16
CA GLY A 194 16.57 3.17 10.53
C GLY A 194 17.28 3.43 11.84
N ALA A 195 17.36 2.41 12.68
CA ALA A 195 17.97 2.56 13.99
C ALA A 195 19.48 2.66 13.89
N LYS A 196 20.02 3.84 14.17
CA LYS A 196 21.46 4.03 14.21
C LYS A 196 22.02 3.39 15.47
N ASN A 197 21.30 3.58 16.55
CA ASN A 197 21.66 3.00 17.83
C ASN A 197 20.62 1.98 18.25
N ALA A 198 20.96 0.71 18.16
CA ALA A 198 20.05 -0.36 18.52
C ALA A 198 20.51 -1.08 19.78
N ALA A 4 -9.26 15.40 -3.71
CA ALA A 4 -9.60 15.07 -5.10
C ALA A 4 -10.48 13.82 -5.16
N ARG A 5 -11.36 13.77 -6.15
CA ARG A 5 -12.23 12.61 -6.38
C ARG A 5 -11.58 11.61 -7.34
N ARG A 6 -10.39 11.15 -6.98
CA ARG A 6 -9.61 10.19 -7.76
C ARG A 6 -8.61 9.44 -6.90
N LEU A 7 -8.34 8.19 -7.27
CA LEU A 7 -7.39 7.37 -6.53
C LEU A 7 -6.55 6.53 -7.46
N TYR A 8 -5.29 6.35 -7.10
CA TYR A 8 -4.37 5.56 -7.90
C TYR A 8 -4.31 4.15 -7.34
N VAL A 9 -4.56 3.16 -8.18
CA VAL A 9 -4.53 1.77 -7.76
C VAL A 9 -3.58 0.98 -8.63
N GLY A 10 -2.39 0.72 -8.11
CA GLY A 10 -1.39 -0.04 -8.85
C GLY A 10 -1.37 -1.50 -8.48
N ASN A 11 -0.43 -2.24 -9.13
CA ASN A 11 -0.26 -3.72 -8.99
C ASN A 11 -1.63 -4.45 -9.21
N ILE A 12 -2.46 -3.94 -10.25
CA ILE A 12 -3.74 -4.52 -10.62
C ILE A 12 -3.56 -5.83 -11.38
N PRO A 13 -4.51 -6.77 -11.26
CA PRO A 13 -4.43 -8.07 -11.95
C PRO A 13 -4.30 -7.87 -13.46
N PHE A 14 -3.54 -8.74 -14.10
CA PHE A 14 -3.34 -8.65 -15.54
C PHE A 14 -4.61 -9.01 -16.32
N GLY A 15 -4.86 -8.26 -17.38
CA GLY A 15 -6.03 -8.49 -18.20
C GLY A 15 -7.34 -8.11 -17.55
N ILE A 16 -7.28 -7.50 -16.38
CA ILE A 16 -8.50 -7.10 -15.67
C ILE A 16 -9.23 -6.02 -16.47
N THR A 17 -10.54 -6.14 -16.57
CA THR A 17 -11.34 -5.17 -17.31
C THR A 17 -11.71 -3.99 -16.41
N GLU A 18 -11.94 -2.83 -17.03
CA GLU A 18 -12.29 -1.62 -16.29
C GLU A 18 -13.59 -1.85 -15.50
N GLU A 19 -14.56 -2.48 -16.15
CA GLU A 19 -15.85 -2.75 -15.49
C GLU A 19 -15.65 -3.65 -14.27
N ALA A 20 -14.84 -4.79 -14.38
CA ALA A 20 -14.58 -5.74 -13.23
C ALA A 20 -13.84 -5.03 -12.05
N MET A 21 -13.03 -3.90 -12.37
CA MET A 21 -12.43 -3.04 -11.36
C MET A 21 -13.47 -2.17 -10.67
N MET A 22 -14.50 -1.74 -11.40
CA MET A 22 -15.57 -0.90 -10.86
C MET A 22 -16.50 -1.70 -9.99
N ASP A 23 -17.03 -2.78 -10.55
CA ASP A 23 -17.94 -3.64 -9.83
C ASP A 23 -17.35 -4.12 -8.51
N PHE A 24 -16.02 -4.32 -8.47
CA PHE A 24 -15.38 -4.79 -7.24
C PHE A 24 -15.38 -3.70 -6.18
N PHE A 25 -14.88 -2.53 -6.52
CA PHE A 25 -14.83 -1.42 -5.56
C PHE A 25 -16.22 -1.00 -5.09
N ASN A 26 -17.16 -0.82 -6.01
CA ASN A 26 -18.52 -0.43 -5.62
C ASN A 26 -19.09 -1.47 -4.65
N ALA A 27 -18.87 -2.83 -4.92
CA ALA A 27 -19.33 -3.94 -4.03
C ALA A 27 -18.55 -3.95 -2.68
N GLN A 28 -17.26 -3.34 -2.64
CA GLN A 28 -16.49 -3.25 -1.41
C GLN A 28 -17.01 -2.09 -0.55
N MET A 29 -17.36 -1.01 -1.22
CA MET A 29 -17.88 0.18 -0.54
C MET A 29 -19.23 -0.11 0.12
N ARG A 30 -20.05 -0.91 -0.55
CA ARG A 30 -21.37 -1.26 -0.03
C ARG A 30 -21.29 -2.28 1.11
N LEU A 31 -20.47 -3.30 0.95
CA LEU A 31 -20.33 -4.33 1.98
C LEU A 31 -19.80 -3.72 3.27
N GLY A 32 -18.88 -2.78 3.12
CA GLY A 32 -18.30 -2.13 4.27
C GLY A 32 -19.18 -1.02 4.83
N GLY A 33 -20.15 -0.56 4.03
CA GLY A 33 -21.04 0.49 4.48
C GLY A 33 -20.31 1.82 4.56
N LEU A 34 -19.40 2.04 3.61
CA LEU A 34 -18.60 3.26 3.56
C LEU A 34 -19.23 4.34 2.68
N THR A 35 -20.43 4.08 2.17
CA THR A 35 -21.11 5.05 1.31
C THR A 35 -21.82 6.10 2.16
N GLN A 36 -21.82 7.35 1.68
CA GLN A 36 -22.47 8.45 2.40
C GLN A 36 -23.90 8.68 1.92
N ALA A 37 -24.22 8.19 0.73
CA ALA A 37 -25.56 8.35 0.18
C ALA A 37 -25.91 7.18 -0.74
N PRO A 38 -27.20 6.99 -1.07
CA PRO A 38 -27.64 5.91 -1.94
C PRO A 38 -26.96 6.01 -3.30
N GLY A 39 -26.62 4.87 -3.89
CA GLY A 39 -25.98 4.87 -5.20
C GLY A 39 -24.52 4.47 -5.12
N ASN A 40 -23.95 4.08 -6.25
CA ASN A 40 -22.55 3.67 -6.31
C ASN A 40 -21.60 4.88 -6.25
N PRO A 41 -20.54 4.79 -5.42
CA PRO A 41 -19.56 5.88 -5.28
C PRO A 41 -18.65 5.97 -6.51
N VAL A 42 -18.07 4.84 -6.89
CA VAL A 42 -17.19 4.78 -8.06
C VAL A 42 -17.96 4.98 -9.35
N LEU A 43 -17.83 6.20 -10.00
CA LEU A 43 -18.51 6.55 -11.31
C LEU A 43 -17.42 6.71 -12.42
N ALA A 44 -16.83 5.50 -12.83
CA ALA A 44 -15.73 5.25 -13.85
C ALA A 44 -14.34 4.86 -13.17
N VAL A 45 -13.55 4.05 -13.95
CA VAL A 45 -12.22 3.53 -13.70
C VAL A 45 -11.46 3.41 -15.02
N GLN A 46 -10.25 3.93 -15.05
CA GLN A 46 -9.41 3.89 -16.25
C GLN A 46 -8.19 3.02 -15.99
N ILE A 47 -7.97 2.03 -16.86
CA ILE A 47 -6.82 1.15 -16.66
C ILE A 47 -5.72 1.20 -17.72
N ASN A 48 -4.50 1.44 -17.25
CA ASN A 48 -3.32 1.49 -18.11
C ASN A 48 -2.70 0.08 -17.95
N GLN A 49 -3.13 -0.81 -18.84
CA GLN A 49 -2.63 -2.19 -18.79
C GLN A 49 -1.12 -2.35 -18.71
N ASP A 50 -0.40 -1.80 -19.68
CA ASP A 50 1.06 -1.92 -19.67
C ASP A 50 1.70 -1.39 -18.39
N LYS A 51 1.30 -0.19 -17.98
CA LYS A 51 1.84 0.42 -16.76
C LYS A 51 1.37 -0.33 -15.50
N ASN A 52 0.44 -1.25 -15.68
CA ASN A 52 -0.10 -2.04 -14.57
C ASN A 52 -0.81 -1.23 -13.49
N PHE A 53 -1.52 -0.18 -13.88
CA PHE A 53 -2.21 0.63 -12.89
C PHE A 53 -3.56 1.15 -13.42
N ALA A 54 -4.35 1.67 -12.48
CA ALA A 54 -5.66 2.20 -12.84
C ALA A 54 -6.01 3.38 -11.95
N PHE A 55 -6.97 4.20 -12.37
CA PHE A 55 -7.38 5.35 -11.59
C PHE A 55 -8.88 5.26 -11.33
N LEU A 56 -9.26 5.39 -10.07
CA LEU A 56 -10.67 5.32 -9.70
C LEU A 56 -11.28 6.71 -9.65
N GLU A 57 -12.49 6.86 -10.17
CA GLU A 57 -13.17 8.14 -10.18
C GLU A 57 -14.42 8.07 -9.31
N PHE A 58 -14.41 8.83 -8.22
CA PHE A 58 -15.54 8.85 -7.29
C PHE A 58 -16.44 10.05 -7.52
N ARG A 59 -17.64 9.98 -6.95
CA ARG A 59 -18.62 11.06 -7.07
C ARG A 59 -18.45 12.10 -5.97
N SER A 60 -17.89 11.68 -4.83
CA SER A 60 -17.68 12.60 -3.71
C SER A 60 -16.25 12.54 -3.20
N VAL A 61 -15.85 13.59 -2.51
CA VAL A 61 -14.50 13.69 -1.95
C VAL A 61 -14.30 12.79 -0.74
N ASP A 62 -15.32 12.74 0.14
CA ASP A 62 -15.25 11.93 1.34
C ASP A 62 -15.19 10.43 1.02
N GLU A 63 -15.99 9.99 0.04
CA GLU A 63 -16.00 8.58 -0.34
C GLU A 63 -14.63 8.15 -0.85
N THR A 64 -14.01 8.99 -1.68
CA THR A 64 -12.70 8.67 -2.21
C THR A 64 -11.75 8.37 -1.03
N THR A 65 -11.68 9.38 -0.03
CA THR A 65 -10.87 9.34 1.26
C THR A 65 -11.25 8.04 2.09
N GLN A 66 -12.56 7.50 1.90
CA GLN A 66 -12.97 6.27 2.56
C GLN A 66 -12.45 5.00 1.87
N ALA A 67 -12.34 5.03 0.55
CA ALA A 67 -11.85 3.87 -0.19
C ALA A 67 -10.38 3.58 0.07
N MET A 68 -9.69 4.58 0.60
CA MET A 68 -8.26 4.41 0.88
C MET A 68 -8.01 3.31 1.91
N ALA A 69 -9.05 2.96 2.67
CA ALA A 69 -8.94 1.93 3.69
C ALA A 69 -8.78 0.55 3.06
N PHE A 70 -8.95 0.46 1.75
CA PHE A 70 -8.82 -0.80 1.05
C PHE A 70 -7.42 -1.00 0.50
N ASP A 71 -6.46 -0.22 1.00
CA ASP A 71 -5.08 -0.32 0.54
C ASP A 71 -4.48 -1.67 0.95
N GLY A 72 -4.03 -2.42 -0.05
CA GLY A 72 -3.44 -3.73 0.21
C GLY A 72 -4.42 -4.88 0.08
N ILE A 73 -5.70 -4.57 -0.16
CA ILE A 73 -6.72 -5.60 -0.30
C ILE A 73 -6.34 -6.59 -1.39
N ILE A 74 -6.67 -7.87 -1.16
CA ILE A 74 -6.35 -8.92 -2.12
C ILE A 74 -7.44 -9.03 -3.19
N PHE A 75 -7.03 -8.85 -4.45
CA PHE A 75 -7.96 -8.93 -5.57
C PHE A 75 -7.34 -9.75 -6.70
N GLN A 76 -7.86 -10.95 -6.89
CA GLN A 76 -7.38 -11.84 -7.94
C GLN A 76 -5.91 -12.20 -7.74
N GLY A 77 -5.54 -12.47 -6.49
CA GLY A 77 -4.15 -12.83 -6.18
C GLY A 77 -3.17 -11.67 -6.13
N GLN A 78 -3.64 -10.46 -6.46
CA GLN A 78 -2.76 -9.29 -6.43
C GLN A 78 -3.13 -8.33 -5.31
N SER A 79 -2.12 -7.91 -4.54
CA SER A 79 -2.32 -6.97 -3.43
C SER A 79 -2.33 -5.55 -4.00
N LEU A 80 -3.53 -5.00 -4.15
CA LEU A 80 -3.70 -3.66 -4.68
C LEU A 80 -3.04 -2.57 -3.85
N LYS A 81 -2.40 -1.63 -4.54
CA LYS A 81 -1.72 -0.52 -3.89
C LYS A 81 -2.53 0.74 -4.17
N ILE A 82 -3.18 1.27 -3.14
CA ILE A 82 -3.99 2.47 -3.28
C ILE A 82 -3.31 3.72 -2.74
N ARG A 83 -3.22 4.74 -3.58
CA ARG A 83 -2.60 5.99 -3.21
C ARG A 83 -3.38 7.16 -3.80
N ARG A 84 -3.03 8.37 -3.39
CA ARG A 84 -3.72 9.54 -3.88
C ARG A 84 -3.00 10.02 -5.15
N PRO A 85 -3.70 10.73 -6.06
CA PRO A 85 -3.08 11.23 -7.29
C PRO A 85 -1.88 12.11 -7.02
N HIS A 86 -1.21 12.52 -8.09
CA HIS A 86 -0.03 13.37 -7.98
C HIS A 86 -0.30 14.74 -8.62
N ASP A 87 -1.57 15.12 -8.62
CA ASP A 87 -1.98 16.44 -9.08
C ASP A 87 -1.61 17.47 -8.02
N TYR A 88 -0.88 18.50 -8.44
CA TYR A 88 -0.40 19.56 -7.54
C TYR A 88 0.60 19.00 -6.54
N GLN A 89 1.86 19.34 -6.75
CA GLN A 89 2.96 18.84 -5.91
C GLN A 89 2.83 19.31 -4.47
N PRO A 90 3.17 18.43 -3.51
CA PRO A 90 3.12 18.76 -2.08
C PRO A 90 4.07 19.89 -1.70
N LEU A 91 5.21 19.96 -2.36
CA LEU A 91 6.19 21.01 -2.10
C LEU A 91 5.91 22.23 -2.97
N PRO A 92 5.97 23.42 -2.37
CA PRO A 92 5.70 24.68 -3.09
C PRO A 92 6.81 25.01 -4.09
N GLY A 93 6.62 26.08 -4.84
CA GLY A 93 7.61 26.51 -5.81
C GLY A 93 8.75 27.25 -5.15
N MET A 94 9.70 27.72 -5.95
CA MET A 94 10.85 28.45 -5.43
C MET A 94 11.19 29.61 -6.36
N SER A 95 12.15 30.42 -5.95
CA SER A 95 12.61 31.54 -6.75
C SER A 95 14.05 31.30 -7.19
N GLU A 96 14.50 32.04 -8.18
CA GLU A 96 15.90 31.96 -8.62
C GLU A 96 16.78 32.59 -7.55
N ASN A 97 17.30 31.75 -6.67
CA ASN A 97 18.08 32.19 -5.53
C ASN A 97 19.39 31.42 -5.45
N PRO A 98 20.50 32.10 -5.11
CA PRO A 98 21.80 31.44 -4.90
C PRO A 98 21.77 30.56 -3.66
N SER A 99 21.74 29.25 -3.88
CA SER A 99 21.70 28.31 -2.78
C SER A 99 22.68 27.17 -2.99
N VAL A 100 23.66 27.07 -2.11
CA VAL A 100 24.64 25.98 -2.16
C VAL A 100 24.19 24.82 -1.29
N TYR A 101 22.93 24.89 -0.87
CA TYR A 101 22.33 23.90 0.02
C TYR A 101 23.06 23.87 1.35
N VAL A 102 22.68 24.79 2.23
CA VAL A 102 23.34 24.92 3.52
C VAL A 102 22.79 23.90 4.53
N PRO A 103 21.49 23.97 4.89
CA PRO A 103 20.91 23.06 5.87
C PRO A 103 20.82 21.62 5.34
N GLY A 104 21.64 20.74 5.89
CA GLY A 104 21.66 19.37 5.44
C GLY A 104 20.56 18.54 6.07
N VAL A 105 19.84 19.13 7.01
CA VAL A 105 18.75 18.45 7.69
C VAL A 105 17.41 19.09 7.34
N VAL A 106 16.45 18.27 6.94
CA VAL A 106 15.14 18.74 6.55
C VAL A 106 14.09 17.64 6.74
N SER A 107 12.89 18.03 7.16
CA SER A 107 11.81 17.08 7.35
C SER A 107 10.67 17.39 6.37
N THR A 108 10.60 16.61 5.30
CA THR A 108 9.58 16.81 4.28
C THR A 108 9.44 15.55 3.41
N VAL A 109 8.32 15.47 2.69
CA VAL A 109 8.02 14.35 1.80
C VAL A 109 7.87 13.04 2.58
N VAL A 110 6.63 12.71 2.89
CA VAL A 110 6.34 11.48 3.61
C VAL A 110 5.24 10.68 2.93
N PRO A 111 5.55 9.44 2.51
CA PRO A 111 4.58 8.53 1.91
C PRO A 111 3.80 7.77 2.98
N ASP A 112 3.38 6.55 2.66
CA ASP A 112 2.74 5.70 3.66
C ASP A 112 3.78 5.26 4.69
N SER A 113 3.73 5.86 5.86
CA SER A 113 4.75 5.63 6.87
C SER A 113 4.20 5.76 8.29
N ALA A 114 3.93 4.62 8.88
CA ALA A 114 3.58 4.55 10.29
C ALA A 114 4.53 3.59 10.99
N HIS A 115 4.38 2.31 10.70
CA HIS A 115 5.30 1.29 11.20
C HIS A 115 5.58 0.24 10.13
N LYS A 116 5.54 0.66 8.87
CA LYS A 116 5.78 -0.24 7.75
C LYS A 116 7.21 -0.79 7.82
N LEU A 117 7.33 -2.07 7.52
CA LEU A 117 8.62 -2.75 7.54
C LEU A 117 9.11 -3.11 6.15
N PHE A 118 10.42 -3.01 5.97
CA PHE A 118 11.06 -3.34 4.70
C PHE A 118 11.73 -4.69 4.86
N ILE A 119 11.52 -5.59 3.92
CA ILE A 119 12.12 -6.90 3.98
C ILE A 119 12.86 -7.19 2.69
N GLY A 120 14.16 -7.44 2.78
CA GLY A 120 14.95 -7.72 1.61
C GLY A 120 15.73 -9.01 1.71
N GLY A 121 16.46 -9.34 0.66
CA GLY A 121 17.25 -10.56 0.66
C GLY A 121 16.39 -11.78 0.43
N LEU A 122 15.13 -11.54 0.07
CA LEU A 122 14.18 -12.61 -0.19
C LEU A 122 14.51 -13.34 -1.48
N PRO A 123 14.47 -14.69 -1.47
CA PRO A 123 14.76 -15.47 -2.67
C PRO A 123 13.73 -15.13 -3.75
N ASN A 124 14.17 -15.06 -4.99
CA ASN A 124 13.28 -14.73 -6.09
C ASN A 124 12.20 -15.77 -6.38
N TYR A 125 12.31 -16.97 -5.84
CA TYR A 125 11.29 -18.00 -6.09
C TYR A 125 10.07 -17.92 -5.17
N LEU A 126 10.20 -17.32 -3.99
CA LEU A 126 9.06 -17.22 -3.07
C LEU A 126 7.97 -16.32 -3.64
N ASN A 127 6.71 -16.61 -3.29
CA ASN A 127 5.58 -15.82 -3.76
C ASN A 127 4.91 -15.10 -2.60
N ASP A 128 3.81 -14.40 -2.87
CA ASP A 128 3.08 -13.65 -1.84
C ASP A 128 2.68 -14.48 -0.62
N ASP A 129 1.92 -15.65 -0.84
CA ASP A 129 1.44 -16.60 0.22
C ASP A 129 2.63 -17.25 1.02
N GLN A 130 3.89 -17.40 0.37
CA GLN A 130 5.07 -17.93 1.05
C GLN A 130 5.73 -16.87 1.93
N VAL A 131 5.95 -15.70 1.35
CA VAL A 131 6.58 -14.60 2.07
C VAL A 131 5.71 -14.18 3.25
N LYS A 132 4.42 -13.97 2.98
CA LYS A 132 3.46 -13.58 4.01
C LYS A 132 3.50 -14.53 5.19
N GLU A 133 3.68 -15.82 4.92
CA GLU A 133 3.71 -16.82 5.97
C GLU A 133 4.88 -16.56 6.93
N LEU A 134 6.07 -16.43 6.37
CA LEU A 134 7.28 -16.18 7.14
C LEU A 134 7.07 -14.96 8.07
N LEU A 135 6.28 -13.99 7.61
CA LEU A 135 5.99 -12.77 8.37
C LEU A 135 4.87 -12.98 9.40
N THR A 136 3.84 -13.70 8.99
CA THR A 136 2.69 -13.96 9.85
C THR A 136 3.05 -14.66 11.15
N SER A 137 4.17 -15.50 11.15
CA SER A 137 4.67 -16.24 12.34
C SER A 137 4.84 -15.31 13.61
N PHE A 138 4.72 -13.88 13.43
CA PHE A 138 4.87 -12.97 14.55
C PHE A 138 3.56 -12.29 14.90
N GLY A 139 2.59 -12.44 14.02
CA GLY A 139 1.28 -11.84 14.23
C GLY A 139 0.61 -11.45 12.92
N PRO A 140 -0.72 -11.24 12.93
CA PRO A 140 -1.46 -10.86 11.73
C PRO A 140 -0.97 -9.55 11.11
N LEU A 141 -1.06 -9.48 9.77
CA LEU A 141 -0.62 -8.29 9.05
C LEU A 141 -1.81 -7.44 8.62
N LYS A 142 -1.61 -6.12 8.60
CA LYS A 142 -2.66 -5.19 8.21
C LYS A 142 -2.42 -4.75 6.76
N ALA A 143 -1.17 -4.85 6.22
CA ALA A 143 -0.83 -4.43 4.82
C ALA A 143 0.46 -5.12 4.41
N PHE A 144 0.45 -5.79 3.23
CA PHE A 144 1.62 -6.49 2.69
C PHE A 144 1.69 -6.41 1.16
N ASN A 145 2.87 -6.10 0.62
CA ASN A 145 3.05 -6.01 -0.83
C ASN A 145 4.44 -6.51 -1.25
N LEU A 146 4.46 -7.49 -2.16
CA LEU A 146 5.72 -8.04 -2.68
C LEU A 146 5.98 -7.42 -4.04
N VAL A 147 7.09 -6.70 -4.16
CA VAL A 147 7.43 -6.06 -5.43
C VAL A 147 7.92 -7.03 -6.49
N LYS A 148 7.23 -7.03 -7.63
CA LYS A 148 7.57 -7.90 -8.75
C LYS A 148 7.91 -7.04 -9.97
N ASP A 149 8.81 -7.52 -10.82
CA ASP A 149 9.21 -6.77 -12.02
C ASP A 149 7.99 -6.51 -12.92
N SER A 150 7.96 -5.31 -13.51
CA SER A 150 6.87 -4.91 -14.39
C SER A 150 6.57 -5.96 -15.46
N ALA A 151 7.55 -6.23 -16.31
CA ALA A 151 7.38 -7.20 -17.39
C ALA A 151 7.54 -8.64 -16.90
N THR A 152 8.74 -8.97 -16.43
CA THR A 152 9.04 -10.32 -15.93
C THR A 152 7.89 -10.85 -15.06
N GLY A 153 7.58 -10.13 -13.99
CA GLY A 153 6.50 -10.56 -13.11
C GLY A 153 6.95 -11.31 -11.88
N LEU A 154 8.24 -11.63 -11.80
CA LEU A 154 8.76 -12.37 -10.64
C LEU A 154 9.18 -11.41 -9.53
N SER A 155 9.42 -11.97 -8.35
CA SER A 155 9.82 -11.17 -7.19
C SER A 155 11.11 -10.40 -7.46
N LYS A 156 11.17 -9.18 -6.94
CA LYS A 156 12.33 -8.32 -7.11
C LYS A 156 13.33 -8.60 -5.98
N GLY A 157 12.89 -9.37 -5.00
CA GLY A 157 13.74 -9.71 -3.88
C GLY A 157 13.40 -8.96 -2.60
N TYR A 158 12.41 -8.06 -2.65
CA TYR A 158 12.04 -7.31 -1.45
C TYR A 158 10.53 -7.06 -1.36
N ALA A 159 10.03 -7.06 -0.12
CA ALA A 159 8.61 -6.82 0.13
C ALA A 159 8.38 -5.95 1.36
N PHE A 160 7.23 -5.30 1.36
CA PHE A 160 6.84 -4.41 2.46
C PHE A 160 5.65 -5.01 3.23
N CYS A 161 5.63 -4.76 4.54
CA CYS A 161 4.54 -5.29 5.37
C CYS A 161 4.36 -4.50 6.65
N GLU A 162 3.16 -4.56 7.21
CA GLU A 162 2.84 -3.85 8.45
C GLU A 162 1.87 -4.69 9.27
N TYR A 163 2.20 -4.93 10.54
CA TYR A 163 1.34 -5.72 11.43
C TYR A 163 0.24 -4.87 12.04
N VAL A 164 -0.77 -5.56 12.60
CA VAL A 164 -1.90 -4.87 13.23
C VAL A 164 -1.42 -4.24 14.54
N ASP A 165 -0.67 -5.03 15.31
CA ASP A 165 -0.12 -4.56 16.59
C ASP A 165 1.32 -4.10 16.33
N ILE A 166 1.48 -2.79 16.27
CA ILE A 166 2.80 -2.17 16.01
C ILE A 166 3.94 -2.64 16.96
N ASN A 167 3.60 -2.89 18.22
CA ASN A 167 4.62 -3.35 19.17
C ASN A 167 5.31 -4.63 18.61
N VAL A 168 4.44 -5.44 18.03
CA VAL A 168 5.00 -6.70 17.46
C VAL A 168 5.99 -6.36 16.36
N THR A 169 5.85 -5.16 15.78
CA THR A 169 6.76 -4.73 14.72
C THR A 169 8.19 -4.84 15.20
N ASP A 170 8.47 -4.33 16.41
CA ASP A 170 9.83 -4.41 16.94
C ASP A 170 10.26 -5.86 17.14
N GLN A 171 9.34 -6.68 17.66
CA GLN A 171 9.66 -8.09 17.88
C GLN A 171 9.93 -8.83 16.55
N ALA A 172 9.23 -8.38 15.54
CA ALA A 172 9.38 -8.98 14.21
C ALA A 172 10.73 -8.70 13.57
N ILE A 173 11.27 -7.51 13.82
CA ILE A 173 12.57 -7.16 13.25
C ILE A 173 13.69 -7.98 13.87
N ALA A 174 13.74 -8.01 15.29
CA ALA A 174 14.75 -8.75 16.13
C ALA A 174 14.86 -10.27 15.78
N GLY A 175 13.67 -10.94 15.49
CA GLY A 175 13.66 -12.35 15.11
C GLY A 175 13.82 -12.66 13.64
N LEU A 176 13.49 -11.74 12.72
CA LEU A 176 13.61 -12.00 11.29
C LEU A 176 14.90 -11.46 10.68
N ASN A 177 15.24 -10.23 11.01
CA ASN A 177 16.45 -9.61 10.47
C ASN A 177 17.66 -10.52 10.66
N GLY A 178 18.42 -10.73 9.58
CA GLY A 178 19.60 -11.58 9.64
C GLY A 178 19.33 -13.03 9.34
N MET A 179 18.06 -13.44 9.41
CA MET A 179 17.67 -14.83 9.14
C MET A 179 18.27 -15.32 7.82
N GLN A 180 18.59 -16.61 7.76
CA GLN A 180 19.16 -17.19 6.56
C GLN A 180 18.10 -17.84 5.69
N LEU A 181 17.92 -17.28 4.49
CA LEU A 181 16.93 -17.78 3.53
C LEU A 181 17.67 -18.20 2.26
N GLY A 182 17.80 -19.50 2.04
CA GLY A 182 18.49 -19.97 0.86
C GLY A 182 19.97 -19.61 0.97
N ASP A 183 20.46 -18.81 0.04
CA ASP A 183 21.86 -18.40 0.04
C ASP A 183 21.96 -16.89 0.26
N LYS A 184 20.90 -16.32 0.84
CA LYS A 184 20.85 -14.89 1.10
C LYS A 184 20.59 -14.60 2.58
N LYS A 185 21.04 -13.43 3.03
CA LYS A 185 20.85 -13.02 4.41
C LYS A 185 19.70 -12.03 4.47
N LEU A 186 18.65 -12.39 5.18
CA LEU A 186 17.48 -11.54 5.31
C LEU A 186 17.79 -10.23 6.00
N LEU A 187 17.12 -9.18 5.52
CA LEU A 187 17.28 -7.84 6.06
C LEU A 187 15.91 -7.28 6.39
N VAL A 188 15.70 -6.78 7.60
CA VAL A 188 14.42 -6.22 8.01
C VAL A 188 14.65 -4.96 8.80
N GLN A 189 14.08 -3.84 8.41
CA GLN A 189 14.20 -2.57 9.07
C GLN A 189 12.96 -1.72 8.79
N ARG A 190 12.66 -0.78 9.68
CA ARG A 190 11.48 0.05 9.43
C ARG A 190 11.67 0.75 8.08
N ALA A 191 10.72 0.54 7.17
CA ALA A 191 10.76 1.13 5.82
C ALA A 191 10.99 2.63 5.79
N SER A 192 10.89 3.29 6.93
CA SER A 192 11.10 4.74 6.98
C SER A 192 12.27 5.11 7.88
N VAL A 193 12.02 5.09 9.19
CA VAL A 193 13.04 5.43 10.17
C VAL A 193 12.59 5.05 11.57
N GLY A 194 11.33 5.34 11.87
CA GLY A 194 10.79 5.02 13.17
C GLY A 194 9.37 5.51 13.34
N ALA A 195 9.16 6.35 14.35
CA ALA A 195 7.84 6.88 14.65
C ALA A 195 7.99 8.12 15.51
N LYS A 196 6.90 8.56 16.14
CA LYS A 196 6.94 9.71 17.04
C LYS A 196 7.71 9.32 18.30
N ASN A 197 7.38 8.15 18.85
CA ASN A 197 8.05 7.64 20.03
C ASN A 197 8.17 6.12 19.95
N ALA A 198 9.39 5.63 19.95
CA ALA A 198 9.62 4.19 19.87
C ALA A 198 10.63 3.74 20.93
N ALA A 4 -9.32 15.95 -6.21
CA ALA A 4 -9.38 15.03 -5.04
C ALA A 4 -10.46 13.97 -5.22
N ARG A 5 -10.84 13.74 -6.47
CA ARG A 5 -11.84 12.75 -6.84
C ARG A 5 -11.23 11.70 -7.79
N ARG A 6 -10.03 11.23 -7.44
CA ARG A 6 -9.29 10.23 -8.19
C ARG A 6 -8.31 9.47 -7.31
N LEU A 7 -8.08 8.21 -7.64
CA LEU A 7 -7.16 7.37 -6.86
C LEU A 7 -6.33 6.48 -7.78
N TYR A 8 -5.08 6.28 -7.40
CA TYR A 8 -4.18 5.44 -8.17
C TYR A 8 -4.17 4.04 -7.57
N VAL A 9 -4.46 3.04 -8.39
CA VAL A 9 -4.47 1.67 -7.92
C VAL A 9 -3.53 0.82 -8.77
N GLY A 10 -2.34 0.54 -8.23
CA GLY A 10 -1.37 -0.27 -8.95
C GLY A 10 -1.38 -1.72 -8.54
N ASN A 11 -0.46 -2.51 -9.16
CA ASN A 11 -0.34 -3.99 -8.99
C ASN A 11 -1.74 -4.68 -9.18
N ILE A 12 -2.55 -4.17 -10.25
CA ILE A 12 -3.84 -4.73 -10.62
C ILE A 12 -3.68 -6.05 -11.34
N PRO A 13 -4.67 -6.97 -11.21
CA PRO A 13 -4.63 -8.28 -11.86
C PRO A 13 -4.48 -8.13 -13.38
N PHE A 14 -3.74 -9.04 -13.99
CA PHE A 14 -3.53 -9.00 -15.43
C PHE A 14 -4.79 -9.33 -16.20
N GLY A 15 -5.01 -8.60 -17.29
CA GLY A 15 -6.19 -8.82 -18.12
C GLY A 15 -7.49 -8.39 -17.48
N ILE A 16 -7.42 -7.73 -16.33
CA ILE A 16 -8.64 -7.29 -15.65
C ILE A 16 -9.32 -6.21 -16.47
N THR A 17 -10.65 -6.30 -16.58
CA THR A 17 -11.41 -5.32 -17.35
C THR A 17 -11.74 -4.10 -16.49
N GLU A 18 -11.94 -2.96 -17.13
CA GLU A 18 -12.27 -1.72 -16.43
C GLU A 18 -13.57 -1.89 -15.64
N GLU A 19 -14.56 -2.51 -16.29
CA GLU A 19 -15.85 -2.72 -15.63
C GLU A 19 -15.69 -3.59 -14.39
N ALA A 20 -14.91 -4.77 -14.46
CA ALA A 20 -14.68 -5.69 -13.29
C ALA A 20 -13.93 -4.97 -12.12
N MET A 21 -13.09 -3.87 -12.47
CA MET A 21 -12.47 -3.01 -11.47
C MET A 21 -13.50 -2.09 -10.81
N MET A 22 -14.50 -1.64 -11.55
CA MET A 22 -15.54 -0.76 -11.06
C MET A 22 -16.51 -1.51 -10.16
N ASP A 23 -17.06 -2.59 -10.70
CA ASP A 23 -18.01 -3.40 -9.97
C ASP A 23 -17.44 -3.86 -8.63
N PHE A 24 -16.13 -4.11 -8.58
CA PHE A 24 -15.51 -4.55 -7.34
C PHE A 24 -15.48 -3.45 -6.29
N PHE A 25 -14.94 -2.29 -6.66
CA PHE A 25 -14.87 -1.16 -5.73
C PHE A 25 -16.25 -0.69 -5.28
N ASN A 26 -17.17 -0.50 -6.21
CA ASN A 26 -18.52 -0.05 -5.85
C ASN A 26 -19.13 -1.05 -4.86
N ALA A 27 -18.96 -2.43 -5.09
CA ALA A 27 -19.46 -3.50 -4.17
C ALA A 27 -18.68 -3.49 -2.82
N GLN A 28 -17.37 -2.93 -2.79
CA GLN A 28 -16.61 -2.83 -1.53
C GLN A 28 -17.10 -1.64 -0.72
N MET A 29 -17.42 -0.55 -1.42
CA MET A 29 -17.91 0.66 -0.78
C MET A 29 -19.27 0.44 -0.13
N ARG A 30 -20.11 -0.36 -0.78
CA ARG A 30 -21.44 -0.66 -0.26
C ARG A 30 -21.40 -1.65 0.90
N LEU A 31 -20.60 -2.70 0.77
CA LEU A 31 -20.51 -3.71 1.83
C LEU A 31 -19.97 -3.08 3.12
N GLY A 32 -19.02 -2.17 2.95
CA GLY A 32 -18.43 -1.50 4.09
C GLY A 32 -19.28 -0.36 4.60
N GLY A 33 -20.23 0.11 3.80
CA GLY A 33 -21.09 1.20 4.20
C GLY A 33 -20.31 2.51 4.26
N LEU A 34 -19.39 2.67 3.32
CA LEU A 34 -18.56 3.87 3.23
C LEU A 34 -19.14 4.94 2.32
N THR A 35 -20.35 4.71 1.81
CA THR A 35 -21.00 5.67 0.91
C THR A 35 -21.69 6.77 1.73
N GLN A 36 -21.65 8.00 1.21
CA GLN A 36 -22.26 9.13 1.90
C GLN A 36 -23.68 9.40 1.40
N ALA A 37 -24.01 8.88 0.23
CA ALA A 37 -25.34 9.08 -0.34
C ALA A 37 -25.72 7.89 -1.22
N PRO A 38 -27.02 7.74 -1.56
CA PRO A 38 -27.47 6.64 -2.41
C PRO A 38 -26.78 6.68 -3.77
N GLY A 39 -26.48 5.52 -4.33
CA GLY A 39 -25.83 5.46 -5.62
C GLY A 39 -24.37 5.03 -5.52
N ASN A 40 -23.81 4.59 -6.64
CA ASN A 40 -22.42 4.14 -6.67
C ASN A 40 -21.44 5.32 -6.63
N PRO A 41 -20.38 5.22 -5.79
CA PRO A 41 -19.38 6.28 -5.68
C PRO A 41 -18.46 6.32 -6.90
N VAL A 42 -17.91 5.15 -7.26
CA VAL A 42 -17.02 5.04 -8.40
C VAL A 42 -17.78 5.22 -9.71
N LEU A 43 -17.62 6.44 -10.41
CA LEU A 43 -18.33 6.82 -11.72
C LEU A 43 -17.66 6.16 -12.99
N ALA A 44 -16.27 6.07 -12.98
CA ALA A 44 -15.43 5.44 -14.05
C ALA A 44 -14.07 4.92 -13.46
N VAL A 45 -13.37 4.04 -14.26
CA VAL A 45 -12.04 3.49 -13.98
C VAL A 45 -11.28 3.31 -15.29
N GLN A 46 -10.05 3.80 -15.33
CA GLN A 46 -9.20 3.70 -16.52
C GLN A 46 -8.01 2.80 -16.22
N ILE A 47 -7.82 1.78 -17.07
CA ILE A 47 -6.70 0.88 -16.83
C ILE A 47 -5.59 0.86 -17.87
N ASN A 48 -4.37 1.08 -17.40
CA ASN A 48 -3.18 1.07 -18.26
C ASN A 48 -2.61 -0.35 -18.06
N GLN A 49 -3.05 -1.25 -18.92
CA GLN A 49 -2.61 -2.65 -18.84
C GLN A 49 -1.09 -2.85 -18.74
N ASP A 50 -0.35 -2.35 -19.72
CA ASP A 50 1.11 -2.51 -19.70
C ASP A 50 1.74 -1.96 -18.42
N LYS A 51 1.38 -0.74 -18.04
CA LYS A 51 1.93 -0.11 -16.84
C LYS A 51 1.43 -0.81 -15.57
N ASN A 52 0.47 -1.71 -15.72
CA ASN A 52 -0.10 -2.46 -14.60
C ASN A 52 -0.80 -1.59 -13.54
N PHE A 53 -1.46 -0.53 -13.97
CA PHE A 53 -2.14 0.32 -13.00
C PHE A 53 -3.47 0.85 -13.56
N ALA A 54 -4.24 1.44 -12.65
CA ALA A 54 -5.54 2.00 -13.03
C ALA A 54 -5.86 3.21 -12.17
N PHE A 55 -6.79 4.04 -12.63
CA PHE A 55 -7.17 5.23 -11.87
C PHE A 55 -8.67 5.18 -11.63
N LEU A 56 -9.06 5.36 -10.37
CA LEU A 56 -10.48 5.34 -10.02
C LEU A 56 -11.04 6.76 -10.00
N GLU A 57 -12.24 6.92 -10.54
CA GLU A 57 -12.88 8.22 -10.58
C GLU A 57 -14.14 8.20 -9.72
N PHE A 58 -14.13 9.00 -8.66
CA PHE A 58 -15.26 9.07 -7.73
C PHE A 58 -16.12 10.30 -8.00
N ARG A 59 -17.32 10.28 -7.43
CA ARG A 59 -18.27 11.38 -7.60
C ARG A 59 -18.08 12.44 -6.52
N SER A 60 -17.54 12.04 -5.38
CA SER A 60 -17.31 12.98 -4.28
C SER A 60 -15.88 12.89 -3.76
N VAL A 61 -15.45 13.95 -3.08
CA VAL A 61 -14.11 14.02 -2.51
C VAL A 61 -13.96 13.14 -1.28
N ASP A 62 -14.97 13.16 -0.41
CA ASP A 62 -14.94 12.37 0.81
C ASP A 62 -14.92 10.87 0.53
N GLU A 63 -15.72 10.42 -0.44
CA GLU A 63 -15.78 9.00 -0.79
C GLU A 63 -14.42 8.52 -1.27
N THR A 64 -13.76 9.32 -2.12
CA THR A 64 -12.45 8.94 -2.64
C THR A 64 -11.53 8.65 -1.44
N THR A 65 -11.43 9.69 -0.46
CA THR A 65 -10.64 9.66 0.83
C THR A 65 -11.06 8.40 1.69
N GLN A 66 -12.38 7.89 1.51
CA GLN A 66 -12.83 6.68 2.20
C GLN A 66 -12.35 5.38 1.56
N ALA A 67 -12.23 5.38 0.23
CA ALA A 67 -11.77 4.18 -0.47
C ALA A 67 -10.31 3.85 -0.20
N MET A 68 -9.60 4.85 0.31
CA MET A 68 -8.17 4.64 0.60
C MET A 68 -7.97 3.56 1.67
N ALA A 69 -9.01 3.27 2.43
CA ALA A 69 -8.94 2.26 3.47
C ALA A 69 -8.82 0.85 2.89
N PHE A 70 -8.98 0.74 1.57
CA PHE A 70 -8.89 -0.55 0.90
C PHE A 70 -7.48 -0.80 0.37
N ASP A 71 -6.52 -0.03 0.86
CA ASP A 71 -5.14 -0.19 0.42
C ASP A 71 -4.57 -1.54 0.86
N GLY A 72 -4.15 -2.34 -0.11
CA GLY A 72 -3.60 -3.65 0.19
C GLY A 72 -4.61 -4.78 0.08
N ILE A 73 -5.86 -4.43 -0.18
CA ILE A 73 -6.93 -5.43 -0.30
C ILE A 73 -6.57 -6.48 -1.36
N ILE A 74 -6.93 -7.73 -1.09
CA ILE A 74 -6.64 -8.81 -2.03
C ILE A 74 -7.72 -8.91 -3.10
N PHE A 75 -7.30 -8.78 -4.36
CA PHE A 75 -8.21 -8.86 -5.48
C PHE A 75 -7.63 -9.74 -6.59
N GLN A 76 -8.18 -10.93 -6.76
CA GLN A 76 -7.72 -11.87 -7.77
C GLN A 76 -6.26 -12.25 -7.56
N GLY A 77 -5.89 -12.50 -6.30
CA GLY A 77 -4.53 -12.89 -5.97
C GLY A 77 -3.53 -11.76 -5.93
N GLN A 78 -3.95 -10.56 -6.31
CA GLN A 78 -3.03 -9.41 -6.30
C GLN A 78 -3.38 -8.39 -5.21
N SER A 79 -2.37 -8.00 -4.44
CA SER A 79 -2.56 -7.03 -3.36
C SER A 79 -2.52 -5.62 -3.96
N LEU A 80 -3.70 -5.04 -4.13
CA LEU A 80 -3.81 -3.70 -4.71
C LEU A 80 -3.13 -2.62 -3.90
N LYS A 81 -2.45 -1.71 -4.61
CA LYS A 81 -1.75 -0.61 -3.98
C LYS A 81 -2.53 0.67 -4.30
N ILE A 82 -3.16 1.25 -3.28
CA ILE A 82 -3.93 2.46 -3.47
C ILE A 82 -3.21 3.70 -2.95
N ARG A 83 -3.10 4.70 -3.82
CA ARG A 83 -2.43 5.94 -3.47
C ARG A 83 -3.18 7.12 -4.10
N ARG A 84 -2.80 8.33 -3.72
CA ARG A 84 -3.44 9.52 -4.26
C ARG A 84 -2.70 9.93 -5.53
N PRO A 85 -3.38 10.64 -6.45
CA PRO A 85 -2.74 11.09 -7.69
C PRO A 85 -1.51 11.93 -7.44
N HIS A 86 -0.81 12.29 -8.51
CA HIS A 86 0.39 13.10 -8.41
C HIS A 86 0.17 14.48 -9.04
N ASP A 87 -1.09 14.89 -9.11
CA ASP A 87 -1.43 16.15 -9.73
C ASP A 87 -0.84 17.34 -8.98
N TYR A 88 -0.56 18.40 -9.72
CA TYR A 88 0.11 19.57 -9.18
C TYR A 88 -0.71 20.23 -8.07
N GLN A 89 -0.17 20.18 -6.85
CA GLN A 89 -0.77 20.79 -5.67
C GLN A 89 -2.14 20.19 -5.34
N PRO A 90 -2.15 19.18 -4.46
CA PRO A 90 -3.39 18.60 -3.97
C PRO A 90 -4.12 19.55 -3.02
N LEU A 91 -5.26 19.10 -2.51
CA LEU A 91 -6.02 19.89 -1.55
C LEU A 91 -5.30 19.91 -0.20
N PRO A 92 -5.33 21.06 0.50
CA PRO A 92 -4.64 21.23 1.78
C PRO A 92 -5.02 20.16 2.80
N GLY A 93 -4.02 19.40 3.23
CA GLY A 93 -4.23 18.36 4.21
C GLY A 93 -3.03 18.23 5.13
N MET A 94 -3.28 17.94 6.40
CA MET A 94 -2.21 17.87 7.38
C MET A 94 -2.16 16.50 8.05
N SER A 95 -2.94 15.55 7.51
CA SER A 95 -3.02 14.20 8.05
C SER A 95 -3.50 14.23 9.51
N GLU A 96 -4.19 15.30 9.86
CA GLU A 96 -4.61 15.51 11.23
C GLU A 96 -6.07 15.08 11.40
N ASN A 97 -6.54 14.30 10.42
CA ASN A 97 -7.90 13.77 10.43
C ASN A 97 -8.24 13.09 11.77
N PRO A 98 -7.43 12.11 12.23
CA PRO A 98 -7.66 11.46 13.51
C PRO A 98 -6.91 12.16 14.65
N SER A 99 -6.48 13.40 14.38
CA SER A 99 -5.69 14.20 15.33
C SER A 99 -4.30 13.60 15.51
N VAL A 100 -3.32 14.46 15.73
CA VAL A 100 -1.96 14.02 15.96
C VAL A 100 -1.54 14.37 17.38
N TYR A 101 -0.43 13.79 17.83
CA TYR A 101 0.12 14.06 19.16
C TYR A 101 -0.78 13.43 20.24
N VAL A 102 -1.69 12.58 19.80
CA VAL A 102 -2.64 11.93 20.70
C VAL A 102 -1.93 10.95 21.65
N PRO A 103 -1.22 9.93 21.13
CA PRO A 103 -0.56 8.92 21.97
C PRO A 103 0.74 9.41 22.59
N GLY A 104 1.01 10.70 22.45
CA GLY A 104 2.24 11.26 22.98
C GLY A 104 3.40 11.05 22.04
N VAL A 105 3.49 11.89 21.01
CA VAL A 105 4.58 11.83 20.06
C VAL A 105 5.48 13.04 20.23
N VAL A 106 6.44 13.20 19.33
CA VAL A 106 7.30 14.38 19.34
C VAL A 106 6.97 15.27 18.14
N SER A 107 6.48 16.47 18.43
CA SER A 107 6.10 17.44 17.41
C SER A 107 4.81 17.01 16.68
N THR A 108 4.26 17.91 15.86
CA THR A 108 3.04 17.61 15.12
C THR A 108 3.34 16.68 13.95
N VAL A 109 4.62 16.55 13.64
CA VAL A 109 5.07 15.63 12.60
C VAL A 109 6.25 14.81 13.13
N VAL A 110 6.05 13.50 13.20
CA VAL A 110 7.04 12.62 13.78
C VAL A 110 7.42 11.51 12.80
N PRO A 111 8.72 11.35 12.52
CA PRO A 111 9.23 10.36 11.56
C PRO A 111 9.11 8.91 12.04
N ASP A 112 8.32 8.68 13.08
CA ASP A 112 8.04 7.31 13.53
C ASP A 112 6.72 6.85 12.92
N SER A 113 6.02 7.80 12.29
CA SER A 113 4.75 7.52 11.65
C SER A 113 4.95 6.50 10.52
N ALA A 114 4.02 5.56 10.43
CA ALA A 114 4.10 4.45 9.49
C ALA A 114 5.20 3.49 9.92
N HIS A 115 4.78 2.35 10.44
CA HIS A 115 5.70 1.35 10.97
C HIS A 115 5.94 0.25 9.95
N LYS A 116 5.89 0.61 8.66
CA LYS A 116 6.11 -0.34 7.59
C LYS A 116 7.52 -0.90 7.66
N LEU A 117 7.62 -2.19 7.41
CA LEU A 117 8.91 -2.88 7.43
C LEU A 117 9.37 -3.31 6.06
N PHE A 118 10.68 -3.24 5.85
CA PHE A 118 11.29 -3.62 4.59
C PHE A 118 11.96 -4.97 4.80
N ILE A 119 11.72 -5.92 3.90
CA ILE A 119 12.31 -7.23 4.00
C ILE A 119 13.03 -7.58 2.72
N GLY A 120 14.33 -7.85 2.81
CA GLY A 120 15.09 -8.18 1.63
C GLY A 120 15.85 -9.47 1.78
N GLY A 121 16.58 -9.85 0.74
CA GLY A 121 17.34 -11.08 0.78
C GLY A 121 16.46 -12.31 0.61
N LEU A 122 15.21 -12.06 0.27
CA LEU A 122 14.24 -13.13 0.08
C LEU A 122 14.54 -13.93 -1.19
N PRO A 123 14.48 -15.27 -1.13
CA PRO A 123 14.75 -16.12 -2.29
C PRO A 123 13.70 -15.81 -3.37
N ASN A 124 14.12 -15.80 -4.61
CA ASN A 124 13.22 -15.50 -5.72
C ASN A 124 12.12 -16.54 -5.94
N TYR A 125 12.23 -17.73 -5.34
CA TYR A 125 11.20 -18.76 -5.53
C TYR A 125 9.99 -18.63 -4.60
N LEU A 126 10.16 -17.98 -3.45
CA LEU A 126 9.03 -17.82 -2.51
C LEU A 126 7.92 -16.93 -3.11
N ASN A 127 6.68 -17.20 -2.71
CA ASN A 127 5.54 -16.41 -3.21
C ASN A 127 4.89 -15.63 -2.07
N ASP A 128 3.80 -14.93 -2.35
CA ASP A 128 3.10 -14.14 -1.34
C ASP A 128 2.72 -14.91 -0.08
N ASP A 129 1.94 -16.07 -0.23
CA ASP A 129 1.47 -16.96 0.89
C ASP A 129 2.66 -17.60 1.70
N GLN A 130 3.91 -17.79 1.02
CA GLN A 130 5.09 -18.30 1.71
C GLN A 130 5.78 -17.21 2.52
N VAL A 131 6.00 -16.07 1.89
CA VAL A 131 6.65 -14.94 2.55
C VAL A 131 5.81 -14.46 3.73
N LYS A 132 4.52 -14.26 3.47
CA LYS A 132 3.60 -13.80 4.50
C LYS A 132 3.63 -14.71 5.72
N GLU A 133 3.80 -16.00 5.50
CA GLU A 133 3.84 -16.96 6.60
C GLU A 133 5.02 -16.66 7.52
N LEU A 134 6.21 -16.57 6.94
CA LEU A 134 7.44 -16.29 7.67
C LEU A 134 7.26 -15.03 8.54
N LEU A 135 6.47 -14.08 8.05
CA LEU A 135 6.20 -12.83 8.77
C LEU A 135 5.10 -12.97 9.83
N THR A 136 4.05 -13.70 9.47
CA THR A 136 2.91 -13.92 10.36
C THR A 136 3.30 -14.56 11.67
N SER A 137 4.39 -15.42 11.72
CA SER A 137 4.86 -16.11 12.96
C SER A 137 5.09 -15.11 14.15
N PHE A 138 5.01 -13.70 13.90
CA PHE A 138 5.19 -12.74 14.97
C PHE A 138 3.89 -12.03 15.31
N GLY A 139 2.90 -12.21 14.44
CA GLY A 139 1.61 -11.59 14.65
C GLY A 139 0.92 -11.25 13.35
N PRO A 140 -0.41 -11.02 13.37
CA PRO A 140 -1.17 -10.69 12.17
C PRO A 140 -0.68 -9.42 11.48
N LEU A 141 -0.79 -9.40 10.15
CA LEU A 141 -0.35 -8.25 9.36
C LEU A 141 -1.54 -7.40 8.91
N LYS A 142 -1.33 -6.09 8.83
CA LYS A 142 -2.37 -5.18 8.42
C LYS A 142 -2.16 -4.79 6.95
N ALA A 143 -0.91 -4.91 6.39
CA ALA A 143 -0.58 -4.55 4.96
C ALA A 143 0.70 -5.28 4.55
N PHE A 144 0.64 -6.03 3.41
CA PHE A 144 1.80 -6.76 2.88
C PHE A 144 1.83 -6.75 1.35
N ASN A 145 3.01 -6.49 0.78
CA ASN A 145 3.16 -6.46 -0.67
C ASN A 145 4.53 -6.99 -1.10
N LEU A 146 4.53 -8.00 -1.97
CA LEU A 146 5.77 -8.60 -2.47
C LEU A 146 6.03 -8.04 -3.87
N VAL A 147 7.13 -7.34 -4.04
CA VAL A 147 7.45 -6.75 -5.34
C VAL A 147 7.93 -7.78 -6.37
N LYS A 148 7.22 -7.83 -7.49
CA LYS A 148 7.52 -8.75 -8.59
C LYS A 148 7.85 -7.95 -9.85
N ASP A 149 8.73 -8.47 -10.69
CA ASP A 149 9.11 -7.78 -11.92
C ASP A 149 7.90 -7.55 -12.81
N SER A 150 7.85 -6.38 -13.45
CA SER A 150 6.75 -6.00 -14.33
C SER A 150 6.42 -7.10 -15.35
N ALA A 151 7.39 -7.41 -16.20
CA ALA A 151 7.19 -8.44 -17.23
C ALA A 151 7.34 -9.85 -16.68
N THR A 152 8.55 -10.18 -16.22
CA THR A 152 8.83 -11.50 -15.66
C THR A 152 7.70 -11.98 -14.76
N GLY A 153 7.42 -11.22 -13.71
CA GLY A 153 6.35 -11.58 -12.79
C GLY A 153 6.82 -12.29 -11.54
N LEU A 154 8.11 -12.62 -11.46
CA LEU A 154 8.64 -13.30 -10.29
C LEU A 154 9.08 -12.31 -9.23
N SER A 155 9.34 -12.81 -8.02
CA SER A 155 9.76 -11.96 -6.92
C SER A 155 11.06 -11.22 -7.23
N LYS A 156 11.13 -9.98 -6.78
CA LYS A 156 12.31 -9.15 -7.01
C LYS A 156 13.33 -9.38 -5.89
N GLY A 157 12.89 -10.10 -4.87
CA GLY A 157 13.76 -10.39 -3.74
C GLY A 157 13.44 -9.60 -2.50
N TYR A 158 12.47 -8.68 -2.57
CA TYR A 158 12.12 -7.88 -1.39
C TYR A 158 10.62 -7.60 -1.28
N ALA A 159 10.15 -7.55 -0.04
CA ALA A 159 8.74 -7.29 0.22
C ALA A 159 8.53 -6.36 1.41
N PHE A 160 7.38 -5.68 1.41
CA PHE A 160 7.02 -4.75 2.48
C PHE A 160 5.85 -5.30 3.29
N CYS A 161 5.85 -5.00 4.59
CA CYS A 161 4.77 -5.48 5.46
C CYS A 161 4.62 -4.63 6.70
N GLU A 162 3.43 -4.65 7.29
CA GLU A 162 3.14 -3.88 8.50
C GLU A 162 2.17 -4.66 9.37
N TYR A 163 2.53 -4.86 10.64
CA TYR A 163 1.67 -5.60 11.58
C TYR A 163 0.58 -4.71 12.18
N VAL A 164 -0.42 -5.36 12.78
CA VAL A 164 -1.53 -4.64 13.40
C VAL A 164 -1.02 -3.96 14.67
N ASP A 165 -0.26 -4.71 15.47
CA ASP A 165 0.31 -4.20 16.71
C ASP A 165 1.76 -3.76 16.41
N ILE A 166 1.93 -2.44 16.28
CA ILE A 166 3.25 -1.86 15.98
C ILE A 166 4.40 -2.29 16.93
N ASN A 167 4.08 -2.49 18.20
CA ASN A 167 5.12 -2.91 19.16
C ASN A 167 5.78 -4.23 18.65
N VAL A 168 4.90 -5.06 18.11
CA VAL A 168 5.42 -6.34 17.59
C VAL A 168 6.40 -6.07 16.46
N THR A 169 6.27 -4.90 15.83
CA THR A 169 7.17 -4.52 14.73
C THR A 169 8.60 -4.62 15.20
N ASP A 170 8.90 -4.06 16.37
CA ASP A 170 10.28 -4.13 16.88
C ASP A 170 10.69 -5.58 17.14
N GLN A 171 9.78 -6.36 17.72
CA GLN A 171 10.09 -7.77 17.99
C GLN A 171 10.33 -8.57 16.71
N ALA A 172 9.61 -8.15 15.67
CA ALA A 172 9.73 -8.82 14.37
C ALA A 172 11.07 -8.58 13.70
N ILE A 173 11.63 -7.38 13.88
CA ILE A 173 12.91 -7.07 13.27
C ILE A 173 14.04 -7.88 13.90
N ALA A 174 14.11 -7.85 15.33
CA ALA A 174 15.14 -8.55 16.18
C ALA A 174 15.22 -10.09 15.90
N GLY A 175 14.02 -10.76 15.67
CA GLY A 175 13.99 -12.18 15.35
C GLY A 175 14.12 -12.56 13.89
N LEU A 176 13.78 -11.68 12.94
CA LEU A 176 13.88 -12.01 11.52
C LEU A 176 15.16 -11.51 10.87
N ASN A 177 15.52 -10.26 11.12
CA ASN A 177 16.73 -9.69 10.54
C ASN A 177 17.94 -10.60 10.75
N GLY A 178 18.66 -10.86 9.67
CA GLY A 178 19.84 -11.71 9.75
C GLY A 178 19.55 -13.19 9.52
N MET A 179 18.28 -13.57 9.63
CA MET A 179 17.88 -14.96 9.43
C MET A 179 18.44 -15.52 8.12
N GLN A 180 18.75 -16.82 8.12
CA GLN A 180 19.29 -17.46 6.93
C GLN A 180 18.20 -18.14 6.10
N LEU A 181 18.01 -17.63 4.89
CA LEU A 181 17.01 -18.16 3.96
C LEU A 181 17.72 -18.64 2.71
N GLY A 182 17.83 -19.95 2.55
CA GLY A 182 18.50 -20.49 1.37
C GLY A 182 19.98 -20.14 1.44
N ASP A 183 20.46 -19.39 0.46
CA ASP A 183 21.87 -18.99 0.44
C ASP A 183 21.99 -17.48 0.57
N LYS A 184 20.94 -16.87 1.14
CA LYS A 184 20.91 -15.43 1.34
C LYS A 184 20.68 -15.07 2.81
N LYS A 185 21.14 -13.88 3.20
CA LYS A 185 20.99 -13.42 4.57
C LYS A 185 19.84 -12.40 4.60
N LEU A 186 18.80 -12.73 5.34
CA LEU A 186 17.65 -11.86 5.46
C LEU A 186 17.97 -10.51 6.08
N LEU A 187 17.31 -9.50 5.57
CA LEU A 187 17.49 -8.13 6.05
C LEU A 187 16.14 -7.54 6.36
N VAL A 188 15.94 -6.98 7.56
CA VAL A 188 14.69 -6.39 7.97
C VAL A 188 14.95 -5.10 8.69
N GLN A 189 14.37 -3.98 8.26
CA GLN A 189 14.53 -2.69 8.86
C GLN A 189 13.29 -1.85 8.57
N ARG A 190 13.01 -0.86 9.41
CA ARG A 190 11.83 -0.02 9.16
C ARG A 190 12.00 0.61 7.76
N ALA A 191 11.04 0.36 6.89
CA ALA A 191 11.06 0.89 5.52
C ALA A 191 11.30 2.39 5.41
N SER A 192 11.23 3.10 6.52
CA SER A 192 11.45 4.55 6.49
C SER A 192 12.64 4.95 7.37
N VAL A 193 12.41 4.94 8.68
CA VAL A 193 13.44 5.27 9.68
C VAL A 193 13.63 6.78 9.80
N GLY A 194 13.41 7.30 11.00
CA GLY A 194 13.60 8.70 11.24
C GLY A 194 13.58 9.04 12.72
N ALA A 195 12.53 8.61 13.41
CA ALA A 195 12.41 8.87 14.83
C ALA A 195 12.79 7.65 15.65
N LYS A 196 14.03 7.62 16.10
CA LYS A 196 14.50 6.58 16.99
C LYS A 196 15.16 7.20 18.20
N ASN A 197 16.07 8.14 17.95
CA ASN A 197 16.74 8.86 19.02
C ASN A 197 16.60 10.37 18.79
N ALA A 198 15.99 10.72 17.67
CA ALA A 198 15.76 12.12 17.34
C ALA A 198 14.28 12.36 17.05
N ALA A 4 -7.73 15.24 -5.82
CA ALA A 4 -8.79 15.29 -4.78
C ALA A 4 -9.77 14.13 -4.92
N ARG A 5 -10.13 13.79 -6.16
CA ARG A 5 -11.11 12.73 -6.41
C ARG A 5 -10.55 11.68 -7.38
N ARG A 6 -9.37 11.15 -7.02
CA ARG A 6 -8.69 10.13 -7.83
C ARG A 6 -7.71 9.31 -6.99
N LEU A 7 -7.55 8.04 -7.36
CA LEU A 7 -6.65 7.16 -6.65
C LEU A 7 -5.88 6.26 -7.61
N TYR A 8 -4.63 6.00 -7.28
CA TYR A 8 -3.80 5.15 -8.10
C TYR A 8 -3.82 3.73 -7.54
N VAL A 9 -4.16 2.77 -8.37
CA VAL A 9 -4.22 1.38 -7.94
C VAL A 9 -3.35 0.52 -8.85
N GLY A 10 -2.16 0.18 -8.35
CA GLY A 10 -1.23 -0.65 -9.12
C GLY A 10 -1.31 -2.11 -8.74
N ASN A 11 -0.45 -2.89 -9.43
CA ASN A 11 -0.37 -4.39 -9.34
C ASN A 11 -1.79 -5.03 -9.46
N ILE A 12 -2.62 -4.47 -10.48
CA ILE A 12 -3.95 -4.95 -10.82
C ILE A 12 -3.87 -6.27 -11.59
N PRO A 13 -4.89 -7.14 -11.44
CA PRO A 13 -4.91 -8.43 -12.14
C PRO A 13 -4.81 -8.25 -13.65
N PHE A 14 -4.13 -9.17 -14.31
CA PHE A 14 -3.95 -9.09 -15.75
C PHE A 14 -5.26 -9.36 -16.50
N GLY A 15 -5.49 -8.59 -17.56
CA GLY A 15 -6.69 -8.74 -18.35
C GLY A 15 -7.95 -8.27 -17.67
N ILE A 16 -7.82 -7.65 -16.50
CA ILE A 16 -9.00 -7.17 -15.77
C ILE A 16 -9.66 -6.04 -16.54
N THR A 17 -10.99 -6.07 -16.61
CA THR A 17 -11.74 -5.05 -17.33
C THR A 17 -11.99 -3.84 -16.43
N GLU A 18 -12.16 -2.67 -17.04
CA GLU A 18 -12.41 -1.44 -16.28
C GLU A 18 -13.69 -1.58 -15.47
N GLU A 19 -14.72 -2.14 -16.09
CA GLU A 19 -16.01 -2.32 -15.41
C GLU A 19 -15.86 -3.23 -14.20
N ALA A 20 -15.11 -4.43 -14.32
CA ALA A 20 -14.89 -5.39 -13.19
C ALA A 20 -14.08 -4.74 -12.02
N MET A 21 -13.20 -3.66 -12.35
CA MET A 21 -12.52 -2.86 -11.37
C MET A 21 -13.48 -1.92 -10.64
N MET A 22 -14.49 -1.42 -11.34
CA MET A 22 -15.48 -0.50 -10.79
C MET A 22 -16.46 -1.23 -9.89
N ASP A 23 -17.07 -2.27 -10.44
CA ASP A 23 -18.03 -3.07 -9.70
C ASP A 23 -17.44 -3.59 -8.40
N PHE A 24 -16.13 -3.89 -8.39
CA PHE A 24 -15.49 -4.40 -7.18
C PHE A 24 -15.39 -3.31 -6.11
N PHE A 25 -14.80 -2.18 -6.46
CA PHE A 25 -14.66 -1.08 -5.51
C PHE A 25 -16.01 -0.57 -5.00
N ASN A 26 -16.95 -0.32 -5.91
CA ASN A 26 -18.27 0.17 -5.49
C ASN A 26 -18.89 -0.82 -4.49
N ALA A 27 -18.78 -2.19 -4.77
CA ALA A 27 -19.30 -3.26 -3.87
C ALA A 27 -18.48 -3.34 -2.53
N GLN A 28 -17.15 -2.83 -2.53
CA GLN A 28 -16.35 -2.79 -1.31
C GLN A 28 -16.76 -1.60 -0.44
N MET A 29 -17.06 -0.49 -1.09
CA MET A 29 -17.48 0.72 -0.41
C MET A 29 -18.82 0.54 0.28
N ARG A 30 -19.71 -0.21 -0.37
CA ARG A 30 -21.04 -0.46 0.18
C ARG A 30 -21.01 -1.48 1.31
N LEU A 31 -20.25 -2.57 1.14
CA LEU A 31 -20.18 -3.60 2.17
C LEU A 31 -19.57 -3.04 3.45
N GLY A 32 -18.59 -2.17 3.27
CA GLY A 32 -17.94 -1.55 4.40
C GLY A 32 -18.72 -0.38 4.99
N GLY A 33 -19.68 0.13 4.22
CA GLY A 33 -20.48 1.26 4.68
C GLY A 33 -19.65 2.53 4.75
N LEU A 34 -18.75 2.67 3.78
CA LEU A 34 -17.87 3.84 3.71
C LEU A 34 -18.45 4.96 2.83
N THR A 35 -19.67 4.80 2.35
CA THR A 35 -20.30 5.81 1.52
C THR A 35 -20.91 6.91 2.37
N GLN A 36 -20.84 8.16 1.89
CA GLN A 36 -21.39 9.29 2.63
C GLN A 36 -22.81 9.63 2.19
N ALA A 37 -23.19 9.16 1.01
CA ALA A 37 -24.53 9.42 0.48
C ALA A 37 -24.98 8.28 -0.42
N PRO A 38 -26.30 8.19 -0.72
CA PRO A 38 -26.82 7.13 -1.58
C PRO A 38 -26.18 7.19 -2.97
N GLY A 39 -25.94 6.03 -3.56
CA GLY A 39 -25.32 5.98 -4.87
C GLY A 39 -23.90 5.49 -4.83
N ASN A 40 -23.38 5.06 -5.98
CA ASN A 40 -22.01 4.55 -6.06
C ASN A 40 -20.98 5.68 -6.02
N PRO A 41 -19.90 5.53 -5.23
CA PRO A 41 -18.86 6.54 -5.11
C PRO A 41 -17.98 6.57 -6.36
N VAL A 42 -17.48 5.40 -6.76
CA VAL A 42 -16.63 5.28 -7.94
C VAL A 42 -17.42 5.53 -9.22
N LEU A 43 -17.24 6.73 -9.91
CA LEU A 43 -18.00 7.11 -11.18
C LEU A 43 -17.36 6.52 -12.50
N ALA A 44 -15.98 6.37 -12.53
CA ALA A 44 -15.18 5.77 -13.65
C ALA A 44 -13.85 5.18 -13.09
N VAL A 45 -13.20 4.29 -13.93
CA VAL A 45 -11.89 3.68 -13.70
C VAL A 45 -11.18 3.51 -15.03
N GLN A 46 -9.93 3.96 -15.10
CA GLN A 46 -9.13 3.85 -16.32
C GLN A 46 -7.97 2.89 -16.09
N ILE A 47 -7.84 1.88 -16.97
CA ILE A 47 -6.75 0.94 -16.79
C ILE A 47 -5.69 0.90 -17.87
N ASN A 48 -4.44 1.06 -17.43
CA ASN A 48 -3.28 1.03 -18.32
C ASN A 48 -2.76 -0.42 -18.18
N GLN A 49 -3.26 -1.28 -19.06
CA GLN A 49 -2.87 -2.70 -19.03
C GLN A 49 -1.37 -2.96 -18.98
N ASP A 50 -0.63 -2.46 -19.96
CA ASP A 50 0.81 -2.69 -19.99
C ASP A 50 1.51 -2.20 -18.72
N LYS A 51 1.21 -0.98 -18.30
CA LYS A 51 1.82 -0.41 -17.10
C LYS A 51 1.33 -1.12 -15.83
N ASN A 52 0.33 -1.98 -15.99
CA ASN A 52 -0.24 -2.73 -14.86
C ASN A 52 -0.87 -1.87 -13.76
N PHE A 53 -1.49 -0.77 -14.14
CA PHE A 53 -2.12 0.08 -13.13
C PHE A 53 -3.43 0.69 -13.62
N ALA A 54 -4.15 1.28 -12.68
CA ALA A 54 -5.43 1.90 -13.00
C ALA A 54 -5.68 3.09 -12.10
N PHE A 55 -6.58 3.98 -12.51
CA PHE A 55 -6.89 5.16 -11.71
C PHE A 55 -8.39 5.16 -11.42
N LEU A 56 -8.74 5.33 -10.15
CA LEU A 56 -10.13 5.36 -9.74
C LEU A 56 -10.64 6.79 -9.67
N GLU A 57 -11.84 7.02 -10.17
CA GLU A 57 -12.44 8.35 -10.16
C GLU A 57 -13.66 8.35 -9.26
N PHE A 58 -13.58 9.12 -8.17
CA PHE A 58 -14.68 9.21 -7.22
C PHE A 58 -15.51 10.49 -7.43
N ARG A 59 -16.69 10.50 -6.82
CA ARG A 59 -17.59 11.64 -6.93
C ARG A 59 -17.32 12.66 -5.83
N SER A 60 -16.77 12.21 -4.71
CA SER A 60 -16.47 13.10 -3.59
C SER A 60 -15.03 12.94 -3.12
N VAL A 61 -14.53 13.97 -2.42
CA VAL A 61 -13.18 13.96 -1.90
C VAL A 61 -13.02 13.05 -0.69
N ASP A 62 -14.01 13.08 0.20
CA ASP A 62 -13.97 12.25 1.40
C ASP A 62 -14.02 10.76 1.08
N GLU A 63 -14.87 10.37 0.12
CA GLU A 63 -14.99 8.97 -0.26
C GLU A 63 -13.68 8.45 -0.79
N THR A 64 -13.01 9.24 -1.64
CA THR A 64 -11.73 8.82 -2.21
C THR A 64 -10.79 8.46 -1.06
N THR A 65 -10.63 9.47 -0.05
CA THR A 65 -9.79 9.36 1.22
C THR A 65 -10.24 8.10 2.05
N GLN A 66 -11.58 7.65 1.89
CA GLN A 66 -12.06 6.44 2.56
C GLN A 66 -11.65 5.15 1.87
N ALA A 67 -11.57 5.18 0.55
CA ALA A 67 -11.19 3.98 -0.21
C ALA A 67 -9.73 3.58 0.01
N MET A 68 -8.96 4.53 0.52
CA MET A 68 -7.54 4.26 0.78
C MET A 68 -7.36 3.15 1.80
N ALA A 69 -8.39 2.88 2.58
CA ALA A 69 -8.32 1.83 3.60
C ALA A 69 -8.29 0.44 2.97
N PHE A 70 -8.49 0.37 1.66
CA PHE A 70 -8.46 -0.90 0.95
C PHE A 70 -7.09 -1.20 0.37
N ASP A 71 -6.08 -0.49 0.85
CA ASP A 71 -4.72 -0.69 0.36
C ASP A 71 -4.21 -2.06 0.75
N GLY A 72 -3.84 -2.86 -0.26
CA GLY A 72 -3.33 -4.20 0.00
C GLY A 72 -4.40 -5.28 -0.12
N ILE A 73 -5.65 -4.87 -0.32
CA ILE A 73 -6.75 -5.82 -0.45
C ILE A 73 -6.47 -6.85 -1.54
N ILE A 74 -6.87 -8.10 -1.30
CA ILE A 74 -6.66 -9.16 -2.27
C ILE A 74 -7.77 -9.19 -3.31
N PHE A 75 -7.38 -9.04 -4.58
CA PHE A 75 -8.34 -9.05 -5.68
C PHE A 75 -7.81 -9.92 -6.82
N GLN A 76 -8.43 -11.08 -7.00
CA GLN A 76 -8.03 -12.00 -8.05
C GLN A 76 -6.58 -12.46 -7.89
N GLY A 77 -6.19 -12.76 -6.65
CA GLY A 77 -4.84 -13.22 -6.38
C GLY A 77 -3.79 -12.13 -6.34
N GLN A 78 -4.16 -10.89 -6.66
CA GLN A 78 -3.20 -9.79 -6.66
C GLN A 78 -3.48 -8.80 -5.53
N SER A 79 -2.43 -8.46 -4.79
CA SER A 79 -2.54 -7.51 -3.68
C SER A 79 -2.46 -6.09 -4.24
N LEU A 80 -3.61 -5.46 -4.36
CA LEU A 80 -3.70 -4.10 -4.89
C LEU A 80 -2.95 -3.07 -4.08
N LYS A 81 -2.26 -2.18 -4.78
CA LYS A 81 -1.48 -1.11 -4.16
C LYS A 81 -2.22 0.20 -4.41
N ILE A 82 -2.79 0.78 -3.36
CA ILE A 82 -3.53 2.03 -3.49
C ILE A 82 -2.73 3.21 -2.96
N ARG A 83 -2.60 4.24 -3.80
CA ARG A 83 -1.88 5.45 -3.45
C ARG A 83 -2.60 6.66 -4.02
N ARG A 84 -2.16 7.84 -3.61
CA ARG A 84 -2.76 9.07 -4.10
C ARG A 84 -2.05 9.50 -5.38
N PRO A 85 -2.71 10.26 -6.26
CA PRO A 85 -2.10 10.71 -7.52
C PRO A 85 -0.82 11.50 -7.27
N HIS A 86 -0.13 11.86 -8.36
CA HIS A 86 1.11 12.62 -8.26
C HIS A 86 0.81 14.11 -8.10
N ASP A 87 -0.10 14.59 -8.95
CA ASP A 87 -0.73 15.90 -8.77
C ASP A 87 -1.84 15.79 -7.73
N TYR A 88 -2.45 16.91 -7.38
CA TYR A 88 -3.55 16.91 -6.43
C TYR A 88 -4.74 17.67 -7.00
N GLN A 89 -4.42 18.75 -7.73
CA GLN A 89 -5.42 19.57 -8.38
C GLN A 89 -4.93 19.99 -9.75
N PRO A 90 -5.84 20.26 -10.70
CA PRO A 90 -5.48 20.72 -12.05
C PRO A 90 -4.77 22.07 -12.03
N LEU A 91 -4.98 22.82 -10.96
CA LEU A 91 -4.31 24.10 -10.78
C LEU A 91 -3.00 23.88 -10.05
N PRO A 92 -1.96 24.64 -10.42
CA PRO A 92 -0.61 24.50 -9.84
C PRO A 92 -0.58 24.76 -8.33
N GLY A 93 -0.35 23.70 -7.57
CA GLY A 93 -0.24 23.83 -6.13
C GLY A 93 0.90 23.00 -5.58
N MET A 94 2.12 23.37 -5.93
CA MET A 94 3.30 22.65 -5.46
C MET A 94 4.08 23.49 -4.44
N SER A 95 4.53 24.66 -4.88
CA SER A 95 5.30 25.54 -4.04
C SER A 95 4.48 26.79 -3.71
N GLU A 96 3.72 27.26 -4.70
CA GLU A 96 2.90 28.45 -4.51
C GLU A 96 1.58 28.07 -3.87
N ASN A 97 1.48 28.31 -2.58
CA ASN A 97 0.27 28.04 -1.82
C ASN A 97 0.10 29.12 -0.76
N PRO A 98 -1.11 29.69 -0.65
CA PRO A 98 -1.40 30.81 0.27
C PRO A 98 -0.93 30.56 1.70
N SER A 99 0.17 31.21 2.06
CA SER A 99 0.71 31.16 3.42
C SER A 99 1.10 29.73 3.84
N VAL A 100 1.47 28.90 2.87
CA VAL A 100 1.80 27.51 3.14
C VAL A 100 3.03 27.37 4.05
N TYR A 101 2.80 26.92 5.27
CA TYR A 101 3.87 26.62 6.21
C TYR A 101 3.32 25.89 7.42
N VAL A 102 3.94 24.78 7.76
CA VAL A 102 3.55 23.99 8.92
C VAL A 102 4.62 24.07 10.01
N PRO A 103 4.20 24.07 11.28
CA PRO A 103 5.12 24.07 12.42
C PRO A 103 5.79 22.72 12.60
N GLY A 104 7.08 22.68 12.31
CA GLY A 104 7.81 21.43 12.36
C GLY A 104 7.83 20.74 11.02
N VAL A 105 8.89 20.97 10.26
CA VAL A 105 9.00 20.40 8.92
C VAL A 105 9.36 18.92 8.96
N VAL A 106 9.85 18.47 10.11
CA VAL A 106 10.15 17.06 10.31
C VAL A 106 9.10 16.45 11.22
N SER A 107 8.80 17.15 12.31
CA SER A 107 7.79 16.71 13.24
C SER A 107 6.64 17.71 13.23
N THR A 108 5.64 17.45 12.40
CA THR A 108 4.49 18.33 12.30
C THR A 108 3.43 17.93 13.33
N VAL A 109 3.63 16.74 13.91
CA VAL A 109 2.68 16.18 14.85
C VAL A 109 1.34 15.93 14.17
N VAL A 110 1.32 14.93 13.32
CA VAL A 110 0.12 14.58 12.58
C VAL A 110 -0.36 13.19 12.96
N PRO A 111 -1.61 12.83 12.62
CA PRO A 111 -2.16 11.50 12.87
C PRO A 111 -1.37 10.41 12.12
N ASP A 112 -0.68 10.82 11.08
CA ASP A 112 0.11 9.89 10.27
C ASP A 112 1.39 9.50 11.01
N SER A 113 1.38 8.30 11.57
CA SER A 113 2.55 7.74 12.23
C SER A 113 2.74 6.29 11.80
N ALA A 114 3.62 6.08 10.84
CA ALA A 114 3.76 4.79 10.21
C ALA A 114 4.70 3.87 10.97
N HIS A 115 4.48 2.59 10.78
CA HIS A 115 5.35 1.53 11.30
C HIS A 115 5.62 0.48 10.24
N LYS A 116 5.62 0.90 8.97
CA LYS A 116 5.86 -0.01 7.86
C LYS A 116 7.26 -0.60 7.97
N LEU A 117 7.35 -1.89 7.67
CA LEU A 117 8.61 -2.61 7.71
C LEU A 117 9.13 -2.98 6.33
N PHE A 118 10.44 -2.93 6.19
CA PHE A 118 11.09 -3.28 4.94
C PHE A 118 11.72 -4.65 5.11
N ILE A 119 11.50 -5.54 4.16
CA ILE A 119 12.05 -6.88 4.23
C ILE A 119 12.82 -7.18 2.95
N GLY A 120 14.11 -7.49 3.09
CA GLY A 120 14.92 -7.78 1.93
C GLY A 120 15.64 -9.10 2.05
N GLY A 121 16.40 -9.45 1.01
CA GLY A 121 17.14 -10.70 1.03
C GLY A 121 16.23 -11.89 0.77
N LEU A 122 15.00 -11.61 0.39
CA LEU A 122 14.02 -12.65 0.11
C LEU A 122 14.35 -13.38 -1.18
N PRO A 123 14.26 -14.73 -1.17
CA PRO A 123 14.56 -15.53 -2.37
C PRO A 123 13.56 -15.14 -3.47
N ASN A 124 14.04 -15.08 -4.70
CA ASN A 124 13.19 -14.72 -5.83
C ASN A 124 12.07 -15.71 -6.13
N TYR A 125 12.13 -16.94 -5.59
CA TYR A 125 11.09 -17.92 -5.88
C TYR A 125 9.85 -17.81 -4.99
N LEU A 126 9.97 -17.21 -3.81
CA LEU A 126 8.82 -17.07 -2.91
C LEU A 126 7.76 -16.14 -3.50
N ASN A 127 6.49 -16.38 -3.18
CA ASN A 127 5.40 -15.55 -3.69
C ASN A 127 4.72 -14.81 -2.54
N ASP A 128 3.65 -14.06 -2.82
CA ASP A 128 2.93 -13.30 -1.81
C ASP A 128 2.47 -14.11 -0.62
N ASP A 129 1.68 -15.25 -0.85
CA ASP A 129 1.13 -16.19 0.21
C ASP A 129 2.28 -16.89 1.03
N GLN A 130 3.55 -17.07 0.41
CA GLN A 130 4.70 -17.65 1.12
C GLN A 130 5.38 -16.62 2.01
N VAL A 131 5.65 -15.45 1.44
CA VAL A 131 6.29 -14.37 2.18
C VAL A 131 5.42 -13.92 3.34
N LYS A 132 4.14 -13.68 3.04
CA LYS A 132 3.18 -13.24 4.04
C LYS A 132 3.14 -14.20 5.23
N GLU A 133 3.29 -15.49 4.95
CA GLU A 133 3.27 -16.49 6.01
C GLU A 133 4.41 -16.27 6.99
N LEU A 134 5.63 -16.19 6.46
CA LEU A 134 6.82 -15.98 7.26
C LEU A 134 6.64 -14.76 8.19
N LEU A 135 5.89 -13.77 7.71
CA LEU A 135 5.62 -12.54 8.47
C LEU A 135 4.48 -12.70 9.47
N THR A 136 3.42 -13.38 9.03
CA THR A 136 2.25 -13.61 9.86
C THR A 136 2.56 -14.33 11.16
N SER A 137 3.64 -15.20 11.20
CA SER A 137 4.08 -15.96 12.40
C SER A 137 4.26 -15.04 13.67
N PHE A 138 4.19 -13.60 13.49
CA PHE A 138 4.34 -12.70 14.62
C PHE A 138 3.04 -11.98 14.93
N GLY A 139 2.09 -12.09 14.02
CA GLY A 139 0.81 -11.45 14.20
C GLY A 139 0.18 -11.04 12.88
N PRO A 140 -1.13 -10.78 12.87
CA PRO A 140 -1.84 -10.37 11.64
C PRO A 140 -1.29 -9.09 11.04
N LEU A 141 -1.33 -9.00 9.71
CA LEU A 141 -0.84 -7.83 8.98
C LEU A 141 -1.99 -6.93 8.53
N LYS A 142 -1.75 -5.62 8.52
CA LYS A 142 -2.75 -4.67 8.11
C LYS A 142 -2.47 -4.22 6.67
N ALA A 143 -1.19 -4.33 6.16
CA ALA A 143 -0.79 -3.92 4.77
C ALA A 143 0.49 -4.66 4.37
N PHE A 144 0.45 -5.37 3.20
CA PHE A 144 1.62 -6.09 2.70
C PHE A 144 1.71 -6.02 1.16
N ASN A 145 2.92 -5.76 0.66
CA ASN A 145 3.13 -5.66 -0.79
C ASN A 145 4.51 -6.21 -1.18
N LEU A 146 4.52 -7.19 -2.10
CA LEU A 146 5.78 -7.78 -2.57
C LEU A 146 6.10 -7.17 -3.92
N VAL A 147 7.23 -6.48 -4.03
CA VAL A 147 7.62 -5.85 -5.28
C VAL A 147 8.11 -6.84 -6.33
N LYS A 148 7.45 -6.82 -7.49
CA LYS A 148 7.79 -7.70 -8.61
C LYS A 148 8.18 -6.85 -9.82
N ASP A 149 9.09 -7.36 -10.64
CA ASP A 149 9.54 -6.62 -11.83
C ASP A 149 8.36 -6.31 -12.76
N SER A 150 8.38 -5.12 -13.34
CA SER A 150 7.32 -4.68 -14.25
C SER A 150 7.01 -5.71 -15.33
N ALA A 151 8.01 -6.01 -16.16
CA ALA A 151 7.83 -6.99 -17.24
C ALA A 151 7.92 -8.43 -16.75
N THR A 152 9.11 -8.80 -16.25
CA THR A 152 9.34 -10.16 -15.75
C THR A 152 8.16 -10.65 -14.91
N GLY A 153 7.84 -9.92 -13.84
CA GLY A 153 6.73 -10.31 -12.99
C GLY A 153 7.12 -11.09 -11.75
N LEU A 154 8.40 -11.44 -11.64
CA LEU A 154 8.87 -12.20 -10.47
C LEU A 154 9.28 -11.26 -9.35
N SER A 155 9.48 -11.83 -8.16
CA SER A 155 9.88 -11.04 -7.00
C SER A 155 11.20 -10.32 -7.23
N LYS A 156 11.29 -9.09 -6.71
CA LYS A 156 12.49 -8.29 -6.85
C LYS A 156 13.45 -8.60 -5.71
N GLY A 157 12.96 -9.35 -4.73
CA GLY A 157 13.76 -9.72 -3.59
C GLY A 157 13.41 -8.97 -2.32
N TYR A 158 12.47 -8.03 -2.38
CA TYR A 158 12.09 -7.28 -1.20
C TYR A 158 10.59 -6.97 -1.14
N ALA A 159 10.06 -6.94 0.09
CA ALA A 159 8.65 -6.68 0.30
C ALA A 159 8.41 -5.79 1.52
N PHE A 160 7.29 -5.09 1.51
CA PHE A 160 6.90 -4.21 2.60
C PHE A 160 5.68 -4.76 3.34
N CYS A 161 5.62 -4.51 4.64
CA CYS A 161 4.50 -5.01 5.44
C CYS A 161 4.32 -4.20 6.73
N GLU A 162 3.10 -4.23 7.25
CA GLU A 162 2.78 -3.52 8.48
C GLU A 162 1.76 -4.31 9.29
N TYR A 163 2.05 -4.57 10.56
CA TYR A 163 1.14 -5.32 11.42
C TYR A 163 0.05 -4.44 12.01
N VAL A 164 -0.99 -5.09 12.54
CA VAL A 164 -2.11 -4.37 13.15
C VAL A 164 -1.63 -3.76 14.47
N ASP A 165 -0.93 -4.57 15.26
CA ASP A 165 -0.40 -4.14 16.55
C ASP A 165 1.06 -3.71 16.33
N ILE A 166 1.27 -2.40 16.27
CA ILE A 166 2.61 -1.84 16.05
C ILE A 166 3.71 -2.34 17.02
N ASN A 167 3.33 -2.59 18.26
CA ASN A 167 4.32 -3.08 19.25
C ASN A 167 4.98 -4.39 18.70
N VAL A 168 4.10 -5.16 18.09
CA VAL A 168 4.61 -6.44 17.54
C VAL A 168 5.65 -6.14 16.47
N THR A 169 5.58 -4.94 15.89
CA THR A 169 6.52 -4.53 14.84
C THR A 169 7.93 -4.69 15.37
N ASP A 170 8.19 -4.19 16.58
CA ASP A 170 9.55 -4.32 17.15
C ASP A 170 9.91 -5.79 17.34
N GLN A 171 8.96 -6.57 17.85
CA GLN A 171 9.23 -8.00 18.06
C GLN A 171 9.51 -8.74 16.75
N ALA A 172 8.84 -8.26 15.72
CA ALA A 172 9.00 -8.87 14.39
C ALA A 172 10.38 -8.63 13.79
N ILE A 173 10.96 -7.46 14.05
CA ILE A 173 12.27 -7.15 13.51
C ILE A 173 13.35 -8.02 14.16
N ALA A 174 13.36 -8.05 15.57
CA ALA A 174 14.33 -8.82 16.44
C ALA A 174 14.39 -10.34 16.10
N GLY A 175 13.18 -10.98 15.77
CA GLY A 175 13.13 -12.38 15.39
C GLY A 175 13.32 -12.69 13.92
N LEU A 176 13.04 -11.77 13.00
CA LEU A 176 13.20 -12.03 11.57
C LEU A 176 14.51 -11.53 11.00
N ASN A 177 14.89 -10.31 11.33
CA ASN A 177 16.13 -9.74 10.83
C ASN A 177 17.31 -10.69 11.04
N GLY A 178 18.08 -10.92 9.99
CA GLY A 178 19.23 -11.80 10.07
C GLY A 178 18.92 -13.26 9.76
N MET A 179 17.63 -13.61 9.79
CA MET A 179 17.22 -14.99 9.51
C MET A 179 17.81 -15.50 8.20
N GLN A 180 18.09 -16.80 8.16
CA GLN A 180 18.68 -17.40 6.96
C GLN A 180 17.61 -18.01 6.05
N LEU A 181 17.48 -17.44 4.86
CA LEU A 181 16.50 -17.92 3.88
C LEU A 181 17.26 -18.35 2.63
N GLY A 182 17.33 -19.65 2.40
CA GLY A 182 18.05 -20.15 1.24
C GLY A 182 19.53 -19.84 1.38
N ASP A 183 20.07 -19.06 0.47
CA ASP A 183 21.49 -18.70 0.51
C ASP A 183 21.64 -17.19 0.73
N LYS A 184 20.58 -16.59 1.28
CA LYS A 184 20.57 -15.15 1.55
C LYS A 184 20.29 -14.85 3.02
N LYS A 185 20.76 -13.70 3.48
CA LYS A 185 20.55 -13.29 4.87
C LYS A 185 19.44 -12.26 4.89
N LEU A 186 18.36 -12.59 5.58
CA LEU A 186 17.21 -11.70 5.68
C LEU A 186 17.55 -10.40 6.39
N LEU A 187 16.94 -9.33 5.89
CA LEU A 187 17.13 -8.00 6.44
C LEU A 187 15.77 -7.39 6.73
N VAL A 188 15.54 -6.88 7.93
CA VAL A 188 14.29 -6.27 8.32
C VAL A 188 14.53 -5.03 9.11
N GLN A 189 14.01 -3.88 8.72
CA GLN A 189 14.16 -2.62 9.38
C GLN A 189 12.95 -1.73 9.07
N ARG A 190 12.67 -0.78 9.96
CA ARG A 190 11.52 0.09 9.68
C ARG A 190 11.77 0.79 8.34
N ALA A 191 10.84 0.60 7.40
CA ALA A 191 10.93 1.19 6.06
C ALA A 191 11.21 2.69 6.04
N SER A 192 11.11 3.36 7.17
CA SER A 192 11.37 4.80 7.23
C SER A 192 12.52 5.13 8.17
N VAL A 193 12.25 5.10 9.46
CA VAL A 193 13.28 5.39 10.44
C VAL A 193 12.83 5.00 11.84
N GLY A 194 13.72 4.33 12.57
CA GLY A 194 13.45 4.03 13.95
C GLY A 194 13.79 5.21 14.84
N ALA A 195 13.13 6.33 14.59
CA ALA A 195 13.44 7.59 15.23
C ALA A 195 13.19 7.55 16.73
N LYS A 196 14.28 7.47 17.48
CA LYS A 196 14.22 7.48 18.93
C LYS A 196 15.11 8.58 19.48
N ASN A 197 14.55 9.76 19.66
CA ASN A 197 15.32 10.89 20.15
C ASN A 197 14.92 11.20 21.59
N ALA A 198 15.86 11.00 22.51
CA ALA A 198 15.62 11.27 23.92
C ALA A 198 16.72 12.17 24.48
#